data_8DTH
#
_entry.id   8DTH
#
_cell.length_a   1.00
_cell.length_b   1.00
_cell.length_c   1.00
_cell.angle_alpha   90.00
_cell.angle_beta   90.00
_cell.angle_gamma   90.00
#
_symmetry.space_group_name_H-M   'P 1'
#
_entity_poly.entity_id   1
_entity_poly.type   'polypeptide(L)'
_entity_poly.pdbx_seq_one_letter_code
;MVGLEDDTERERSPVVENGFSNGSRSSSSSAGVLSPSRKVTQGNDTLSYANILRARNKFADALALYEAMLEKDSKNVEAH
IGKGICLQTQNKGNLAFDCFSEAIRLDPHNACALTHCGILHKEEGRLVEAAESYQKALMADASYKPAAECLAIVLTDLGT
SLKLAGNTQEGIQKYYEALKIDPHYAPAYYNLGVVYSEMMQYDNALSCYEKAALERPMYAEAYCNMGVIYKNRGDLEMAI
TCYERCLAVSPNFEIAKNNMAIALTDLGTKVKLEGDVTQGVAYYKKALYYNWHYADAMYNLGVAYGEMLKFDMAIVFYEL
AFHFNPHCAEACNNLGVLYKDRDNLDKAVECYQMALSIKPNFAQSLNNLGVVYTVQGKMDAAASMIEKAILANPTYAEAF
NNLGVLYRDAGNITMAIDAYEECLKIDPDSRNAGQNRLLAMNYINEGLDDKLFEAHRDWGWRFTRLHPQYTSWDNLKDPE
RPITIGYISPDFFTHSVSYFIEAPLTHHDYTKYKVVVYSAVVKADAKTYRFRDKVLKKGGVWKDIYGIDEKKIASMVRED
KIDILVELTGHTANNKLGTMACRPAPVQVTWIGYPNTTGLPTVDYRITDSLADPPDTKQKQVEELVRLPDCFLCYTPSPE
AGPVCPTPALSNGFVTFGSFNNLAKITPKVLQVWARILCAVPNSRLVVKCKPFCCDSIRQRFLTTLEQLGLESKRVDLLP
LILFNHDHMQAYSLMDISLDTFPYAGTTTTCESLYMGVPCVTMAGSVHAHNVGVSLLTKVGLGHLVAKNEDEYVQLSVDL
ASDVTALSKLRMSLRDLMAGSPVCNGPSFAVGLESAYRNMWKKYCKGEVPSLRRMEMLQKEVHDDPLISKDLGPSRVSVT
GEATPSLKANGSAPVPSSLPTQSPQLSKRMDSTSGGSENLYFQGGSHHHHHHHHHHGGWSHPQFEK
;
_entity_poly.pdbx_strand_id   A,B
#
# COMPACT_ATOMS: atom_id res chain seq x y z
N ALA A 111 48.19 11.49 41.09
CA ALA A 111 46.78 11.29 40.77
C ALA A 111 46.63 10.26 39.65
N CYS A 112 47.60 10.23 38.73
CA CYS A 112 47.56 9.27 37.64
C CYS A 112 47.69 7.84 38.16
N ALA A 113 48.68 7.59 39.02
CA ALA A 113 48.87 6.26 39.58
C ALA A 113 47.65 5.82 40.39
N LEU A 114 47.11 6.74 41.21
CA LEU A 114 45.92 6.41 41.97
C LEU A 114 44.74 6.08 41.06
N THR A 115 44.58 6.85 39.98
CA THR A 115 43.50 6.59 39.04
C THR A 115 43.65 5.21 38.40
N HIS A 116 44.85 4.87 37.97
CA HIS A 116 45.06 3.56 37.35
C HIS A 116 44.87 2.43 38.35
N CYS A 117 45.30 2.63 39.60
CA CYS A 117 45.03 1.65 40.64
C CYS A 117 43.53 1.46 40.85
N GLY A 118 42.77 2.56 40.89
CA GLY A 118 41.34 2.46 41.02
C GLY A 118 40.70 1.74 39.85
N ILE A 119 41.17 2.00 38.63
CA ILE A 119 40.64 1.31 37.46
C ILE A 119 40.91 -0.18 37.55
N LEU A 120 42.14 -0.55 37.91
CA LEU A 120 42.48 -1.96 38.04
C LEU A 120 41.62 -2.64 39.09
N HIS A 121 41.43 -1.99 40.24
CA HIS A 121 40.57 -2.54 41.27
C HIS A 121 39.13 -2.67 40.77
N LYS A 122 38.65 -1.68 40.02
CA LYS A 122 37.28 -1.71 39.51
C LYS A 122 37.08 -2.88 38.56
N GLU A 123 38.07 -3.15 37.71
CA GLU A 123 37.94 -4.24 36.74
C GLU A 123 37.68 -5.58 37.44
N GLU A 124 38.22 -5.74 38.65
CA GLU A 124 37.97 -6.95 39.43
C GLU A 124 36.67 -6.91 40.22
N GLY A 125 35.92 -5.81 40.14
CA GLY A 125 34.67 -5.67 40.86
C GLY A 125 34.81 -5.35 42.34
N ARG A 126 36.03 -5.13 42.82
CA ARG A 126 36.26 -4.75 44.22
C ARG A 126 36.16 -3.23 44.33
N LEU A 127 34.90 -2.76 44.26
CA LEU A 127 34.63 -1.34 44.06
C LEU A 127 35.05 -0.49 45.25
N VAL A 128 35.03 -1.03 46.47
CA VAL A 128 35.21 -0.20 47.66
C VAL A 128 36.59 0.45 47.66
N GLU A 129 37.64 -0.36 47.53
CA GLU A 129 39.00 0.20 47.55
C GLU A 129 39.23 1.12 46.38
N ALA A 130 38.69 0.78 45.21
CA ALA A 130 38.83 1.66 44.05
C ALA A 130 38.22 3.02 44.32
N ALA A 131 37.01 3.04 44.89
CA ALA A 131 36.37 4.30 45.23
C ALA A 131 37.20 5.09 46.24
N GLU A 132 37.74 4.41 47.25
CA GLU A 132 38.60 5.09 48.21
C GLU A 132 39.81 5.69 47.53
N SER A 133 40.42 4.95 46.60
CA SER A 133 41.57 5.46 45.87
C SER A 133 41.22 6.69 45.05
N TYR A 134 40.08 6.65 44.35
CA TYR A 134 39.67 7.82 43.58
C TYR A 134 39.40 9.02 44.48
N GLN A 135 38.77 8.78 45.64
CA GLN A 135 38.52 9.87 46.59
C GLN A 135 39.84 10.46 47.07
N LYS A 136 40.83 9.61 47.35
CA LYS A 136 42.16 10.11 47.70
C LYS A 136 42.75 10.94 46.58
N ALA A 137 42.57 10.49 45.33
CA ALA A 137 43.07 11.26 44.19
C ALA A 137 42.41 12.62 44.11
N LEU A 138 41.09 12.68 44.36
CA LEU A 138 40.40 13.97 44.36
C LEU A 138 40.92 14.85 45.48
N MET A 139 41.24 14.28 46.64
CA MET A 139 41.84 15.09 47.69
C MET A 139 43.21 15.59 47.29
N ALA A 140 43.97 14.80 46.52
CA ALA A 140 45.28 15.24 46.06
C ALA A 140 45.15 16.37 45.04
N ASP A 141 44.34 16.17 44.01
CA ASP A 141 44.10 17.18 42.98
C ASP A 141 42.62 17.15 42.64
N ALA A 142 41.86 18.08 43.21
CA ALA A 142 40.42 18.14 42.96
C ALA A 142 40.15 18.47 41.50
N SER A 143 40.81 19.50 40.97
CA SER A 143 40.60 19.92 39.59
C SER A 143 40.92 18.84 38.57
N TYR A 144 41.46 17.69 38.98
CA TYR A 144 41.76 16.61 38.05
C TYR A 144 40.44 15.99 37.60
N LYS A 145 39.85 16.60 36.57
CA LYS A 145 38.54 16.20 36.07
C LYS A 145 38.46 14.74 35.65
N PRO A 146 39.57 14.08 35.31
CA PRO A 146 39.46 12.64 35.01
C PRO A 146 39.25 11.80 36.26
N ALA A 147 39.90 12.18 37.37
CA ALA A 147 39.64 11.48 38.63
C ALA A 147 38.21 11.71 39.07
N ALA A 148 37.69 12.93 38.89
CA ALA A 148 36.30 13.22 39.22
C ALA A 148 35.35 12.37 38.37
N GLU A 149 35.63 12.29 37.07
CA GLU A 149 34.79 11.47 36.20
C GLU A 149 34.80 10.01 36.65
N CYS A 150 35.98 9.46 36.93
CA CYS A 150 36.05 8.06 37.34
C CYS A 150 35.35 7.86 38.69
N LEU A 151 35.47 8.81 39.60
CA LEU A 151 34.80 8.69 40.89
C LEU A 151 33.28 8.72 40.71
N ALA A 152 32.78 9.61 39.85
CA ALA A 152 31.35 9.63 39.56
C ALA A 152 30.89 8.32 38.94
N ILE A 153 31.70 7.76 38.03
CA ILE A 153 31.35 6.47 37.44
C ILE A 153 31.23 5.40 38.52
N VAL A 154 32.23 5.33 39.40
CA VAL A 154 32.21 4.30 40.43
C VAL A 154 31.04 4.52 41.38
N LEU A 155 30.74 5.77 41.71
CA LEU A 155 29.60 6.06 42.58
C LEU A 155 28.29 5.65 41.94
N THR A 156 28.16 5.87 40.63
CA THR A 156 26.95 5.46 39.93
C THR A 156 26.83 3.94 39.87
N ASP A 157 27.96 3.25 39.67
CA ASP A 157 27.93 1.79 39.70
C ASP A 157 27.50 1.29 41.07
N LEU A 158 28.02 1.89 42.13
CA LEU A 158 27.60 1.55 43.48
C LEU A 158 26.10 1.80 43.66
N GLY A 159 25.62 2.94 43.20
CA GLY A 159 24.19 3.22 43.29
C GLY A 159 23.35 2.21 42.54
N THR A 160 23.80 1.78 41.37
CA THR A 160 23.05 0.79 40.60
C THR A 160 23.04 -0.56 41.31
N SER A 161 24.18 -0.96 41.87
CA SER A 161 24.21 -2.19 42.66
C SER A 161 23.27 -2.11 43.84
N LEU A 162 23.26 -0.96 44.53
CA LEU A 162 22.37 -0.77 45.67
C LEU A 162 20.91 -0.85 45.24
N LYS A 163 20.58 -0.22 44.11
CA LYS A 163 19.23 -0.34 43.56
C LYS A 163 18.86 -1.80 43.33
N LEU A 164 19.76 -2.55 42.68
CA LEU A 164 19.48 -3.95 42.43
C LEU A 164 19.42 -4.75 43.72
N ALA A 165 20.14 -4.31 44.74
CA ALA A 165 20.07 -4.92 46.07
C ALA A 165 18.83 -4.49 46.85
N GLY A 166 18.03 -3.57 46.33
CA GLY A 166 16.86 -3.07 47.03
C GLY A 166 17.11 -1.86 47.89
N ASN A 167 18.34 -1.36 47.96
CA ASN A 167 18.67 -0.17 48.74
C ASN A 167 18.42 1.08 47.89
N THR A 168 17.16 1.23 47.49
CA THR A 168 16.80 2.27 46.51
C THR A 168 17.21 3.65 46.98
N GLN A 169 16.98 3.96 48.26
CA GLN A 169 17.34 5.28 48.75
C GLN A 169 18.86 5.47 48.77
N GLU A 170 19.59 4.41 49.11
CA GLU A 170 21.05 4.48 49.06
C GLU A 170 21.52 4.66 47.62
N GLY A 171 20.86 4.01 46.67
CA GLY A 171 21.14 4.27 45.27
C GLY A 171 20.91 5.72 44.89
N ILE A 172 19.79 6.29 45.34
CA ILE A 172 19.50 7.70 45.08
C ILE A 172 20.64 8.57 45.63
N GLN A 173 21.07 8.28 46.85
CA GLN A 173 22.14 9.05 47.46
C GLN A 173 23.44 8.93 46.66
N LYS A 174 23.75 7.73 46.19
CA LYS A 174 24.97 7.53 45.41
C LYS A 174 24.89 8.27 44.07
N TYR A 175 23.70 8.29 43.46
CA TYR A 175 23.54 9.03 42.22
C TYR A 175 23.70 10.53 42.45
N TYR A 176 23.16 11.04 43.55
CA TYR A 176 23.34 12.46 43.86
C TYR A 176 24.80 12.78 44.16
N GLU A 177 25.51 11.87 44.82
CA GLU A 177 26.93 12.05 45.04
C GLU A 177 27.68 12.10 43.71
N ALA A 178 27.38 11.16 42.82
CA ALA A 178 28.01 11.15 41.50
C ALA A 178 27.76 12.46 40.76
N LEU A 179 26.51 12.94 40.78
CA LEU A 179 26.21 14.19 40.09
C LEU A 179 26.85 15.38 40.77
N LYS A 180 27.14 15.29 42.06
CA LYS A 180 27.93 16.34 42.72
C LYS A 180 29.38 16.27 42.27
N ILE A 181 29.88 15.07 41.96
CA ILE A 181 31.25 14.93 41.49
C ILE A 181 31.35 15.31 40.01
N ASP A 182 30.52 14.71 39.17
CA ASP A 182 30.52 14.98 37.72
C ASP A 182 29.10 15.09 37.21
N PRO A 183 28.49 16.27 37.35
CA PRO A 183 27.15 16.48 36.77
C PRO A 183 27.02 15.98 35.33
N HIS A 184 28.05 16.22 34.51
CA HIS A 184 28.03 15.79 33.11
C HIS A 184 27.74 14.30 32.94
N TYR A 185 27.87 13.50 34.00
CA TYR A 185 27.65 12.07 33.87
C TYR A 185 26.17 11.76 33.66
N ALA A 186 25.75 11.76 32.40
CA ALA A 186 24.35 11.52 32.06
C ALA A 186 23.77 10.24 32.65
N PRO A 187 24.48 9.11 32.70
CA PRO A 187 23.83 7.89 33.21
C PRO A 187 23.29 8.02 34.62
N ALA A 188 23.89 8.87 35.45
CA ALA A 188 23.32 9.11 36.78
C ALA A 188 21.97 9.78 36.67
N TYR A 189 21.83 10.76 35.77
CA TYR A 189 20.53 11.35 35.51
C TYR A 189 19.55 10.31 34.99
N TYR A 190 20.01 9.42 34.11
CA TYR A 190 19.15 8.37 33.58
C TYR A 190 18.60 7.51 34.72
N ASN A 191 19.49 7.08 35.62
CA ASN A 191 19.06 6.22 36.72
C ASN A 191 18.14 6.96 37.68
N LEU A 192 18.42 8.24 37.94
CA LEU A 192 17.52 9.05 38.75
C LEU A 192 16.14 9.14 38.10
N GLY A 193 16.10 9.33 36.78
CA GLY A 193 14.82 9.34 36.09
C GLY A 193 14.08 8.02 36.22
N VAL A 194 14.82 6.91 36.14
CA VAL A 194 14.19 5.60 36.33
C VAL A 194 13.58 5.52 37.72
N VAL A 195 14.33 5.93 38.74
CA VAL A 195 13.84 5.89 40.11
C VAL A 195 12.59 6.76 40.24
N TYR A 196 12.62 7.96 39.67
CA TYR A 196 11.45 8.83 39.73
C TYR A 196 10.25 8.20 39.03
N SER A 197 10.50 7.48 37.94
CA SER A 197 9.41 6.83 37.22
C SER A 197 8.78 5.71 38.04
N GLU A 198 9.61 4.88 38.69
CA GLU A 198 9.05 3.78 39.47
C GLU A 198 8.20 4.28 40.62
N MET A 199 8.62 5.36 41.28
CA MET A 199 7.78 5.99 42.30
C MET A 199 6.76 6.97 41.71
N MET A 200 6.57 6.96 40.39
CA MET A 200 5.57 7.78 39.69
C MET A 200 5.82 9.27 39.80
N GLN A 201 7.05 9.71 40.10
CA GLN A 201 7.36 11.15 40.04
C GLN A 201 7.71 11.51 38.60
N TYR A 202 6.69 11.49 37.76
CA TYR A 202 6.90 11.55 36.31
C TYR A 202 7.53 12.86 35.89
N ASP A 203 7.22 13.96 36.56
CA ASP A 203 7.82 15.24 36.18
C ASP A 203 9.31 15.25 36.49
N ASN A 204 9.69 14.74 37.66
CA ASN A 204 11.11 14.63 37.97
C ASN A 204 11.81 13.68 37.02
N ALA A 205 11.16 12.57 36.68
CA ALA A 205 11.76 11.61 35.76
C ALA A 205 12.00 12.24 34.39
N LEU A 206 10.98 12.90 33.84
CA LEU A 206 11.14 13.54 32.53
C LEU A 206 12.21 14.62 32.58
N SER A 207 12.23 15.43 33.64
CA SER A 207 13.27 16.45 33.74
C SER A 207 14.66 15.83 33.76
N CYS A 208 14.82 14.74 34.51
CA CYS A 208 16.11 14.07 34.55
C CYS A 208 16.49 13.52 33.18
N TYR A 209 15.53 12.92 32.48
CA TYR A 209 15.83 12.38 31.15
C TYR A 209 16.20 13.49 30.18
N GLU A 210 15.50 14.62 30.26
CA GLU A 210 15.82 15.76 29.40
C GLU A 210 17.22 16.28 29.66
N LYS A 211 17.58 16.43 30.94
CA LYS A 211 18.94 16.88 31.25
C LYS A 211 19.98 15.88 30.79
N ALA A 212 19.73 14.58 30.99
CA ALA A 212 20.64 13.56 30.50
C ALA A 212 20.80 13.65 28.99
N ALA A 213 19.69 13.89 28.28
CA ALA A 213 19.75 14.02 26.83
C ALA A 213 20.50 15.28 26.42
N LEU A 214 20.44 16.32 27.24
CA LEU A 214 21.25 17.50 26.99
C LEU A 214 22.73 17.17 27.12
N GLU A 215 23.10 16.47 28.19
CA GLU A 215 24.50 16.10 28.39
C GLU A 215 24.92 15.05 27.36
N ARG A 216 24.09 14.03 27.16
CA ARG A 216 24.36 12.96 26.20
C ARG A 216 23.16 12.86 25.28
N PRO A 217 23.21 13.44 24.07
CA PRO A 217 22.05 13.38 23.18
C PRO A 217 21.96 12.09 22.36
N MET A 218 22.97 11.24 22.37
CA MET A 218 22.93 9.98 21.64
C MET A 218 22.51 8.79 22.49
N TYR A 219 22.22 8.99 23.78
CA TYR A 219 21.84 7.91 24.67
C TYR A 219 20.36 7.61 24.39
N ALA A 220 20.15 6.80 23.34
CA ALA A 220 18.80 6.47 22.88
C ALA A 220 17.90 5.92 23.97
N GLU A 221 18.42 5.06 24.85
CA GLU A 221 17.54 4.38 25.80
C GLU A 221 16.77 5.38 26.65
N ALA A 222 17.37 6.53 26.97
CA ALA A 222 16.63 7.56 27.67
C ALA A 222 15.46 8.05 26.83
N TYR A 223 15.68 8.24 25.53
CA TYR A 223 14.59 8.69 24.66
C TYR A 223 13.45 7.67 24.67
N CYS A 224 13.80 6.39 24.57
CA CYS A 224 12.80 5.33 24.62
C CYS A 224 12.02 5.37 25.92
N ASN A 225 12.71 5.52 27.04
CA ASN A 225 12.02 5.52 28.33
C ASN A 225 11.10 6.72 28.48
N MET A 226 11.56 7.89 28.01
CA MET A 226 10.66 9.05 28.00
C MET A 226 9.43 8.79 27.15
N GLY A 227 9.63 8.20 25.97
CA GLY A 227 8.48 7.90 25.12
C GLY A 227 7.50 6.96 25.79
N VAL A 228 8.02 5.93 26.46
CA VAL A 228 7.14 4.98 27.14
C VAL A 228 6.37 5.68 28.25
N ILE A 229 7.05 6.49 29.04
CA ILE A 229 6.38 7.16 30.15
C ILE A 229 5.27 8.06 29.63
N TYR A 230 5.60 8.88 28.61
CA TYR A 230 4.59 9.77 28.05
C TYR A 230 3.43 9.00 27.46
N LYS A 231 3.71 7.88 26.78
CA LYS A 231 2.66 7.05 26.24
C LYS A 231 1.72 6.57 27.35
N ASN A 232 2.29 6.18 28.48
CA ASN A 232 1.45 5.75 29.59
C ASN A 232 0.59 6.88 30.13
N ARG A 233 0.94 8.13 29.84
CA ARG A 233 0.12 9.27 30.21
C ARG A 233 -0.84 9.70 29.10
N GLY A 234 -0.87 8.99 27.98
CA GLY A 234 -1.78 9.31 26.90
C GLY A 234 -1.32 10.39 25.95
N ASP A 235 -0.10 10.89 26.09
CA ASP A 235 0.45 11.88 25.16
C ASP A 235 1.12 11.12 24.02
N LEU A 236 0.28 10.67 23.07
CA LEU A 236 0.79 9.81 22.00
C LEU A 236 1.69 10.57 21.04
N GLU A 237 1.35 11.82 20.72
CA GLU A 237 2.14 12.56 19.75
C GLU A 237 3.54 12.86 20.29
N MET A 238 3.62 13.28 21.56
CA MET A 238 4.92 13.53 22.16
C MET A 238 5.75 12.26 22.21
N ALA A 239 5.18 11.19 22.77
CA ALA A 239 5.89 9.90 22.80
C ALA A 239 6.40 9.51 21.42
N ILE A 240 5.55 9.68 20.40
CA ILE A 240 5.97 9.37 19.03
C ILE A 240 7.18 10.19 18.64
N THR A 241 7.15 11.49 18.93
CA THR A 241 8.32 12.33 18.61
C THR A 241 9.56 11.83 19.35
N CYS A 242 9.40 11.42 20.61
CA CYS A 242 10.54 10.93 21.38
C CYS A 242 11.12 9.68 20.74
N TYR A 243 10.25 8.76 20.31
CA TYR A 243 10.73 7.56 19.63
C TYR A 243 11.36 7.89 18.29
N GLU A 244 10.82 8.87 17.58
CA GLU A 244 11.38 9.26 16.29
C GLU A 244 12.80 9.78 16.45
N ARG A 245 13.01 10.65 17.44
CA ARG A 245 14.37 11.13 17.71
C ARG A 245 15.27 10.00 18.21
N CYS A 246 14.72 9.09 19.01
CA CYS A 246 15.47 7.91 19.43
C CYS A 246 15.98 7.14 18.21
N LEU A 247 15.11 6.90 17.24
CA LEU A 247 15.50 6.15 16.05
C LEU A 247 16.39 6.96 15.12
N ALA A 248 16.30 8.29 15.18
CA ALA A 248 17.28 9.12 14.50
C ALA A 248 18.66 8.92 15.10
N VAL A 249 18.73 8.66 16.41
CA VAL A 249 20.00 8.37 17.04
C VAL A 249 20.45 6.95 16.73
N SER A 250 19.52 6.01 16.71
CA SER A 250 19.83 4.59 16.48
C SER A 250 18.65 3.94 15.77
N PRO A 251 18.78 3.51 14.53
CA PRO A 251 17.60 3.02 13.79
C PRO A 251 17.35 1.52 13.88
N ASN A 252 18.11 0.78 14.70
CA ASN A 252 17.96 -0.65 14.84
C ASN A 252 17.44 -1.08 16.20
N PHE A 253 17.39 -0.16 17.16
CA PHE A 253 16.95 -0.48 18.51
C PHE A 253 15.55 -1.07 18.47
N GLU A 254 15.43 -2.36 18.79
CA GLU A 254 14.16 -3.07 18.63
C GLU A 254 13.06 -2.45 19.47
N ILE A 255 13.20 -2.52 20.81
CA ILE A 255 12.12 -2.11 21.70
C ILE A 255 11.55 -0.76 21.28
N ALA A 256 12.42 0.14 20.81
CA ALA A 256 11.93 1.45 20.40
C ALA A 256 11.08 1.35 19.14
N LYS A 257 11.47 0.48 18.20
CA LYS A 257 10.64 0.25 17.03
C LYS A 257 9.28 -0.31 17.43
N ASN A 258 9.26 -1.28 18.34
CA ASN A 258 8.01 -1.88 18.77
C ASN A 258 7.11 -0.83 19.42
N ASN A 259 7.67 -0.04 20.34
CA ASN A 259 6.85 0.98 21.01
C ASN A 259 6.39 2.05 20.03
N MET A 260 7.21 2.38 19.03
CA MET A 260 6.77 3.30 18.00
C MET A 260 5.59 2.72 17.23
N ALA A 261 5.64 1.44 16.90
CA ALA A 261 4.53 0.82 16.20
C ALA A 261 3.27 0.84 17.04
N ILE A 262 3.39 0.53 18.33
CA ILE A 262 2.22 0.55 19.22
C ILE A 262 1.62 1.95 19.26
N ALA A 263 2.46 2.96 19.49
CA ALA A 263 1.97 4.32 19.58
C ALA A 263 1.34 4.77 18.26
N LEU A 264 1.94 4.39 17.14
CA LEU A 264 1.37 4.76 15.84
C LEU A 264 0.01 4.11 15.63
N THR A 265 -0.16 2.87 16.09
CA THR A 265 -1.46 2.22 15.94
C THR A 265 -2.51 2.87 16.83
N ASP A 266 -2.15 3.19 18.07
CA ASP A 266 -3.09 3.89 18.94
C ASP A 266 -3.46 5.24 18.36
N LEU A 267 -2.48 5.98 17.83
CA LEU A 267 -2.76 7.28 17.23
C LEU A 267 -3.66 7.14 16.01
N GLY A 268 -3.38 6.16 15.16
CA GLY A 268 -4.23 5.94 14.00
C GLY A 268 -5.67 5.63 14.39
N THR A 269 -5.85 4.84 15.45
CA THR A 269 -7.21 4.56 15.91
C THR A 269 -7.88 5.82 16.44
N LYS A 270 -7.16 6.59 17.25
CA LYS A 270 -7.69 7.84 17.77
C LYS A 270 -8.12 8.76 16.63
N VAL A 271 -7.25 8.94 15.63
CA VAL A 271 -7.57 9.82 14.52
C VAL A 271 -8.74 9.29 13.70
N LYS A 272 -8.79 7.96 13.49
CA LYS A 272 -9.89 7.40 12.72
C LYS A 272 -11.23 7.63 13.40
N LEU A 273 -11.31 7.42 14.71
CA LEU A 273 -12.59 7.64 15.38
C LEU A 273 -13.02 9.09 15.29
N GLU A 274 -12.11 10.01 14.95
CA GLU A 274 -12.48 11.39 14.68
C GLU A 274 -12.96 11.60 13.25
N GLY A 275 -12.88 10.58 12.39
CA GLY A 275 -13.43 10.65 11.06
C GLY A 275 -12.41 10.68 9.94
N ASP A 276 -11.11 10.81 10.26
CA ASP A 276 -10.06 10.84 9.25
C ASP A 276 -9.56 9.41 9.03
N VAL A 277 -10.36 8.63 8.31
CA VAL A 277 -10.00 7.24 8.02
C VAL A 277 -8.69 7.17 7.24
N THR A 278 -8.45 8.13 6.35
CA THR A 278 -7.25 8.06 5.51
C THR A 278 -5.98 8.23 6.33
N GLN A 279 -6.00 9.18 7.27
CA GLN A 279 -4.82 9.38 8.12
C GLN A 279 -4.63 8.18 9.05
N GLY A 280 -5.72 7.60 9.54
CA GLY A 280 -5.62 6.37 10.29
C GLY A 280 -4.95 5.26 9.50
N VAL A 281 -5.37 5.06 8.25
CA VAL A 281 -4.74 4.04 7.42
C VAL A 281 -3.27 4.33 7.22
N ALA A 282 -2.92 5.61 7.01
CA ALA A 282 -1.51 5.96 6.85
C ALA A 282 -0.72 5.64 8.10
N TYR A 283 -1.28 5.92 9.28
CA TYR A 283 -0.59 5.61 10.52
C TYR A 283 -0.42 4.11 10.69
N TYR A 284 -1.45 3.33 10.36
CA TYR A 284 -1.30 1.87 10.45
C TYR A 284 -0.23 1.37 9.51
N LYS A 285 -0.16 1.93 8.30
CA LYS A 285 0.89 1.52 7.37
C LYS A 285 2.27 1.86 7.91
N LYS A 286 2.43 3.04 8.51
CA LYS A 286 3.71 3.38 9.12
C LYS A 286 4.03 2.44 10.28
N ALA A 287 3.01 2.07 11.05
CA ALA A 287 3.20 1.12 12.13
C ALA A 287 3.74 -0.21 11.61
N LEU A 288 3.16 -0.70 10.50
CA LEU A 288 3.70 -1.89 9.90
C LEU A 288 5.08 -1.68 9.32
N TYR A 289 5.44 -0.43 9.00
CA TYR A 289 6.81 -0.15 8.63
C TYR A 289 7.75 -0.34 9.81
N TYR A 290 7.34 0.08 11.02
CA TYR A 290 8.20 -0.13 12.17
C TYR A 290 8.08 -1.53 12.76
N ASN A 291 7.05 -2.28 12.39
CA ASN A 291 6.88 -3.63 12.89
C ASN A 291 5.96 -4.33 11.89
N TRP A 292 6.56 -5.07 10.95
CA TRP A 292 5.73 -5.64 9.89
C TRP A 292 4.85 -6.78 10.37
N HIS A 293 5.07 -7.30 11.57
CA HIS A 293 4.20 -8.34 12.10
C HIS A 293 3.53 -7.89 13.39
N TYR A 294 2.96 -6.69 13.38
CA TYR A 294 2.15 -6.19 14.48
C TYR A 294 0.69 -6.49 14.15
N ALA A 295 0.13 -7.50 14.83
CA ALA A 295 -1.23 -7.93 14.51
C ALA A 295 -2.24 -6.81 14.64
N ASP A 296 -2.13 -5.99 15.70
CA ASP A 296 -3.11 -4.92 15.89
C ASP A 296 -3.18 -4.03 14.65
N ALA A 297 -2.02 -3.59 14.15
CA ALA A 297 -2.00 -2.76 12.96
C ALA A 297 -2.72 -3.44 11.80
N MET A 298 -2.38 -4.70 11.54
CA MET A 298 -3.03 -5.44 10.44
C MET A 298 -4.54 -5.49 10.61
N TYR A 299 -5.01 -5.85 11.81
CA TYR A 299 -6.45 -5.94 12.05
C TYR A 299 -7.12 -4.58 11.86
N ASN A 300 -6.50 -3.51 12.36
CA ASN A 300 -7.05 -2.18 12.20
C ASN A 300 -7.14 -1.82 10.72
N LEU A 301 -6.08 -2.13 9.96
CA LEU A 301 -6.10 -1.87 8.53
C LEU A 301 -7.23 -2.65 7.87
N GLY A 302 -7.33 -3.93 8.20
CA GLY A 302 -8.42 -4.74 7.67
C GLY A 302 -9.78 -4.11 7.87
N VAL A 303 -10.04 -3.60 9.07
CA VAL A 303 -11.35 -3.03 9.33
C VAL A 303 -11.51 -1.69 8.63
N ALA A 304 -10.44 -0.88 8.57
CA ALA A 304 -10.54 0.38 7.86
C ALA A 304 -10.84 0.13 6.37
N TYR A 305 -10.09 -0.77 5.75
CA TYR A 305 -10.31 -1.13 4.36
C TYR A 305 -11.71 -1.68 4.14
N GLY A 306 -12.20 -2.52 5.06
CA GLY A 306 -13.54 -3.04 4.92
C GLY A 306 -14.56 -1.94 4.96
N GLU A 307 -14.34 -0.95 5.82
CA GLU A 307 -15.26 0.18 5.92
C GLU A 307 -15.28 1.02 4.64
N MET A 308 -14.20 1.00 3.86
CA MET A 308 -14.12 1.79 2.63
C MET A 308 -14.31 0.95 1.37
N LEU A 309 -15.27 0.03 1.37
CA LEU A 309 -15.58 -0.81 0.23
C LEU A 309 -14.34 -1.36 -0.48
N LYS A 310 -13.51 -2.06 0.29
CA LYS A 310 -12.33 -2.74 -0.26
C LYS A 310 -12.29 -4.06 0.50
N PHE A 311 -13.07 -5.02 0.02
CA PHE A 311 -13.23 -6.29 0.70
C PHE A 311 -12.08 -7.26 0.47
N ASP A 312 -11.53 -7.33 -0.74
CA ASP A 312 -10.42 -8.26 -0.97
C ASP A 312 -9.26 -7.96 -0.04
N MET A 313 -8.78 -6.72 -0.05
CA MET A 313 -7.71 -6.32 0.85
C MET A 313 -8.12 -6.55 2.30
N ALA A 314 -9.34 -6.16 2.66
CA ALA A 314 -9.82 -6.37 4.02
C ALA A 314 -9.64 -7.82 4.44
N ILE A 315 -10.09 -8.74 3.58
CA ILE A 315 -9.92 -10.17 3.86
C ILE A 315 -8.46 -10.52 4.05
N VAL A 316 -7.60 -10.11 3.11
CA VAL A 316 -6.19 -10.45 3.24
C VAL A 316 -5.64 -9.95 4.57
N PHE A 317 -6.11 -8.79 5.02
CA PHE A 317 -5.59 -8.21 6.24
C PHE A 317 -6.10 -8.96 7.47
N TYR A 318 -7.39 -9.27 7.50
CA TYR A 318 -7.91 -10.07 8.59
C TYR A 318 -7.21 -11.42 8.67
N GLU A 319 -6.96 -12.05 7.53
CA GLU A 319 -6.24 -13.31 7.52
C GLU A 319 -4.83 -13.16 8.08
N LEU A 320 -4.14 -12.10 7.69
CA LEU A 320 -2.80 -11.86 8.24
C LEU A 320 -2.86 -11.61 9.74
N ALA A 321 -3.82 -10.79 10.17
CA ALA A 321 -3.98 -10.51 11.60
C ALA A 321 -4.20 -11.79 12.38
N PHE A 322 -5.02 -12.69 11.86
CA PHE A 322 -5.21 -13.97 12.54
C PHE A 322 -3.95 -14.81 12.50
N HIS A 323 -3.22 -14.76 11.38
CA HIS A 323 -1.99 -15.53 11.26
C HIS A 323 -0.98 -15.15 12.33
N PHE A 324 -0.70 -13.85 12.46
CA PHE A 324 0.31 -13.41 13.42
C PHE A 324 -0.21 -13.45 14.86
N ASN A 325 -1.49 -13.15 15.07
CA ASN A 325 -2.10 -13.21 16.40
C ASN A 325 -3.25 -14.19 16.34
N PRO A 326 -3.01 -15.47 16.64
CA PRO A 326 -4.09 -16.45 16.60
C PRO A 326 -5.27 -16.11 17.50
N HIS A 327 -5.08 -15.34 18.57
CA HIS A 327 -6.14 -15.06 19.51
C HIS A 327 -6.91 -13.78 19.19
N CYS A 328 -6.90 -13.33 17.95
CA CYS A 328 -7.67 -12.16 17.53
C CYS A 328 -9.07 -12.57 17.10
N ALA A 329 -9.82 -13.14 18.05
CA ALA A 329 -11.19 -13.59 17.76
C ALA A 329 -11.98 -12.53 17.00
N GLU A 330 -11.74 -11.26 17.28
CA GLU A 330 -12.43 -10.20 16.56
C GLU A 330 -12.18 -10.31 15.06
N ALA A 331 -10.94 -10.57 14.68
CA ALA A 331 -10.63 -10.70 13.26
C ALA A 331 -11.37 -11.87 12.64
N CYS A 332 -11.44 -13.01 13.33
CA CYS A 332 -12.19 -14.14 12.81
C CYS A 332 -13.65 -13.78 12.60
N ASN A 333 -14.26 -13.14 13.60
CA ASN A 333 -15.66 -12.71 13.46
C ASN A 333 -15.84 -11.82 12.24
N ASN A 334 -15.02 -10.77 12.12
CA ASN A 334 -15.15 -9.86 10.99
C ASN A 334 -14.97 -10.59 9.67
N LEU A 335 -13.97 -11.47 9.60
CA LEU A 335 -13.71 -12.21 8.38
C LEU A 335 -14.89 -13.08 8.00
N GLY A 336 -15.49 -13.75 8.98
CA GLY A 336 -16.67 -14.54 8.71
C GLY A 336 -17.81 -13.69 8.18
N VAL A 337 -17.99 -12.49 8.72
CA VAL A 337 -19.03 -11.59 8.21
C VAL A 337 -18.75 -11.26 6.76
N LEU A 338 -17.50 -10.92 6.44
CA LEU A 338 -17.17 -10.54 5.07
C LEU A 338 -17.41 -11.70 4.10
N TYR A 339 -17.06 -12.92 4.50
CA TYR A 339 -17.34 -14.06 3.62
C TYR A 339 -18.84 -14.32 3.51
N LYS A 340 -19.58 -14.15 4.60
CA LYS A 340 -21.03 -14.33 4.56
C LYS A 340 -21.65 -13.39 3.54
N ASP A 341 -21.22 -12.12 3.54
CA ASP A 341 -21.81 -11.18 2.61
C ASP A 341 -21.50 -11.52 1.16
N ARG A 342 -20.46 -12.31 0.93
CA ARG A 342 -20.14 -12.86 -0.38
C ARG A 342 -20.84 -14.19 -0.65
N ASP A 343 -21.81 -14.56 0.18
CA ASP A 343 -22.58 -15.79 0.04
C ASP A 343 -21.74 -17.05 0.15
N ASN A 344 -20.47 -16.94 0.55
CA ASN A 344 -19.65 -18.11 0.85
C ASN A 344 -19.94 -18.54 2.29
N LEU A 345 -21.14 -19.11 2.47
CA LEU A 345 -21.62 -19.38 3.82
C LEU A 345 -20.72 -20.37 4.56
N ASP A 346 -20.11 -21.32 3.86
CA ASP A 346 -19.30 -22.32 4.56
C ASP A 346 -18.12 -21.66 5.24
N LYS A 347 -17.42 -20.78 4.53
CA LYS A 347 -16.27 -20.10 5.11
C LYS A 347 -16.69 -19.26 6.31
N ALA A 348 -17.81 -18.54 6.19
CA ALA A 348 -18.34 -17.81 7.33
C ALA A 348 -18.54 -18.75 8.52
N VAL A 349 -19.05 -19.95 8.26
CA VAL A 349 -19.26 -20.90 9.36
C VAL A 349 -17.94 -21.24 10.04
N GLU A 350 -16.91 -21.60 9.27
CA GLU A 350 -15.63 -21.88 9.92
C GLU A 350 -15.10 -20.66 10.66
N CYS A 351 -15.21 -19.47 10.08
CA CYS A 351 -14.65 -18.28 10.72
C CYS A 351 -15.31 -18.04 12.07
N TYR A 352 -16.64 -18.13 12.12
CA TYR A 352 -17.32 -17.92 13.39
C TYR A 352 -17.01 -19.03 14.37
N GLN A 353 -16.90 -20.27 13.90
CA GLN A 353 -16.56 -21.35 14.83
C GLN A 353 -15.18 -21.13 15.43
N MET A 354 -14.23 -20.63 14.64
CA MET A 354 -12.92 -20.30 15.19
C MET A 354 -13.02 -19.17 16.21
N ALA A 355 -13.80 -18.13 15.88
CA ALA A 355 -13.96 -17.02 16.81
C ALA A 355 -14.50 -17.52 18.14
N LEU A 356 -15.44 -18.46 18.10
CA LEU A 356 -16.00 -18.99 19.33
C LEU A 356 -15.05 -19.96 20.03
N SER A 357 -14.17 -20.61 19.28
CA SER A 357 -13.15 -21.43 19.91
C SER A 357 -12.16 -20.59 20.69
N ILE A 358 -11.92 -19.35 20.25
CA ILE A 358 -11.05 -18.46 21.01
C ILE A 358 -11.84 -17.76 22.11
N LYS A 359 -13.05 -17.29 21.80
CA LYS A 359 -13.93 -16.63 22.77
C LYS A 359 -15.30 -17.27 22.67
N PRO A 360 -15.57 -18.31 23.46
CA PRO A 360 -16.90 -18.95 23.38
C PRO A 360 -18.06 -18.01 23.59
N ASN A 361 -17.93 -17.02 24.48
CA ASN A 361 -19.00 -16.08 24.79
C ASN A 361 -18.94 -14.80 23.95
N PHE A 362 -18.20 -14.81 22.85
CA PHE A 362 -18.12 -13.63 22.00
C PHE A 362 -19.49 -13.38 21.39
N ALA A 363 -20.27 -12.49 22.02
CA ALA A 363 -21.67 -12.32 21.64
C ALA A 363 -21.85 -12.05 20.16
N GLN A 364 -20.93 -11.30 19.56
CA GLN A 364 -21.07 -10.97 18.14
C GLN A 364 -20.98 -12.22 17.27
N SER A 365 -20.02 -13.09 17.56
CA SER A 365 -19.93 -14.34 16.81
C SER A 365 -21.18 -15.19 17.01
N LEU A 366 -21.71 -15.22 18.23
CA LEU A 366 -22.93 -15.98 18.48
C LEU A 366 -24.07 -15.47 17.61
N ASN A 367 -24.29 -14.17 17.62
CA ASN A 367 -25.37 -13.59 16.82
C ASN A 367 -25.16 -13.85 15.34
N ASN A 368 -23.95 -13.60 14.84
CA ASN A 368 -23.69 -13.73 13.41
C ASN A 368 -23.82 -15.19 12.95
N LEU A 369 -23.30 -16.13 13.74
CA LEU A 369 -23.46 -17.53 13.40
C LEU A 369 -24.93 -17.92 13.40
N GLY A 370 -25.69 -17.41 14.37
CA GLY A 370 -27.12 -17.62 14.35
C GLY A 370 -27.76 -17.14 13.06
N VAL A 371 -27.36 -15.95 12.60
CA VAL A 371 -27.89 -15.43 11.34
C VAL A 371 -27.56 -16.36 10.18
N VAL A 372 -26.31 -16.84 10.13
CA VAL A 372 -25.92 -17.72 9.03
C VAL A 372 -26.75 -19.00 9.07
N TYR A 373 -26.97 -19.55 10.27
CA TYR A 373 -27.80 -20.74 10.38
C TYR A 373 -29.23 -20.45 9.94
N THR A 374 -29.73 -19.26 10.25
CA THR A 374 -31.07 -18.89 9.80
C THR A 374 -31.16 -18.87 8.29
N VAL A 375 -30.15 -18.33 7.61
CA VAL A 375 -30.18 -18.31 6.15
C VAL A 375 -30.16 -19.73 5.60
N GLN A 376 -29.33 -20.60 6.18
CA GLN A 376 -29.26 -21.99 5.76
C GLN A 376 -30.48 -22.80 6.13
N GLY A 377 -31.41 -22.26 6.90
CA GLY A 377 -32.58 -23.00 7.35
C GLY A 377 -32.37 -23.89 8.55
N LYS A 378 -31.14 -23.98 9.09
CA LYS A 378 -30.90 -24.72 10.31
C LYS A 378 -31.52 -23.99 11.50
N MET A 379 -32.84 -24.02 11.58
CA MET A 379 -33.56 -23.14 12.51
C MET A 379 -33.21 -23.43 13.96
N ASP A 380 -33.11 -24.70 14.34
CA ASP A 380 -32.84 -25.02 15.74
C ASP A 380 -31.48 -24.48 16.17
N ALA A 381 -30.46 -24.65 15.33
CA ALA A 381 -29.15 -24.12 15.66
C ALA A 381 -29.17 -22.60 15.75
N ALA A 382 -29.88 -21.95 14.83
CA ALA A 382 -29.99 -20.50 14.88
C ALA A 382 -30.61 -20.04 16.18
N ALA A 383 -31.70 -20.67 16.59
CA ALA A 383 -32.34 -20.34 17.86
C ALA A 383 -31.37 -20.50 19.02
N SER A 384 -30.66 -21.64 19.05
CA SER A 384 -29.74 -21.89 20.15
C SER A 384 -28.65 -20.83 20.22
N MET A 385 -28.07 -20.47 19.07
CA MET A 385 -26.99 -19.50 19.08
C MET A 385 -27.49 -18.11 19.46
N ILE A 386 -28.64 -17.70 18.95
CA ILE A 386 -29.14 -16.37 19.29
C ILE A 386 -29.50 -16.31 20.78
N GLU A 387 -30.09 -17.37 21.32
CA GLU A 387 -30.35 -17.38 22.76
C GLU A 387 -29.06 -17.29 23.55
N LYS A 388 -28.01 -17.98 23.11
CA LYS A 388 -26.72 -17.83 23.77
C LYS A 388 -26.21 -16.40 23.68
N ALA A 389 -26.43 -15.75 22.54
CA ALA A 389 -26.02 -14.35 22.40
C ALA A 389 -26.75 -13.47 23.39
N ILE A 390 -28.06 -13.71 23.57
CA ILE A 390 -28.83 -12.92 24.52
C ILE A 390 -28.30 -13.14 25.93
N LEU A 391 -27.98 -14.40 26.27
CA LEU A 391 -27.41 -14.67 27.59
C LEU A 391 -26.10 -13.94 27.77
N ALA A 392 -25.28 -13.88 26.72
CA ALA A 392 -23.98 -13.24 26.83
C ALA A 392 -24.08 -11.72 26.93
N ASN A 393 -25.05 -11.12 26.24
CA ASN A 393 -25.24 -9.67 26.26
C ASN A 393 -26.72 -9.35 26.22
N PRO A 394 -27.38 -9.28 27.37
CA PRO A 394 -28.84 -9.00 27.37
C PRO A 394 -29.23 -7.69 26.71
N THR A 395 -28.31 -6.73 26.59
CA THR A 395 -28.58 -5.49 25.88
C THR A 395 -28.20 -5.54 24.40
N TYR A 396 -28.07 -6.73 23.82
CA TYR A 396 -27.66 -6.88 22.43
C TYR A 396 -28.91 -6.91 21.56
N ALA A 397 -29.40 -5.71 21.24
CA ALA A 397 -30.65 -5.57 20.49
C ALA A 397 -30.63 -6.37 19.19
N GLU A 398 -29.51 -6.32 18.46
CA GLU A 398 -29.47 -7.00 17.17
C GLU A 398 -29.75 -8.48 17.32
N ALA A 399 -29.37 -9.07 18.45
CA ALA A 399 -29.71 -10.47 18.69
C ALA A 399 -31.22 -10.64 18.75
N PHE A 400 -31.93 -9.70 19.38
CA PHE A 400 -33.39 -9.77 19.39
C PHE A 400 -33.97 -9.61 17.99
N ASN A 401 -33.41 -8.70 17.19
CA ASN A 401 -33.91 -8.55 15.82
C ASN A 401 -33.74 -9.86 15.04
N ASN A 402 -32.57 -10.49 15.16
CA ASN A 402 -32.34 -11.74 14.44
C ASN A 402 -33.24 -12.85 14.98
N LEU A 403 -33.51 -12.85 16.29
CA LEU A 403 -34.47 -13.80 16.84
C LEU A 403 -35.85 -13.60 16.22
N GLY A 404 -36.26 -12.34 16.09
CA GLY A 404 -37.54 -12.07 15.45
C GLY A 404 -37.58 -12.54 14.00
N VAL A 405 -36.48 -12.34 13.27
CA VAL A 405 -36.43 -12.85 11.89
C VAL A 405 -36.55 -14.36 11.89
N LEU A 406 -35.86 -15.03 12.82
CA LEU A 406 -35.92 -16.47 12.90
C LEU A 406 -37.36 -16.94 13.15
N TYR A 407 -38.04 -16.29 14.09
CA TYR A 407 -39.42 -16.68 14.36
C TYR A 407 -40.31 -16.43 13.15
N ARG A 408 -40.13 -15.30 12.47
CA ARG A 408 -40.94 -15.00 11.30
C ARG A 408 -40.78 -16.08 10.23
N ASP A 409 -39.54 -16.44 9.92
CA ASP A 409 -39.32 -17.45 8.89
C ASP A 409 -39.93 -18.79 9.28
N ALA A 410 -39.98 -19.11 10.57
CA ALA A 410 -40.58 -20.35 11.02
C ALA A 410 -42.11 -20.28 11.10
N GLY A 411 -42.70 -19.16 10.72
CA GLY A 411 -44.14 -18.98 10.75
C GLY A 411 -44.72 -18.60 12.09
N ASN A 412 -43.89 -18.40 13.12
CA ASN A 412 -44.38 -17.98 14.44
C ASN A 412 -44.41 -16.45 14.50
N ILE A 413 -45.38 -15.88 13.79
CA ILE A 413 -45.40 -14.44 13.59
C ILE A 413 -45.59 -13.71 14.91
N THR A 414 -46.46 -14.24 15.77
CA THR A 414 -46.71 -13.56 17.05
C THR A 414 -45.43 -13.42 17.86
N MET A 415 -44.70 -14.50 18.03
CA MET A 415 -43.45 -14.44 18.78
C MET A 415 -42.42 -13.58 18.07
N ALA A 416 -42.44 -13.55 16.73
CA ALA A 416 -41.54 -12.65 16.00
C ALA A 416 -41.82 -11.20 16.35
N ILE A 417 -43.10 -10.81 16.34
CA ILE A 417 -43.46 -9.45 16.73
C ILE A 417 -43.02 -9.18 18.17
N ASP A 418 -43.23 -10.14 19.05
CA ASP A 418 -42.79 -9.98 20.44
C ASP A 418 -41.29 -9.72 20.51
N ALA A 419 -40.49 -10.47 19.75
CA ALA A 419 -39.05 -10.27 19.77
C ALA A 419 -38.68 -8.89 19.23
N TYR A 420 -39.35 -8.45 18.17
CA TYR A 420 -39.08 -7.11 17.67
C TYR A 420 -39.47 -6.06 18.69
N GLU A 421 -40.52 -6.29 19.46
CA GLU A 421 -40.90 -5.36 20.51
C GLU A 421 -39.85 -5.31 21.61
N GLU A 422 -39.27 -6.48 21.95
CA GLU A 422 -38.18 -6.48 22.91
C GLU A 422 -37.01 -5.66 22.41
N CYS A 423 -36.67 -5.84 21.13
CA CYS A 423 -35.60 -5.05 20.53
C CYS A 423 -35.91 -3.56 20.64
N LEU A 424 -37.14 -3.17 20.31
CA LEU A 424 -37.48 -1.75 20.32
C LEU A 424 -37.57 -1.17 21.72
N LYS A 425 -37.85 -1.99 22.74
CA LYS A 425 -37.70 -1.51 24.11
C LYS A 425 -36.23 -1.35 24.48
N ILE A 426 -35.35 -2.20 23.94
CA ILE A 426 -33.94 -2.06 24.25
C ILE A 426 -33.32 -0.95 23.41
N ASP A 427 -33.67 -0.86 22.14
CA ASP A 427 -33.16 0.17 21.23
C ASP A 427 -34.35 0.78 20.50
N PRO A 428 -34.79 1.98 20.86
CA PRO A 428 -35.93 2.58 20.17
C PRO A 428 -35.65 2.96 18.72
N ASP A 429 -34.39 3.24 18.39
CA ASP A 429 -34.03 3.67 17.04
C ASP A 429 -33.68 2.52 16.11
N SER A 430 -33.78 1.28 16.58
CA SER A 430 -33.44 0.13 15.73
C SER A 430 -34.29 0.10 14.48
N ARG A 431 -33.69 0.48 13.35
CA ARG A 431 -34.42 0.48 12.08
C ARG A 431 -34.87 -0.92 11.69
N ASN A 432 -33.97 -1.91 11.86
CA ASN A 432 -34.28 -3.25 11.39
C ASN A 432 -35.46 -3.83 12.15
N ALA A 433 -35.51 -3.61 13.46
CA ALA A 433 -36.61 -4.15 14.25
C ALA A 433 -37.94 -3.56 13.80
N GLY A 434 -37.99 -2.24 13.60
CA GLY A 434 -39.23 -1.63 13.18
C GLY A 434 -39.70 -2.13 11.83
N GLN A 435 -38.78 -2.19 10.86
CA GLN A 435 -39.20 -2.60 9.52
C GLN A 435 -39.59 -4.08 9.50
N ASN A 436 -38.82 -4.93 10.17
CA ASN A 436 -39.19 -6.33 10.24
C ASN A 436 -40.50 -6.53 10.97
N ARG A 437 -40.80 -5.70 11.97
CA ARG A 437 -42.08 -5.81 12.67
C ARG A 437 -43.22 -5.52 11.72
N LEU A 438 -43.12 -4.41 10.98
CA LEU A 438 -44.18 -4.08 10.03
C LEU A 438 -44.35 -5.19 8.99
N LEU A 439 -43.24 -5.67 8.44
CA LEU A 439 -43.32 -6.75 7.46
C LEU A 439 -43.99 -7.98 8.06
N ALA A 440 -43.63 -8.35 9.29
CA ALA A 440 -44.23 -9.52 9.91
C ALA A 440 -45.72 -9.33 10.11
N MET A 441 -46.14 -8.14 10.53
CA MET A 441 -47.56 -7.89 10.71
C MET A 441 -48.31 -8.03 9.39
N ASN A 442 -47.64 -7.76 8.27
CA ASN A 442 -48.32 -7.92 6.99
C ASN A 442 -48.77 -9.35 6.72
N TYR A 443 -48.20 -10.35 7.38
CA TYR A 443 -48.54 -11.75 7.13
C TYR A 443 -49.84 -12.21 7.78
N ILE A 444 -50.29 -11.58 8.86
CA ILE A 444 -51.41 -12.10 9.62
C ILE A 444 -52.55 -11.10 9.77
N ASN A 445 -52.31 -9.81 9.60
CA ASN A 445 -53.35 -8.81 9.83
C ASN A 445 -54.18 -8.62 8.57
N GLU A 446 -55.38 -9.18 8.57
CA GLU A 446 -56.32 -8.97 7.49
C GLU A 446 -57.07 -7.68 7.78
N GLY A 447 -57.44 -6.96 6.72
CA GLY A 447 -58.06 -5.68 6.95
C GLY A 447 -59.36 -5.75 7.73
N LEU A 448 -59.30 -5.42 9.02
CA LEU A 448 -60.49 -5.34 9.85
C LEU A 448 -60.41 -4.11 10.73
N ASP A 449 -59.24 -3.89 11.32
CA ASP A 449 -58.95 -2.73 12.15
C ASP A 449 -57.79 -1.97 11.52
N ASP A 450 -57.92 -0.66 11.41
CA ASP A 450 -56.85 0.16 10.85
C ASP A 450 -55.69 0.37 11.81
N LYS A 451 -55.20 -0.70 12.42
CA LYS A 451 -54.08 -0.62 13.36
C LYS A 451 -52.74 -0.72 12.66
N LEU A 452 -52.63 -1.59 11.67
CA LEU A 452 -51.38 -1.69 10.93
C LEU A 452 -51.07 -0.39 10.20
N PHE A 453 -52.09 0.22 9.59
CA PHE A 453 -51.86 1.50 8.91
C PHE A 453 -51.41 2.58 9.88
N GLU A 454 -52.05 2.66 11.04
CA GLU A 454 -51.61 3.63 12.04
C GLU A 454 -50.18 3.36 12.48
N ALA A 455 -49.83 2.09 12.69
CA ALA A 455 -48.46 1.76 13.05
C ALA A 455 -47.48 2.23 11.97
N HIS A 456 -47.83 2.00 10.71
CA HIS A 456 -46.95 2.44 9.63
C HIS A 456 -46.81 3.95 9.64
N ARG A 457 -47.93 4.66 9.80
CA ARG A 457 -47.89 6.12 9.86
C ARG A 457 -47.00 6.60 10.99
N ASP A 458 -47.15 6.02 12.19
CA ASP A 458 -46.35 6.43 13.34
C ASP A 458 -44.87 6.18 13.09
N TRP A 459 -44.55 5.04 12.48
CA TRP A 459 -43.15 4.75 12.18
C TRP A 459 -42.62 5.74 11.16
N GLY A 460 -43.44 6.07 10.17
CA GLY A 460 -43.01 7.05 9.19
C GLY A 460 -42.77 8.42 9.80
N TRP A 461 -43.61 8.84 10.74
CA TRP A 461 -43.36 10.13 11.37
C TRP A 461 -42.07 10.11 12.17
N ARG A 462 -41.80 9.00 12.86
CA ARG A 462 -40.55 8.88 13.59
C ARG A 462 -39.33 8.93 12.66
N PHE A 463 -39.40 8.19 11.55
CA PHE A 463 -38.32 8.20 10.57
C PHE A 463 -38.16 9.57 9.89
N THR A 464 -39.27 10.23 9.56
CA THR A 464 -39.21 11.56 8.96
C THR A 464 -38.63 12.57 9.93
N ARG A 465 -38.76 12.30 11.23
CA ARG A 465 -38.09 13.13 12.23
C ARG A 465 -36.61 12.82 12.21
N LEU A 466 -36.26 11.55 12.04
CA LEU A 466 -34.87 11.12 12.02
C LEU A 466 -34.14 11.54 10.74
N HIS A 467 -34.80 12.23 9.80
CA HIS A 467 -34.14 12.58 8.54
C HIS A 467 -34.67 13.88 7.93
N PRO A 468 -33.79 14.81 7.52
CA PRO A 468 -34.26 16.03 6.85
C PRO A 468 -34.23 15.91 5.33
N GLN A 469 -35.38 16.00 4.67
CA GLN A 469 -35.41 15.83 3.22
C GLN A 469 -35.10 17.14 2.51
N TYR A 470 -35.07 17.07 1.18
CA TYR A 470 -34.89 18.24 0.33
C TYR A 470 -36.21 18.98 0.17
N THR A 471 -36.12 20.22 -0.33
CA THR A 471 -37.28 21.07 -0.52
C THR A 471 -37.39 21.66 -1.91
N SER A 472 -36.39 21.47 -2.79
CA SER A 472 -36.42 22.03 -4.12
C SER A 472 -35.81 21.04 -5.09
N TRP A 473 -36.10 21.24 -6.38
CA TRP A 473 -35.61 20.36 -7.43
C TRP A 473 -35.36 21.19 -8.68
N ASP A 474 -34.26 20.90 -9.36
CA ASP A 474 -33.86 21.61 -10.57
C ASP A 474 -34.37 20.97 -11.85
N ASN A 475 -35.25 19.97 -11.75
CA ASN A 475 -35.80 19.34 -12.94
C ASN A 475 -36.61 20.34 -13.76
N LEU A 476 -36.21 20.53 -15.02
CA LEU A 476 -36.91 21.45 -15.90
C LEU A 476 -38.38 21.06 -16.01
N LYS A 477 -39.26 21.98 -15.61
CA LYS A 477 -40.70 21.73 -15.58
C LYS A 477 -41.32 21.88 -16.96
N ASP A 478 -40.96 20.95 -17.86
CA ASP A 478 -41.64 20.84 -19.15
C ASP A 478 -42.47 19.56 -19.16
N PRO A 479 -43.79 19.65 -19.25
CA PRO A 479 -44.61 18.42 -19.18
C PRO A 479 -44.46 17.47 -20.35
N GLU A 480 -43.94 17.89 -21.51
CA GLU A 480 -43.92 17.02 -22.69
C GLU A 480 -42.53 16.47 -23.03
N ARG A 481 -41.48 16.90 -22.36
CA ARG A 481 -40.15 16.40 -22.68
C ARG A 481 -39.97 14.96 -22.19
N PRO A 482 -38.96 14.26 -22.70
CA PRO A 482 -38.68 12.91 -22.20
C PRO A 482 -38.48 12.94 -20.69
N ILE A 483 -38.41 11.75 -20.10
CA ILE A 483 -38.38 11.61 -18.65
C ILE A 483 -37.30 10.61 -18.26
N THR A 484 -36.55 10.95 -17.22
CA THR A 484 -35.56 10.03 -16.66
C THR A 484 -36.18 9.27 -15.49
N ILE A 485 -36.30 7.96 -15.65
CA ILE A 485 -36.86 7.08 -14.64
C ILE A 485 -35.71 6.28 -14.05
N GLY A 486 -35.50 6.42 -12.75
CA GLY A 486 -34.58 5.57 -12.02
C GLY A 486 -35.35 4.50 -11.28
N TYR A 487 -34.91 3.26 -11.42
CA TYR A 487 -35.39 2.13 -10.64
C TYR A 487 -34.31 1.78 -9.64
N ILE A 488 -34.65 1.77 -8.36
CA ILE A 488 -33.68 1.54 -7.29
C ILE A 488 -34.10 0.31 -6.51
N SER A 489 -33.18 -0.65 -6.40
CA SER A 489 -33.51 -1.85 -5.65
C SER A 489 -32.28 -2.72 -5.41
N PRO A 490 -32.23 -3.45 -4.29
CA PRO A 490 -31.24 -4.52 -4.13
C PRO A 490 -31.65 -5.84 -4.77
N ASP A 491 -32.67 -5.85 -5.63
CA ASP A 491 -33.29 -7.08 -6.09
C ASP A 491 -33.14 -7.28 -7.59
N PHE A 492 -32.14 -6.64 -8.21
CA PHE A 492 -31.84 -6.90 -9.61
C PHE A 492 -30.94 -8.12 -9.76
N PHE A 493 -31.28 -9.20 -9.06
CA PHE A 493 -30.59 -10.48 -9.18
C PHE A 493 -31.65 -11.57 -9.27
N THR A 494 -31.25 -12.84 -9.14
CA THR A 494 -32.21 -13.94 -9.17
C THR A 494 -33.07 -13.87 -7.91
N HIS A 495 -34.10 -13.03 -7.99
CA HIS A 495 -35.01 -12.81 -6.88
C HIS A 495 -36.43 -12.70 -7.45
N SER A 496 -37.43 -12.86 -6.59
CA SER A 496 -38.82 -12.82 -7.04
C SER A 496 -39.11 -11.54 -7.81
N VAL A 497 -38.72 -10.40 -7.24
CA VAL A 497 -38.99 -9.12 -7.90
C VAL A 497 -38.41 -9.11 -9.30
N SER A 498 -37.27 -9.77 -9.50
CA SER A 498 -36.61 -9.74 -10.79
C SER A 498 -37.52 -10.26 -11.91
N TYR A 499 -38.46 -11.15 -11.58
CA TYR A 499 -39.31 -11.68 -12.63
C TYR A 499 -40.29 -10.65 -13.18
N PHE A 500 -40.46 -9.51 -12.53
CA PHE A 500 -41.37 -8.48 -13.02
C PHE A 500 -40.67 -7.23 -13.53
N ILE A 501 -39.62 -6.77 -12.84
CA ILE A 501 -38.93 -5.58 -13.29
C ILE A 501 -38.27 -5.80 -14.64
N GLU A 502 -38.07 -7.07 -15.01
CA GLU A 502 -37.52 -7.36 -16.34
C GLU A 502 -38.43 -6.84 -17.44
N ALA A 503 -39.75 -6.87 -17.22
CA ALA A 503 -40.68 -6.45 -18.26
C ALA A 503 -40.47 -5.00 -18.67
N PRO A 504 -40.53 -4.01 -17.77
CA PRO A 504 -40.33 -2.63 -18.22
C PRO A 504 -38.93 -2.34 -18.73
N LEU A 505 -37.88 -2.85 -18.07
CA LEU A 505 -36.52 -2.56 -18.51
C LEU A 505 -36.32 -2.95 -19.96
N THR A 506 -37.02 -4.00 -20.42
CA THR A 506 -36.87 -4.43 -21.80
C THR A 506 -37.69 -3.59 -22.76
N HIS A 507 -38.85 -3.09 -22.33
CA HIS A 507 -39.85 -2.59 -23.26
C HIS A 507 -40.05 -1.09 -23.23
N HIS A 508 -39.43 -0.36 -22.31
CA HIS A 508 -39.48 1.09 -22.39
C HIS A 508 -39.00 1.57 -23.75
N ASP A 509 -39.62 2.63 -24.25
CA ASP A 509 -39.12 3.34 -25.42
C ASP A 509 -38.03 4.30 -24.92
N TYR A 510 -36.78 3.87 -25.01
CA TYR A 510 -35.68 4.63 -24.43
C TYR A 510 -35.47 5.99 -25.07
N THR A 511 -36.06 6.23 -26.24
CA THR A 511 -36.02 7.57 -26.83
C THR A 511 -36.94 8.55 -26.13
N LYS A 512 -37.67 8.09 -25.11
CA LYS A 512 -38.62 8.93 -24.39
C LYS A 512 -38.58 8.72 -22.88
N TYR A 513 -38.10 7.58 -22.40
CA TYR A 513 -38.03 7.26 -20.97
C TYR A 513 -36.64 6.66 -20.72
N LYS A 514 -35.72 7.53 -20.35
CA LYS A 514 -34.34 7.15 -20.08
C LYS A 514 -34.26 6.36 -18.77
N VAL A 515 -33.73 5.15 -18.84
CA VAL A 515 -33.71 4.24 -17.70
C VAL A 515 -32.37 4.37 -16.98
N VAL A 516 -32.45 4.57 -15.66
CA VAL A 516 -31.29 4.53 -14.77
C VAL A 516 -31.56 3.46 -13.73
N VAL A 517 -30.59 2.59 -13.49
CA VAL A 517 -30.72 1.50 -12.53
C VAL A 517 -29.78 1.76 -11.36
N TYR A 518 -30.33 1.75 -10.16
CA TYR A 518 -29.56 1.81 -8.93
C TYR A 518 -29.60 0.42 -8.29
N SER A 519 -28.60 -0.39 -8.62
CA SER A 519 -28.52 -1.76 -8.14
C SER A 519 -27.72 -1.79 -6.85
N ALA A 520 -28.39 -2.09 -5.74
CA ALA A 520 -27.74 -2.34 -4.46
C ALA A 520 -27.51 -3.83 -4.23
N VAL A 521 -27.42 -4.61 -5.32
CA VAL A 521 -27.26 -6.05 -5.20
C VAL A 521 -25.97 -6.36 -4.45
N VAL A 522 -26.08 -7.16 -3.39
CA VAL A 522 -24.90 -7.54 -2.62
C VAL A 522 -24.03 -8.51 -3.41
N LYS A 523 -24.64 -9.39 -4.20
CA LYS A 523 -23.92 -10.39 -4.96
C LYS A 523 -24.63 -10.54 -6.30
N ALA A 524 -24.01 -10.05 -7.36
CA ALA A 524 -24.62 -10.13 -8.69
C ALA A 524 -24.64 -11.58 -9.16
N ASP A 525 -25.16 -11.79 -10.35
CA ASP A 525 -25.19 -13.10 -10.98
C ASP A 525 -25.53 -12.89 -12.46
N ALA A 526 -25.70 -13.99 -13.19
CA ALA A 526 -25.94 -13.90 -14.62
C ALA A 526 -27.12 -13.01 -14.95
N LYS A 527 -28.15 -12.96 -14.09
CA LYS A 527 -29.31 -12.13 -14.40
C LYS A 527 -29.00 -10.65 -14.20
N THR A 528 -28.24 -10.31 -13.17
CA THR A 528 -27.80 -8.92 -13.02
C THR A 528 -27.04 -8.47 -14.27
N TYR A 529 -26.11 -9.30 -14.73
CA TYR A 529 -25.34 -8.95 -15.93
C TYR A 529 -26.26 -8.85 -17.14
N ARG A 530 -27.25 -9.73 -17.24
CA ARG A 530 -28.18 -9.65 -18.35
C ARG A 530 -28.95 -8.33 -18.33
N PHE A 531 -29.40 -7.90 -17.15
CA PHE A 531 -30.11 -6.63 -17.05
C PHE A 531 -29.20 -5.47 -17.42
N ARG A 532 -27.99 -5.44 -16.88
CA ARG A 532 -27.07 -4.36 -17.22
C ARG A 532 -26.82 -4.33 -18.72
N ASP A 533 -26.60 -5.50 -19.34
CA ASP A 533 -26.36 -5.54 -20.78
C ASP A 533 -27.54 -5.00 -21.56
N LYS A 534 -28.76 -5.39 -21.18
CA LYS A 534 -29.93 -4.87 -21.88
C LYS A 534 -30.05 -3.36 -21.71
N VAL A 535 -29.87 -2.87 -20.48
CA VAL A 535 -30.00 -1.44 -20.21
C VAL A 535 -28.95 -0.64 -21.00
N LEU A 536 -27.70 -1.08 -20.94
CA LEU A 536 -26.63 -0.38 -21.63
C LEU A 536 -26.81 -0.41 -23.13
N LYS A 537 -27.18 -1.58 -23.67
CA LYS A 537 -27.37 -1.70 -25.12
C LYS A 537 -28.47 -0.79 -25.60
N LYS A 538 -29.47 -0.52 -24.76
CA LYS A 538 -30.55 0.39 -25.12
C LYS A 538 -30.30 1.82 -24.65
N GLY A 539 -29.13 2.10 -24.08
CA GLY A 539 -28.82 3.44 -23.64
C GLY A 539 -29.35 3.82 -22.27
N GLY A 540 -29.09 2.99 -21.28
CA GLY A 540 -29.43 3.30 -19.90
C GLY A 540 -28.19 3.28 -19.01
N VAL A 541 -28.25 4.05 -17.94
CA VAL A 541 -27.17 4.10 -16.96
C VAL A 541 -27.38 3.01 -15.92
N TRP A 542 -26.31 2.35 -15.52
CA TRP A 542 -26.32 1.35 -14.46
C TRP A 542 -25.35 1.77 -13.38
N LYS A 543 -25.84 1.85 -12.14
CA LYS A 543 -25.00 2.23 -11.00
C LYS A 543 -25.08 1.19 -9.90
N ASP A 544 -23.94 0.60 -9.55
CA ASP A 544 -23.84 -0.26 -8.39
C ASP A 544 -23.61 0.61 -7.15
N ILE A 545 -24.51 0.52 -6.17
CA ILE A 545 -24.50 1.42 -5.02
C ILE A 545 -24.39 0.65 -3.71
N TYR A 546 -24.02 -0.63 -3.75
CA TYR A 546 -23.84 -1.40 -2.53
C TYR A 546 -22.82 -0.77 -1.60
N GLY A 547 -23.18 -0.69 -0.32
CA GLY A 547 -22.31 -0.18 0.72
C GLY A 547 -22.08 1.31 0.73
N ILE A 548 -22.90 2.09 0.05
CA ILE A 548 -22.77 3.55 0.03
C ILE A 548 -23.85 4.13 0.95
N ASP A 549 -23.43 5.07 1.80
CA ASP A 549 -24.35 5.67 2.77
C ASP A 549 -25.60 6.19 2.07
N GLU A 550 -26.74 5.94 2.71
CA GLU A 550 -28.03 6.35 2.16
C GLU A 550 -28.08 7.82 1.81
N LYS A 551 -27.45 8.67 2.64
CA LYS A 551 -27.45 10.10 2.33
C LYS A 551 -26.60 10.39 1.11
N LYS A 552 -25.51 9.64 0.92
CA LYS A 552 -24.76 9.76 -0.31
C LYS A 552 -25.57 9.24 -1.49
N ILE A 553 -26.41 8.23 -1.27
CA ILE A 553 -27.33 7.80 -2.33
C ILE A 553 -28.24 8.95 -2.73
N ALA A 554 -28.79 9.67 -1.75
CA ALA A 554 -29.65 10.81 -2.07
C ALA A 554 -28.88 11.87 -2.84
N SER A 555 -27.65 12.16 -2.41
CA SER A 555 -26.83 13.12 -3.14
C SER A 555 -26.60 12.67 -4.59
N MET A 556 -26.29 11.39 -4.77
CA MET A 556 -26.09 10.86 -6.11
C MET A 556 -27.34 10.99 -6.96
N VAL A 557 -28.50 10.66 -6.38
CA VAL A 557 -29.76 10.77 -7.11
C VAL A 557 -30.01 12.20 -7.54
N ARG A 558 -29.67 13.16 -6.68
CA ARG A 558 -29.88 14.56 -7.06
C ARG A 558 -28.87 14.99 -8.10
N GLU A 559 -27.66 14.46 -8.04
CA GLU A 559 -26.61 14.80 -9.01
C GLU A 559 -26.86 14.16 -10.36
N ASP A 560 -27.68 13.12 -10.42
CA ASP A 560 -27.99 12.43 -11.66
C ASP A 560 -29.26 12.96 -12.32
N LYS A 561 -29.88 13.99 -11.75
CA LYS A 561 -31.09 14.58 -12.29
C LYS A 561 -32.11 13.53 -12.73
N ILE A 562 -32.66 12.79 -11.78
CA ILE A 562 -33.69 11.79 -12.08
C ILE A 562 -35.03 12.48 -11.98
N ASP A 563 -35.99 12.01 -12.79
CA ASP A 563 -37.34 12.56 -12.78
C ASP A 563 -38.26 11.71 -11.91
N ILE A 564 -38.39 10.42 -12.22
CA ILE A 564 -39.27 9.53 -11.49
C ILE A 564 -38.39 8.49 -10.82
N LEU A 565 -38.34 8.49 -9.49
CA LEU A 565 -37.59 7.50 -8.73
C LEU A 565 -38.54 6.43 -8.22
N VAL A 566 -38.30 5.19 -8.62
CA VAL A 566 -39.18 4.06 -8.32
C VAL A 566 -38.41 3.12 -7.39
N GLU A 567 -38.88 3.04 -6.15
CA GLU A 567 -38.35 2.15 -5.15
C GLU A 567 -39.13 0.84 -5.18
N LEU A 568 -38.42 -0.29 -5.18
CA LEU A 568 -39.02 -1.59 -5.44
C LEU A 568 -38.88 -2.55 -4.25
N THR A 569 -38.63 -2.04 -3.06
CA THR A 569 -38.24 -2.89 -1.93
C THR A 569 -39.17 -2.75 -0.73
N GLY A 570 -39.65 -1.55 -0.41
CA GLY A 570 -40.40 -1.32 0.80
C GLY A 570 -39.65 -1.81 2.03
N HIS A 571 -40.40 -2.28 3.02
CA HIS A 571 -39.79 -2.72 4.27
C HIS A 571 -39.26 -4.15 4.19
N THR A 572 -38.53 -4.48 3.14
CA THR A 572 -37.89 -5.78 3.04
C THR A 572 -36.38 -5.59 3.17
N ALA A 573 -35.65 -6.71 3.14
CA ALA A 573 -34.23 -6.68 3.47
C ALA A 573 -33.49 -5.73 2.54
N ASN A 574 -32.50 -5.04 3.10
CA ASN A 574 -31.58 -4.20 2.34
C ASN A 574 -32.30 -3.07 1.59
N ASN A 575 -33.50 -2.69 2.02
CA ASN A 575 -34.18 -1.57 1.39
C ASN A 575 -33.34 -0.31 1.48
N LYS A 576 -33.76 0.71 0.73
CA LYS A 576 -33.09 2.01 0.70
C LYS A 576 -34.05 3.13 1.06
N LEU A 577 -34.94 2.90 2.03
CA LEU A 577 -35.89 3.93 2.40
C LEU A 577 -35.22 5.20 2.91
N GLY A 578 -33.98 5.11 3.39
CA GLY A 578 -33.29 6.31 3.80
C GLY A 578 -33.03 7.25 2.64
N THR A 579 -32.75 6.70 1.46
CA THR A 579 -32.67 7.52 0.26
C THR A 579 -34.02 8.17 -0.05
N MET A 580 -35.10 7.40 0.06
CA MET A 580 -36.42 7.93 -0.24
C MET A 580 -36.83 9.03 0.72
N ALA A 581 -36.38 8.95 1.97
CA ALA A 581 -36.72 10.00 2.92
C ALA A 581 -36.12 11.34 2.54
N CYS A 582 -34.93 11.34 1.93
CA CYS A 582 -34.35 12.59 1.48
C CYS A 582 -35.17 13.26 0.38
N ARG A 583 -36.06 12.52 -0.27
CA ARG A 583 -36.88 13.05 -1.37
C ARG A 583 -36.01 13.66 -2.47
N PRO A 584 -35.00 12.93 -2.96
CA PRO A 584 -34.09 13.54 -3.94
C PRO A 584 -34.75 13.82 -5.28
N ALA A 585 -35.74 13.06 -5.67
CA ALA A 585 -36.37 13.21 -6.98
C ALA A 585 -37.65 14.01 -6.88
N PRO A 586 -38.17 14.50 -8.01
CA PRO A 586 -39.42 15.27 -7.97
C PRO A 586 -40.66 14.41 -7.94
N VAL A 587 -40.51 13.08 -8.00
CA VAL A 587 -41.62 12.14 -7.95
C VAL A 587 -41.04 10.83 -7.43
N GLN A 588 -41.66 10.30 -6.39
CA GLN A 588 -41.21 9.08 -5.75
C GLN A 588 -42.35 8.07 -5.72
N VAL A 589 -42.07 6.85 -6.16
CA VAL A 589 -43.08 5.82 -6.33
C VAL A 589 -42.56 4.54 -5.70
N THR A 590 -43.49 3.74 -5.17
CA THR A 590 -43.22 2.34 -4.89
C THR A 590 -44.12 1.51 -5.79
N TRP A 591 -43.68 0.31 -6.14
CA TRP A 591 -44.43 -0.43 -7.15
C TRP A 591 -44.72 -1.89 -6.81
N ILE A 592 -43.68 -2.73 -6.66
CA ILE A 592 -43.91 -4.17 -6.58
C ILE A 592 -43.29 -4.82 -5.35
N GLY A 593 -42.27 -4.26 -4.71
CA GLY A 593 -41.58 -4.98 -3.65
C GLY A 593 -42.36 -5.15 -2.37
N TYR A 594 -43.45 -4.38 -2.19
CA TYR A 594 -44.13 -4.37 -0.91
C TYR A 594 -45.63 -4.17 -1.09
N PRO A 595 -46.47 -5.00 -0.46
CA PRO A 595 -47.92 -4.93 -0.71
C PRO A 595 -48.70 -4.00 0.21
N ASN A 596 -48.05 -3.13 0.97
CA ASN A 596 -48.75 -2.19 1.84
C ASN A 596 -48.05 -0.84 1.77
N THR A 597 -48.68 0.15 2.39
CA THR A 597 -48.07 1.47 2.42
C THR A 597 -46.73 1.43 3.13
N THR A 598 -45.77 2.19 2.61
CA THR A 598 -44.45 2.23 3.22
C THR A 598 -44.40 3.13 4.44
N GLY A 599 -45.38 4.01 4.60
CA GLY A 599 -45.39 4.91 5.74
C GLY A 599 -44.46 6.08 5.56
N LEU A 600 -44.23 6.50 4.32
CA LEU A 600 -43.34 7.62 4.04
C LEU A 600 -44.14 8.73 3.38
N PRO A 601 -44.36 9.87 4.03
CA PRO A 601 -45.09 10.94 3.35
C PRO A 601 -44.36 11.47 2.15
N THR A 602 -43.06 11.21 2.04
CA THR A 602 -42.29 11.69 0.89
C THR A 602 -42.57 10.87 -0.35
N VAL A 603 -42.92 9.59 -0.19
CA VAL A 603 -43.33 8.76 -1.32
C VAL A 603 -44.68 9.22 -1.81
N ASP A 604 -44.75 9.61 -3.09
CA ASP A 604 -45.99 10.20 -3.60
C ASP A 604 -47.03 9.14 -3.97
N TYR A 605 -46.67 8.17 -4.81
CA TYR A 605 -47.64 7.28 -5.42
C TYR A 605 -47.25 5.83 -5.22
N ARG A 606 -48.28 4.97 -5.21
CA ARG A 606 -48.12 3.53 -5.26
C ARG A 606 -48.89 3.00 -6.45
N ILE A 607 -48.21 2.26 -7.32
CA ILE A 607 -48.80 1.73 -8.53
C ILE A 607 -49.52 0.42 -8.22
N THR A 608 -50.75 0.29 -8.70
CA THR A 608 -51.55 -0.92 -8.52
C THR A 608 -52.48 -1.06 -9.73
N ASP A 609 -53.49 -1.91 -9.61
CA ASP A 609 -54.52 -2.05 -10.62
C ASP A 609 -55.90 -1.99 -9.95
N SER A 610 -56.94 -2.08 -10.78
CA SER A 610 -58.30 -1.94 -10.30
C SER A 610 -58.82 -3.19 -9.59
N LEU A 611 -58.10 -4.31 -9.65
CA LEU A 611 -58.49 -5.52 -8.95
C LEU A 611 -57.75 -5.73 -7.64
N ALA A 612 -56.44 -5.46 -7.61
CA ALA A 612 -55.71 -5.55 -6.35
C ALA A 612 -56.23 -4.55 -5.34
N ASP A 613 -56.49 -3.33 -5.78
CA ASP A 613 -57.10 -2.28 -4.96
C ASP A 613 -58.35 -1.78 -5.68
N PRO A 614 -59.50 -2.43 -5.48
CA PRO A 614 -60.73 -1.91 -6.05
C PRO A 614 -60.96 -0.47 -5.60
N PRO A 615 -61.67 0.32 -6.40
CA PRO A 615 -61.91 1.73 -6.02
C PRO A 615 -62.52 1.91 -4.63
N ASP A 616 -63.22 0.90 -4.11
CA ASP A 616 -63.89 1.00 -2.83
C ASP A 616 -63.07 0.42 -1.68
N THR A 617 -61.81 0.07 -1.92
CA THR A 617 -60.96 -0.45 -0.85
C THR A 617 -61.02 0.44 0.38
N LYS A 618 -61.13 -0.18 1.54
CA LYS A 618 -61.16 0.53 2.82
C LYS A 618 -59.79 0.65 3.48
N GLN A 619 -58.78 -0.05 2.99
CA GLN A 619 -57.43 0.04 3.56
C GLN A 619 -56.87 1.43 3.30
N LYS A 620 -56.65 2.19 4.37
CA LYS A 620 -56.04 3.50 4.24
C LYS A 620 -54.56 3.40 3.91
N GLN A 621 -54.09 4.27 3.04
CA GLN A 621 -52.68 4.35 2.66
C GLN A 621 -52.32 5.81 2.42
N VAL A 622 -51.05 6.15 2.66
CA VAL A 622 -50.61 7.52 2.44
C VAL A 622 -50.44 7.84 0.96
N GLU A 623 -50.04 6.87 0.14
CA GLU A 623 -49.83 7.14 -1.27
C GLU A 623 -51.14 7.21 -2.04
N GLU A 624 -51.14 8.02 -3.09
CA GLU A 624 -52.23 8.00 -4.06
C GLU A 624 -52.07 6.78 -4.97
N LEU A 625 -53.12 5.97 -5.05
CA LEU A 625 -53.07 4.77 -5.88
C LEU A 625 -53.17 5.14 -7.36
N VAL A 626 -52.22 4.66 -8.16
CA VAL A 626 -52.24 4.79 -9.61
C VAL A 626 -52.64 3.44 -10.19
N ARG A 627 -53.85 3.34 -10.71
CA ARG A 627 -54.38 2.10 -11.25
C ARG A 627 -54.11 2.01 -12.76
N LEU A 628 -53.28 1.06 -13.15
CA LEU A 628 -53.10 0.76 -14.57
C LEU A 628 -54.33 0.05 -15.14
N PRO A 629 -54.59 0.22 -16.44
CA PRO A 629 -55.80 -0.39 -17.01
C PRO A 629 -55.77 -1.91 -17.01
N ASP A 630 -54.59 -2.50 -17.22
CA ASP A 630 -54.43 -3.94 -17.29
C ASP A 630 -53.96 -4.42 -15.92
N CYS A 631 -53.11 -5.44 -15.89
CA CYS A 631 -52.54 -5.90 -14.64
C CYS A 631 -51.31 -5.05 -14.32
N PHE A 632 -51.18 -4.68 -13.05
CA PHE A 632 -50.03 -3.92 -12.58
C PHE A 632 -48.74 -4.73 -12.57
N LEU A 633 -48.81 -6.03 -12.80
CA LEU A 633 -47.62 -6.89 -12.87
C LEU A 633 -47.52 -7.45 -14.28
N CYS A 634 -46.30 -7.51 -14.80
CA CYS A 634 -46.00 -8.18 -16.06
C CYS A 634 -44.91 -9.21 -15.81
N TYR A 635 -45.31 -10.49 -15.72
CA TYR A 635 -44.37 -11.56 -15.51
C TYR A 635 -43.54 -11.81 -16.76
N THR A 636 -42.22 -11.89 -16.58
CA THR A 636 -41.34 -12.28 -17.67
C THR A 636 -40.90 -13.72 -17.45
N PRO A 637 -41.43 -14.69 -18.18
CA PRO A 637 -41.11 -16.08 -17.88
C PRO A 637 -39.62 -16.35 -17.99
N SER A 638 -39.13 -17.22 -17.13
CA SER A 638 -37.76 -17.70 -17.26
C SER A 638 -37.63 -18.51 -18.55
N PRO A 639 -36.59 -18.29 -19.35
CA PRO A 639 -36.38 -19.16 -20.51
C PRO A 639 -36.08 -20.61 -20.15
N GLU A 640 -35.74 -20.88 -18.89
CA GLU A 640 -35.48 -22.24 -18.42
C GLU A 640 -36.74 -22.94 -17.92
N ALA A 641 -37.91 -22.34 -18.12
CA ALA A 641 -39.14 -22.90 -17.56
C ALA A 641 -39.39 -24.32 -18.07
N GLY A 642 -38.90 -24.65 -19.26
CA GLY A 642 -39.08 -25.96 -19.82
C GLY A 642 -40.51 -26.29 -20.19
N PRO A 643 -40.75 -27.55 -20.59
CA PRO A 643 -42.08 -27.96 -21.04
C PRO A 643 -43.06 -28.19 -19.89
N VAL A 644 -44.33 -28.12 -20.24
CA VAL A 644 -45.41 -28.56 -19.36
C VAL A 644 -45.47 -30.08 -19.37
N CYS A 645 -45.53 -30.69 -18.19
CA CYS A 645 -45.72 -32.13 -18.08
C CYS A 645 -47.21 -32.47 -18.13
N PRO A 646 -47.55 -33.70 -18.49
CA PRO A 646 -48.95 -34.13 -18.40
C PRO A 646 -49.49 -34.03 -16.98
N THR A 647 -50.81 -33.92 -16.89
CA THR A 647 -51.47 -33.81 -15.60
C THR A 647 -51.18 -35.04 -14.74
N PRO A 648 -50.57 -34.88 -13.57
CA PRO A 648 -50.34 -36.05 -12.70
C PRO A 648 -51.59 -36.86 -12.41
N ALA A 649 -52.75 -36.20 -12.29
CA ALA A 649 -53.99 -36.93 -12.03
C ALA A 649 -54.24 -38.03 -13.05
N LEU A 650 -53.74 -37.86 -14.27
CA LEU A 650 -53.93 -38.88 -15.29
C LEU A 650 -53.18 -40.15 -14.98
N SER A 651 -52.01 -40.04 -14.33
CA SER A 651 -51.19 -41.19 -14.02
C SER A 651 -51.36 -41.70 -12.60
N ASN A 652 -51.59 -40.81 -11.64
CA ASN A 652 -51.75 -41.20 -10.24
C ASN A 652 -53.19 -41.51 -9.86
N GLY A 653 -54.16 -41.12 -10.68
CA GLY A 653 -55.55 -41.35 -10.37
C GLY A 653 -56.11 -40.49 -9.25
N PHE A 654 -55.25 -39.86 -8.46
CA PHE A 654 -55.67 -38.94 -7.42
C PHE A 654 -55.10 -37.55 -7.69
N VAL A 655 -55.89 -36.54 -7.31
CA VAL A 655 -55.46 -35.15 -7.43
C VAL A 655 -54.53 -34.77 -6.28
N THR A 656 -53.45 -34.08 -6.62
CA THR A 656 -52.50 -33.58 -5.64
C THR A 656 -52.59 -32.06 -5.64
N PHE A 657 -53.07 -31.50 -4.53
CA PHE A 657 -53.01 -30.08 -4.27
C PHE A 657 -51.60 -29.73 -3.83
N GLY A 658 -51.20 -28.47 -4.01
CA GLY A 658 -49.88 -28.11 -3.52
C GLY A 658 -49.74 -26.63 -3.29
N SER A 659 -48.66 -26.29 -2.59
CA SER A 659 -48.31 -24.89 -2.38
C SER A 659 -46.82 -24.74 -2.15
N PHE A 660 -46.22 -23.85 -2.93
CA PHE A 660 -44.80 -23.53 -2.82
C PHE A 660 -44.60 -22.15 -2.17
N ASN A 661 -45.59 -21.66 -1.44
CA ASN A 661 -45.48 -20.41 -0.71
C ASN A 661 -44.58 -20.57 0.52
N ASN A 662 -44.27 -19.44 1.16
CA ASN A 662 -43.46 -19.47 2.36
C ASN A 662 -44.31 -19.87 3.56
N LEU A 663 -43.67 -20.02 4.71
CA LEU A 663 -44.37 -20.48 5.90
C LEU A 663 -44.98 -19.35 6.69
N ALA A 664 -44.40 -18.15 6.60
CA ALA A 664 -45.00 -17.01 7.26
C ALA A 664 -46.38 -16.72 6.68
N LYS A 665 -46.59 -17.09 5.42
CA LYS A 665 -47.89 -16.86 4.77
C LYS A 665 -48.91 -17.93 5.12
N ILE A 666 -48.48 -19.10 5.57
CA ILE A 666 -49.41 -20.22 5.82
C ILE A 666 -49.83 -20.10 7.28
N THR A 667 -50.81 -19.23 7.52
CA THR A 667 -51.36 -19.07 8.86
C THR A 667 -52.18 -20.30 9.24
N PRO A 668 -52.30 -20.59 10.55
CA PRO A 668 -53.19 -21.68 10.99
C PRO A 668 -54.52 -21.73 10.27
N LYS A 669 -55.09 -20.56 9.94
CA LYS A 669 -56.36 -20.53 9.24
C LYS A 669 -56.25 -21.16 7.86
N VAL A 670 -55.16 -20.87 7.15
CA VAL A 670 -54.92 -21.51 5.86
C VAL A 670 -54.87 -23.02 6.04
N LEU A 671 -54.20 -23.47 7.10
CA LEU A 671 -54.10 -24.90 7.36
C LEU A 671 -55.48 -25.50 7.60
N GLN A 672 -56.34 -24.79 8.33
CA GLN A 672 -57.70 -25.27 8.55
C GLN A 672 -58.44 -25.41 7.22
N VAL A 673 -58.31 -24.42 6.35
CA VAL A 673 -59.04 -24.46 5.08
C VAL A 673 -58.50 -25.59 4.21
N TRP A 674 -57.18 -25.78 4.18
CA TRP A 674 -56.61 -26.87 3.40
C TRP A 674 -57.05 -28.23 3.95
N ALA A 675 -57.16 -28.35 5.27
CA ALA A 675 -57.68 -29.58 5.84
C ALA A 675 -59.12 -29.82 5.41
N ARG A 676 -59.93 -28.76 5.39
CA ARG A 676 -61.28 -28.89 4.88
C ARG A 676 -61.28 -29.36 3.44
N ILE A 677 -60.38 -28.80 2.62
CA ILE A 677 -60.30 -29.20 1.22
C ILE A 677 -60.00 -30.69 1.11
N LEU A 678 -58.96 -31.13 1.82
CA LEU A 678 -58.51 -32.51 1.68
C LEU A 678 -59.51 -33.50 2.25
N CYS A 679 -60.26 -33.10 3.28
CA CYS A 679 -61.32 -33.97 3.79
C CYS A 679 -62.49 -34.04 2.82
N ALA A 680 -62.81 -32.93 2.14
CA ALA A 680 -63.93 -32.94 1.21
C ALA A 680 -63.63 -33.70 -0.07
N VAL A 681 -62.36 -33.87 -0.42
CA VAL A 681 -61.99 -34.60 -1.63
C VAL A 681 -61.32 -35.92 -1.24
N PRO A 682 -62.05 -37.04 -1.25
CA PRO A 682 -61.43 -38.33 -0.91
C PRO A 682 -60.23 -38.64 -1.78
N ASN A 683 -59.29 -39.40 -1.22
CA ASN A 683 -58.06 -39.86 -1.87
C ASN A 683 -57.39 -38.74 -2.68
N SER A 684 -57.11 -37.64 -1.98
CA SER A 684 -56.38 -36.51 -2.53
C SER A 684 -55.16 -36.26 -1.65
N ARG A 685 -54.14 -35.61 -2.21
CA ARG A 685 -52.92 -35.36 -1.46
C ARG A 685 -52.59 -33.87 -1.44
N LEU A 686 -51.74 -33.49 -0.48
CA LEU A 686 -51.22 -32.14 -0.37
C LEU A 686 -49.70 -32.16 -0.32
N VAL A 687 -49.06 -31.44 -1.22
CA VAL A 687 -47.61 -31.25 -1.23
C VAL A 687 -47.32 -29.80 -0.88
N VAL A 688 -46.54 -29.58 0.18
CA VAL A 688 -46.14 -28.24 0.59
C VAL A 688 -44.63 -28.18 0.56
N LYS A 689 -44.08 -27.25 -0.24
CA LYS A 689 -42.63 -27.07 -0.31
C LYS A 689 -42.23 -25.68 0.19
N CYS A 690 -41.38 -25.64 1.22
CA CYS A 690 -40.89 -24.38 1.73
C CYS A 690 -39.50 -24.60 2.30
N LYS A 691 -38.66 -23.56 2.26
CA LYS A 691 -37.27 -23.68 2.67
C LYS A 691 -37.01 -24.15 4.10
N PRO A 692 -37.82 -23.84 5.10
CA PRO A 692 -37.52 -24.29 6.47
C PRO A 692 -38.00 -25.70 6.82
N PHE A 693 -38.54 -26.46 5.87
CA PHE A 693 -38.93 -27.83 6.19
C PHE A 693 -37.73 -28.74 6.42
N CYS A 694 -36.56 -28.37 5.90
CA CYS A 694 -35.37 -29.20 6.14
C CYS A 694 -35.24 -29.50 7.63
N CYS A 695 -35.35 -28.48 8.47
CA CYS A 695 -35.32 -28.68 9.91
C CYS A 695 -36.42 -29.66 10.30
N ASP A 696 -36.04 -30.75 10.96
CA ASP A 696 -37.02 -31.77 11.32
C ASP A 696 -38.04 -31.25 12.32
N SER A 697 -37.62 -30.43 13.28
CA SER A 697 -38.53 -29.98 14.32
C SER A 697 -39.69 -29.18 13.74
N ILE A 698 -39.42 -28.28 12.80
CA ILE A 698 -40.49 -27.49 12.21
C ILE A 698 -41.44 -28.39 11.43
N ARG A 699 -40.90 -29.33 10.67
CA ARG A 699 -41.73 -30.29 9.98
C ARG A 699 -42.66 -31.00 10.96
N GLN A 700 -42.11 -31.45 12.09
CA GLN A 700 -42.91 -32.17 13.07
C GLN A 700 -44.03 -31.30 13.62
N ARG A 701 -43.73 -30.05 14.00
CA ARG A 701 -44.80 -29.20 14.51
C ARG A 701 -45.86 -28.95 13.45
N PHE A 702 -45.45 -28.78 12.20
CA PHE A 702 -46.41 -28.56 11.13
C PHE A 702 -47.32 -29.79 10.96
N LEU A 703 -46.73 -30.98 10.96
CA LEU A 703 -47.53 -32.20 10.84
C LEU A 703 -48.47 -32.37 12.02
N THR A 704 -47.99 -32.11 13.24
CA THR A 704 -48.85 -32.19 14.41
C THR A 704 -50.01 -31.21 14.29
N THR A 705 -49.75 -30.00 13.79
CA THR A 705 -50.83 -29.04 13.60
C THR A 705 -51.85 -29.56 12.61
N LEU A 706 -51.40 -30.19 11.52
CA LEU A 706 -52.36 -30.74 10.57
C LEU A 706 -53.13 -31.92 11.17
N GLU A 707 -52.46 -32.75 11.97
CA GLU A 707 -53.13 -33.86 12.63
C GLU A 707 -54.21 -33.38 13.59
N GLN A 708 -53.93 -32.27 14.31
CA GLN A 708 -54.91 -31.74 15.24
C GLN A 708 -56.22 -31.40 14.56
N LEU A 709 -56.19 -31.12 13.26
CA LEU A 709 -57.40 -30.88 12.49
C LEU A 709 -58.03 -32.15 11.95
N GLY A 710 -57.48 -33.31 12.33
CA GLY A 710 -58.08 -34.58 11.96
C GLY A 710 -57.63 -35.15 10.64
N LEU A 711 -56.57 -34.61 10.05
CA LEU A 711 -56.07 -35.09 8.77
C LEU A 711 -54.86 -35.99 9.00
N GLU A 712 -54.90 -37.19 8.44
CA GLU A 712 -53.80 -38.14 8.54
C GLU A 712 -52.57 -37.61 7.81
N SER A 713 -51.45 -37.52 8.53
CA SER A 713 -50.22 -36.96 7.98
C SER A 713 -49.74 -37.69 6.74
N LYS A 714 -50.05 -39.00 6.62
CA LYS A 714 -49.48 -39.78 5.53
C LYS A 714 -49.71 -39.13 4.17
N ARG A 715 -50.95 -38.72 3.90
CA ARG A 715 -51.26 -38.04 2.65
C ARG A 715 -50.39 -36.80 2.43
N VAL A 716 -50.03 -36.10 3.50
CA VAL A 716 -49.32 -34.82 3.38
C VAL A 716 -47.84 -35.07 3.13
N ASP A 717 -47.34 -34.54 2.03
CA ASP A 717 -45.92 -34.58 1.67
C ASP A 717 -45.32 -33.20 1.88
N LEU A 718 -44.43 -33.08 2.85
CA LEU A 718 -43.70 -31.84 3.12
C LEU A 718 -42.31 -31.96 2.51
N LEU A 719 -42.01 -31.09 1.54
CA LEU A 719 -40.74 -31.13 0.84
C LEU A 719 -39.87 -29.94 1.18
N PRO A 720 -38.58 -30.13 1.47
CA PRO A 720 -37.69 -28.96 1.63
C PRO A 720 -37.34 -28.33 0.29
N LEU A 721 -36.59 -27.24 0.34
CA LEU A 721 -36.19 -26.52 -0.87
C LEU A 721 -34.98 -27.18 -1.51
N ILE A 722 -34.98 -27.23 -2.84
CA ILE A 722 -33.90 -27.78 -3.63
C ILE A 722 -33.41 -26.64 -4.51
N LEU A 723 -32.23 -26.10 -4.18
CA LEU A 723 -31.70 -24.94 -4.88
C LEU A 723 -31.27 -25.26 -6.30
N PHE A 724 -32.22 -25.22 -7.24
CA PHE A 724 -31.93 -25.44 -8.65
C PHE A 724 -33.11 -24.88 -9.43
N ASN A 725 -32.86 -23.81 -10.20
CA ASN A 725 -33.92 -23.13 -10.92
C ASN A 725 -34.72 -24.09 -11.80
N HIS A 726 -34.05 -24.77 -12.73
CA HIS A 726 -34.76 -25.66 -13.65
C HIS A 726 -35.66 -26.65 -12.91
N ASP A 727 -35.08 -27.41 -11.98
CA ASP A 727 -35.89 -28.39 -11.25
C ASP A 727 -36.87 -27.73 -10.31
N HIS A 728 -36.53 -26.57 -9.75
CA HIS A 728 -37.49 -25.83 -8.93
C HIS A 728 -38.75 -25.53 -9.73
N MET A 729 -38.59 -25.05 -10.96
CA MET A 729 -39.75 -24.76 -11.78
C MET A 729 -40.47 -26.03 -12.21
N GLN A 730 -39.71 -27.07 -12.59
CA GLN A 730 -40.30 -28.33 -12.98
C GLN A 730 -41.05 -29.02 -11.83
N ALA A 731 -40.76 -28.66 -10.59
CA ALA A 731 -41.43 -29.27 -9.45
C ALA A 731 -42.95 -29.09 -9.51
N TYR A 732 -43.43 -28.10 -10.26
CA TYR A 732 -44.86 -27.96 -10.47
C TYR A 732 -45.47 -29.11 -11.26
N SER A 733 -44.65 -29.94 -11.90
CA SER A 733 -45.17 -31.16 -12.50
C SER A 733 -45.60 -32.20 -11.45
N LEU A 734 -45.27 -31.98 -10.18
CA LEU A 734 -45.66 -32.89 -9.12
C LEU A 734 -47.03 -32.59 -8.54
N MET A 735 -47.67 -31.50 -8.96
CA MET A 735 -48.93 -31.06 -8.39
C MET A 735 -49.95 -30.87 -9.50
N ASP A 736 -51.21 -30.72 -9.10
CA ASP A 736 -52.32 -30.52 -10.02
C ASP A 736 -53.07 -29.22 -9.81
N ILE A 737 -53.27 -28.81 -8.56
CA ILE A 737 -54.02 -27.59 -8.25
C ILE A 737 -53.26 -26.85 -7.16
N SER A 738 -52.87 -25.62 -7.43
CA SER A 738 -52.24 -24.77 -6.43
C SER A 738 -53.30 -24.11 -5.55
N LEU A 739 -53.07 -24.13 -4.24
CA LEU A 739 -53.92 -23.44 -3.28
C LEU A 739 -53.15 -22.22 -2.78
N ASP A 740 -53.66 -21.04 -3.09
CA ASP A 740 -53.00 -19.82 -2.62
C ASP A 740 -53.23 -19.61 -1.13
N THR A 741 -52.28 -18.91 -0.52
CA THR A 741 -52.33 -18.57 0.90
C THR A 741 -53.01 -17.23 1.11
N PHE A 742 -53.47 -17.01 2.32
CA PHE A 742 -54.11 -15.76 2.70
C PHE A 742 -53.80 -15.50 4.17
N PRO A 743 -53.84 -14.25 4.62
CA PRO A 743 -54.20 -13.01 3.93
C PRO A 743 -53.06 -12.41 3.10
N TYR A 744 -52.01 -13.16 2.85
CA TYR A 744 -50.88 -12.71 2.05
C TYR A 744 -50.83 -13.60 0.83
N ALA A 745 -51.51 -13.20 -0.24
CA ALA A 745 -51.52 -14.02 -1.44
C ALA A 745 -50.11 -14.17 -1.98
N GLY A 746 -49.89 -15.25 -2.72
CA GLY A 746 -48.70 -15.34 -3.54
C GLY A 746 -48.71 -14.34 -4.68
N THR A 747 -47.52 -14.07 -5.20
CA THR A 747 -47.41 -13.24 -6.39
C THR A 747 -46.59 -13.94 -7.47
N THR A 748 -45.31 -14.18 -7.19
CA THR A 748 -44.48 -14.95 -8.10
C THR A 748 -44.93 -16.39 -8.19
N THR A 749 -45.30 -16.99 -7.06
CA THR A 749 -45.73 -18.38 -7.07
C THR A 749 -46.96 -18.59 -7.95
N THR A 750 -47.92 -17.65 -7.89
CA THR A 750 -49.09 -17.78 -8.74
C THR A 750 -48.72 -17.71 -10.21
N CYS A 751 -47.84 -16.77 -10.57
CA CYS A 751 -47.41 -16.66 -11.96
C CYS A 751 -46.72 -17.94 -12.42
N GLU A 752 -45.81 -18.47 -11.61
CA GLU A 752 -45.12 -19.69 -12.00
C GLU A 752 -46.09 -20.85 -12.14
N SER A 753 -47.02 -20.99 -11.20
CA SER A 753 -48.05 -22.03 -11.32
C SER A 753 -48.78 -21.91 -12.65
N LEU A 754 -49.29 -20.72 -12.95
CA LEU A 754 -50.05 -20.54 -14.19
C LEU A 754 -49.19 -20.84 -15.41
N TYR A 755 -47.93 -20.41 -15.41
CA TYR A 755 -47.07 -20.64 -16.56
C TYR A 755 -46.79 -22.13 -16.78
N MET A 756 -46.90 -22.95 -15.74
CA MET A 756 -46.72 -24.38 -15.86
C MET A 756 -48.00 -25.12 -16.21
N GLY A 757 -49.13 -24.42 -16.24
CA GLY A 757 -50.39 -25.07 -16.53
C GLY A 757 -51.10 -25.64 -15.33
N VAL A 758 -50.72 -25.25 -14.13
CA VAL A 758 -51.33 -25.75 -12.90
C VAL A 758 -52.36 -24.73 -12.44
N PRO A 759 -53.65 -25.03 -12.50
CA PRO A 759 -54.65 -24.08 -11.99
C PRO A 759 -54.35 -23.70 -10.56
N CYS A 760 -54.51 -22.42 -10.24
CA CYS A 760 -54.23 -21.90 -8.91
C CYS A 760 -55.49 -21.22 -8.39
N VAL A 761 -55.99 -21.69 -7.26
CA VAL A 761 -57.18 -21.14 -6.62
C VAL A 761 -56.75 -20.12 -5.58
N THR A 762 -57.32 -18.92 -5.66
CA THR A 762 -57.02 -17.85 -4.73
C THR A 762 -58.28 -17.42 -3.98
N MET A 763 -58.09 -16.53 -3.02
CA MET A 763 -59.19 -15.98 -2.23
C MET A 763 -59.15 -14.47 -2.31
N ALA A 764 -60.32 -13.86 -2.47
CA ALA A 764 -60.44 -12.41 -2.43
C ALA A 764 -60.58 -11.93 -0.99
N GLY A 765 -60.07 -10.73 -0.74
CA GLY A 765 -60.23 -10.12 0.56
C GLY A 765 -60.21 -8.61 0.51
N SER A 766 -59.98 -7.97 1.65
CA SER A 766 -60.13 -6.53 1.80
C SER A 766 -58.83 -5.76 1.68
N VAL A 767 -57.70 -6.44 1.44
CA VAL A 767 -56.39 -5.80 1.42
C VAL A 767 -55.66 -6.20 0.14
N HIS A 768 -54.77 -5.30 -0.31
CA HIS A 768 -54.00 -5.52 -1.53
C HIS A 768 -53.30 -6.88 -1.52
N ALA A 769 -52.57 -7.17 -0.45
CA ALA A 769 -51.81 -8.41 -0.36
C ALA A 769 -52.71 -9.61 -0.56
N HIS A 770 -53.97 -9.51 -0.16
CA HIS A 770 -54.92 -10.60 -0.34
C HIS A 770 -55.38 -10.69 -1.79
N ASN A 771 -55.62 -9.55 -2.42
CA ASN A 771 -56.23 -9.48 -3.75
C ASN A 771 -55.24 -9.57 -4.90
N VAL A 772 -53.92 -9.68 -4.64
CA VAL A 772 -52.99 -9.82 -5.75
C VAL A 772 -53.31 -11.06 -6.59
N GLY A 773 -53.60 -12.18 -5.93
CA GLY A 773 -53.95 -13.38 -6.66
C GLY A 773 -55.20 -13.20 -7.49
N VAL A 774 -56.19 -12.50 -6.94
CA VAL A 774 -57.42 -12.22 -7.70
C VAL A 774 -57.07 -11.44 -8.96
N SER A 775 -56.25 -10.40 -8.81
CA SER A 775 -55.86 -9.61 -9.97
C SER A 775 -55.24 -10.48 -11.04
N LEU A 776 -54.25 -11.31 -10.66
CA LEU A 776 -53.56 -12.10 -11.66
C LEU A 776 -54.51 -13.09 -12.34
N LEU A 777 -55.27 -13.84 -11.55
CA LEU A 777 -56.15 -14.86 -12.13
C LEU A 777 -57.19 -14.23 -13.05
N THR A 778 -57.82 -13.14 -12.60
CA THR A 778 -58.84 -12.52 -13.42
C THR A 778 -58.25 -12.01 -14.72
N LYS A 779 -57.07 -11.37 -14.66
CA LYS A 779 -56.53 -10.76 -15.87
C LYS A 779 -55.95 -11.80 -16.82
N VAL A 780 -55.55 -12.97 -16.33
CA VAL A 780 -55.16 -14.05 -17.24
C VAL A 780 -56.36 -14.75 -17.85
N GLY A 781 -57.57 -14.49 -17.37
CA GLY A 781 -58.77 -15.05 -17.94
C GLY A 781 -59.36 -16.23 -17.21
N LEU A 782 -58.92 -16.49 -15.97
CA LEU A 782 -59.41 -17.62 -15.17
C LEU A 782 -60.24 -17.13 -13.99
N GLY A 783 -60.96 -16.01 -14.16
CA GLY A 783 -61.71 -15.43 -13.07
C GLY A 783 -62.69 -16.38 -12.42
N HIS A 784 -63.02 -17.49 -13.08
CA HIS A 784 -63.87 -18.49 -12.45
C HIS A 784 -63.16 -19.26 -11.35
N LEU A 785 -61.85 -19.08 -11.18
CA LEU A 785 -61.10 -19.69 -10.09
C LEU A 785 -60.85 -18.73 -8.93
N VAL A 786 -61.56 -17.61 -8.86
CA VAL A 786 -61.43 -16.66 -7.77
C VAL A 786 -62.57 -16.88 -6.79
N ALA A 787 -62.25 -17.40 -5.62
CA ALA A 787 -63.23 -17.53 -4.56
C ALA A 787 -63.44 -16.19 -3.87
N LYS A 788 -64.66 -16.00 -3.36
CA LYS A 788 -64.98 -14.83 -2.55
C LYS A 788 -64.88 -15.08 -1.06
N ASN A 789 -65.14 -16.31 -0.62
CA ASN A 789 -65.12 -16.67 0.79
C ASN A 789 -64.59 -18.09 0.92
N GLU A 790 -64.43 -18.54 2.16
CA GLU A 790 -63.85 -19.85 2.40
C GLU A 790 -64.72 -20.95 1.80
N ASP A 791 -66.04 -20.77 1.87
CA ASP A 791 -66.95 -21.80 1.37
C ASP A 791 -66.88 -21.90 -0.15
N GLU A 792 -66.87 -20.76 -0.83
CA GLU A 792 -66.68 -20.78 -2.28
C GLU A 792 -65.30 -21.30 -2.64
N TYR A 793 -64.30 -21.02 -1.82
CA TYR A 793 -62.96 -21.55 -2.04
C TYR A 793 -62.98 -23.07 -2.02
N VAL A 794 -63.64 -23.65 -1.02
CA VAL A 794 -63.76 -25.11 -0.94
C VAL A 794 -64.54 -25.63 -2.14
N GLN A 795 -65.64 -24.97 -2.48
CA GLN A 795 -66.48 -25.46 -3.58
C GLN A 795 -65.71 -25.46 -4.88
N LEU A 796 -64.98 -24.39 -5.17
CA LEU A 796 -64.19 -24.32 -6.40
C LEU A 796 -63.12 -25.41 -6.41
N SER A 797 -62.46 -25.65 -5.28
CA SER A 797 -61.44 -26.69 -5.27
C SER A 797 -62.06 -28.06 -5.52
N VAL A 798 -63.20 -28.33 -4.91
CA VAL A 798 -63.87 -29.62 -5.11
C VAL A 798 -64.30 -29.76 -6.56
N ASP A 799 -64.82 -28.68 -7.15
CA ASP A 799 -65.25 -28.73 -8.54
C ASP A 799 -64.08 -29.04 -9.47
N LEU A 800 -62.95 -28.37 -9.25
CA LEU A 800 -61.76 -28.70 -10.04
C LEU A 800 -61.36 -30.15 -9.85
N ALA A 801 -61.46 -30.66 -8.62
CA ALA A 801 -61.05 -32.03 -8.34
C ALA A 801 -62.00 -33.06 -8.95
N SER A 802 -63.26 -32.69 -9.19
CA SER A 802 -64.25 -33.67 -9.64
C SER A 802 -64.06 -34.08 -11.10
N ASP A 803 -63.46 -33.22 -11.92
CA ASP A 803 -63.26 -33.49 -13.35
C ASP A 803 -61.78 -33.49 -13.66
N VAL A 804 -61.34 -34.49 -14.41
CA VAL A 804 -59.92 -34.68 -14.69
C VAL A 804 -59.58 -34.50 -16.16
N THR A 805 -60.51 -34.82 -17.08
CA THR A 805 -60.22 -34.63 -18.50
C THR A 805 -60.23 -33.15 -18.86
N ALA A 806 -61.23 -32.42 -18.39
CA ALA A 806 -61.23 -30.97 -18.58
C ALA A 806 -60.01 -30.35 -17.90
N LEU A 807 -59.64 -30.87 -16.73
CA LEU A 807 -58.43 -30.41 -16.07
C LEU A 807 -57.21 -30.61 -16.94
N SER A 808 -57.11 -31.76 -17.60
CA SER A 808 -55.98 -32.01 -18.49
C SER A 808 -55.98 -31.06 -19.68
N LYS A 809 -57.14 -30.82 -20.27
CA LYS A 809 -57.21 -29.88 -21.38
C LYS A 809 -56.79 -28.49 -20.93
N LEU A 810 -57.24 -28.07 -19.75
CA LEU A 810 -56.84 -26.77 -19.20
C LEU A 810 -55.34 -26.71 -19.02
N ARG A 811 -54.76 -27.73 -18.38
CA ARG A 811 -53.31 -27.77 -18.19
C ARG A 811 -52.59 -27.62 -19.53
N MET A 812 -53.03 -28.38 -20.55
CA MET A 812 -52.37 -28.33 -21.85
C MET A 812 -52.57 -27.00 -22.57
N SER A 813 -53.61 -26.24 -22.23
CA SER A 813 -53.85 -24.96 -22.88
C SER A 813 -53.27 -23.77 -22.12
N LEU A 814 -53.01 -23.92 -20.82
CA LEU A 814 -52.77 -22.77 -19.96
C LEU A 814 -51.51 -22.00 -20.36
N ARG A 815 -50.44 -22.70 -20.76
CA ARG A 815 -49.24 -21.96 -21.13
C ARG A 815 -49.52 -21.00 -22.29
N ASP A 816 -50.21 -21.49 -23.31
CA ASP A 816 -50.49 -20.65 -24.47
C ASP A 816 -51.49 -19.55 -24.11
N LEU A 817 -52.50 -19.90 -23.31
CA LEU A 817 -53.45 -18.90 -22.86
C LEU A 817 -52.75 -17.78 -22.12
N MET A 818 -51.84 -18.12 -21.21
CA MET A 818 -51.11 -17.10 -20.45
C MET A 818 -50.20 -16.29 -21.35
N ALA A 819 -49.51 -16.94 -22.28
CA ALA A 819 -48.62 -16.21 -23.17
C ALA A 819 -49.41 -15.20 -24.00
N GLY A 820 -50.61 -15.57 -24.43
CA GLY A 820 -51.47 -14.63 -25.12
C GLY A 820 -52.15 -13.60 -24.25
N SER A 821 -52.02 -13.72 -22.93
CA SER A 821 -52.73 -12.84 -22.01
C SER A 821 -51.98 -11.52 -21.83
N PRO A 822 -52.59 -10.57 -21.14
CA PRO A 822 -51.86 -9.35 -20.76
C PRO A 822 -50.68 -9.62 -19.83
N VAL A 823 -50.69 -10.72 -19.09
CA VAL A 823 -49.62 -10.99 -18.15
C VAL A 823 -48.28 -11.19 -18.84
N CYS A 824 -48.28 -11.61 -20.11
CA CYS A 824 -47.06 -11.79 -20.86
C CYS A 824 -46.94 -10.83 -22.04
N ASN A 825 -47.81 -9.83 -22.15
CA ASN A 825 -47.78 -8.88 -23.25
C ASN A 825 -46.92 -7.71 -22.82
N GLY A 826 -45.61 -7.92 -22.90
CA GLY A 826 -44.64 -6.93 -22.49
C GLY A 826 -44.83 -5.57 -23.14
N PRO A 827 -45.00 -5.52 -24.45
CA PRO A 827 -45.19 -4.22 -25.11
C PRO A 827 -46.41 -3.46 -24.62
N SER A 828 -47.56 -4.12 -24.49
CA SER A 828 -48.76 -3.42 -24.04
C SER A 828 -48.58 -2.91 -22.61
N PHE A 829 -47.99 -3.73 -21.74
CA PHE A 829 -47.71 -3.26 -20.40
C PHE A 829 -46.80 -2.05 -20.42
N ALA A 830 -45.76 -2.08 -21.25
CA ALA A 830 -44.85 -0.95 -21.32
C ALA A 830 -45.58 0.31 -21.75
N VAL A 831 -46.46 0.21 -22.74
CA VAL A 831 -47.21 1.37 -23.19
C VAL A 831 -48.08 1.92 -22.07
N GLY A 832 -48.78 1.03 -21.37
CA GLY A 832 -49.61 1.49 -20.26
C GLY A 832 -48.80 2.14 -19.16
N LEU A 833 -47.68 1.53 -18.79
CA LEU A 833 -46.84 2.07 -17.73
C LEU A 833 -46.24 3.41 -18.11
N GLU A 834 -45.81 3.55 -19.37
CA GLU A 834 -45.30 4.83 -19.83
C GLU A 834 -46.39 5.90 -19.80
N SER A 835 -47.61 5.54 -20.20
CA SER A 835 -48.70 6.50 -20.11
C SER A 835 -48.95 6.92 -18.67
N ALA A 836 -48.90 5.97 -17.75
CA ALA A 836 -49.05 6.31 -16.32
C ALA A 836 -47.96 7.29 -15.89
N TYR A 837 -46.71 7.00 -16.27
CA TYR A 837 -45.61 7.89 -15.91
C TYR A 837 -45.83 9.29 -16.49
N ARG A 838 -46.27 9.36 -17.75
CA ARG A 838 -46.53 10.66 -18.36
C ARG A 838 -47.61 11.42 -17.60
N ASN A 839 -48.66 10.72 -17.16
CA ASN A 839 -49.70 11.39 -16.40
C ASN A 839 -49.14 11.92 -15.08
N MET A 840 -48.31 11.11 -14.41
CA MET A 840 -47.66 11.58 -13.19
C MET A 840 -46.82 12.84 -13.46
N TRP A 841 -46.09 12.83 -14.57
CA TRP A 841 -45.25 13.98 -14.90
C TRP A 841 -46.08 15.23 -15.16
N LYS A 842 -47.16 15.10 -15.92
CA LYS A 842 -48.03 16.24 -16.15
C LYS A 842 -48.62 16.75 -14.84
N LYS A 843 -49.01 15.84 -13.95
CA LYS A 843 -49.48 16.26 -12.64
C LYS A 843 -48.41 17.08 -11.93
N TYR A 844 -47.15 16.60 -11.96
CA TYR A 844 -46.07 17.35 -11.34
C TYR A 844 -45.96 18.75 -11.91
N CYS A 845 -46.02 18.88 -13.23
CA CYS A 845 -45.87 20.19 -13.85
C CYS A 845 -46.95 21.16 -13.40
N LYS A 846 -48.15 20.68 -13.13
CA LYS A 846 -49.21 21.55 -12.62
C LYS A 846 -49.03 21.79 -11.12
N PRO B 146 -31.96 -47.34 -15.39
CA PRO B 146 -31.08 -47.48 -14.22
C PRO B 146 -30.02 -48.55 -14.42
N ALA B 147 -30.38 -49.63 -15.11
CA ALA B 147 -29.41 -50.69 -15.39
C ALA B 147 -28.31 -50.18 -16.30
N ALA B 148 -28.66 -49.38 -17.30
CA ALA B 148 -27.64 -48.81 -18.18
C ALA B 148 -26.70 -47.90 -17.40
N GLU B 149 -27.25 -47.05 -16.53
CA GLU B 149 -26.43 -46.16 -15.72
C GLU B 149 -25.48 -46.96 -14.83
N CYS B 150 -25.99 -47.99 -14.15
CA CYS B 150 -25.14 -48.79 -13.27
C CYS B 150 -24.07 -49.51 -14.08
N LEU B 151 -24.41 -50.00 -15.27
CA LEU B 151 -23.43 -50.67 -16.11
C LEU B 151 -22.33 -49.69 -16.55
N ALA B 152 -22.72 -48.47 -16.92
CA ALA B 152 -21.72 -47.47 -17.29
C ALA B 152 -20.82 -47.15 -16.12
N ILE B 153 -21.39 -47.04 -14.91
CA ILE B 153 -20.57 -46.79 -13.72
C ILE B 153 -19.57 -47.92 -13.53
N VAL B 154 -20.04 -49.16 -13.59
CA VAL B 154 -19.16 -50.29 -13.34
C VAL B 154 -18.08 -50.38 -14.40
N LEU B 155 -18.43 -50.11 -15.66
CA LEU B 155 -17.44 -50.11 -16.74
C LEU B 155 -16.41 -49.01 -16.54
N THR B 156 -16.84 -47.85 -16.04
CA THR B 156 -15.88 -46.78 -15.77
C THR B 156 -14.94 -47.16 -14.62
N ASP B 157 -15.47 -47.81 -13.58
CA ASP B 157 -14.61 -48.29 -12.51
C ASP B 157 -13.61 -49.33 -13.01
N LEU B 158 -14.08 -50.24 -13.87
CA LEU B 158 -13.19 -51.21 -14.49
C LEU B 158 -12.09 -50.51 -15.29
N GLY B 159 -12.48 -49.52 -16.09
CA GLY B 159 -11.49 -48.78 -16.85
C GLY B 159 -10.47 -48.08 -15.97
N THR B 160 -10.92 -47.50 -14.85
CA THR B 160 -10.00 -46.85 -13.94
C THR B 160 -9.04 -47.85 -13.31
N SER B 161 -9.54 -49.01 -12.91
CA SER B 161 -8.66 -50.06 -12.39
C SER B 161 -7.64 -50.48 -13.45
N LEU B 162 -8.09 -50.65 -14.69
CA LEU B 162 -7.19 -51.04 -15.77
C LEU B 162 -6.12 -49.98 -16.00
N LYS B 163 -6.51 -48.70 -15.99
CA LYS B 163 -5.54 -47.62 -16.08
C LYS B 163 -4.52 -47.72 -14.96
N LEU B 164 -4.98 -47.90 -13.73
CA LEU B 164 -4.05 -48.02 -12.60
C LEU B 164 -3.20 -49.27 -12.72
N ALA B 165 -3.73 -50.32 -13.36
CA ALA B 165 -2.97 -51.52 -13.66
C ALA B 165 -2.04 -51.35 -14.85
N GLY B 166 -2.08 -50.20 -15.53
CA GLY B 166 -1.28 -49.97 -16.71
C GLY B 166 -1.94 -50.34 -18.02
N ASN B 167 -3.16 -50.89 -17.97
CA ASN B 167 -3.89 -51.24 -19.19
C ASN B 167 -4.68 -50.02 -19.69
N THR B 168 -3.93 -48.96 -19.99
CA THR B 168 -4.54 -47.68 -20.31
C THR B 168 -5.49 -47.78 -21.49
N GLN B 169 -5.09 -48.50 -22.54
CA GLN B 169 -5.93 -48.61 -23.72
C GLN B 169 -7.21 -49.37 -23.42
N GLU B 170 -7.13 -50.41 -22.60
CA GLU B 170 -8.34 -51.14 -22.21
C GLU B 170 -9.26 -50.25 -21.38
N GLY B 171 -8.70 -49.42 -20.51
CA GLY B 171 -9.50 -48.44 -19.80
C GLY B 171 -10.21 -47.48 -20.74
N ILE B 172 -9.46 -46.95 -21.72
CA ILE B 172 -10.06 -46.05 -22.70
C ILE B 172 -11.21 -46.73 -23.43
N GLN B 173 -11.01 -47.98 -23.85
CA GLN B 173 -12.07 -48.71 -24.54
C GLN B 173 -13.28 -48.90 -23.66
N LYS B 174 -13.08 -49.23 -22.38
CA LYS B 174 -14.20 -49.40 -21.47
C LYS B 174 -14.92 -48.08 -21.25
N TYR B 175 -14.19 -46.97 -21.18
CA TYR B 175 -14.83 -45.67 -21.03
C TYR B 175 -15.66 -45.34 -22.26
N TYR B 176 -15.15 -45.65 -23.46
CA TYR B 176 -15.93 -45.42 -24.66
C TYR B 176 -17.18 -46.30 -24.70
N GLU B 177 -17.07 -47.54 -24.20
CA GLU B 177 -18.25 -48.38 -24.08
C GLU B 177 -19.28 -47.75 -23.14
N ALA B 178 -18.81 -47.26 -22.00
CA ALA B 178 -19.69 -46.58 -21.07
C ALA B 178 -20.37 -45.38 -21.73
N LEU B 179 -19.61 -44.60 -22.48
CA LEU B 179 -20.17 -43.42 -23.14
C LEU B 179 -21.15 -43.82 -24.25
N LYS B 180 -20.99 -45.01 -24.82
CA LYS B 180 -22.02 -45.53 -25.71
C LYS B 180 -23.26 -45.93 -24.93
N ILE B 181 -23.08 -46.42 -23.70
CA ILE B 181 -24.21 -46.72 -22.83
C ILE B 181 -24.76 -45.49 -22.14
N ASP B 182 -24.02 -44.38 -22.15
CA ASP B 182 -24.46 -43.16 -21.48
C ASP B 182 -23.63 -41.97 -21.96
N PRO B 183 -24.03 -41.31 -23.05
CA PRO B 183 -23.27 -40.14 -23.52
C PRO B 183 -23.18 -38.99 -22.53
N HIS B 184 -23.81 -39.12 -21.35
CA HIS B 184 -23.87 -38.06 -20.38
C HIS B 184 -23.04 -38.34 -19.12
N TYR B 185 -22.51 -39.55 -18.96
CA TYR B 185 -21.75 -39.90 -17.76
C TYR B 185 -20.47 -39.09 -17.66
N ALA B 186 -20.53 -37.96 -16.97
CA ALA B 186 -19.38 -37.07 -16.84
C ALA B 186 -18.10 -37.75 -16.34
N PRO B 187 -18.14 -38.63 -15.34
CA PRO B 187 -16.87 -39.24 -14.89
C PRO B 187 -16.09 -39.91 -16.01
N ALA B 188 -16.78 -40.53 -16.96
CA ALA B 188 -16.08 -41.12 -18.10
C ALA B 188 -15.35 -40.04 -18.89
N TYR B 189 -16.00 -38.89 -19.09
CA TYR B 189 -15.36 -37.78 -19.79
C TYR B 189 -14.14 -37.27 -19.01
N TYR B 190 -14.25 -37.22 -17.68
CA TYR B 190 -13.12 -36.78 -16.87
C TYR B 190 -11.95 -37.74 -17.06
N ASN B 191 -12.24 -39.04 -17.00
CA ASN B 191 -11.22 -40.06 -17.21
C ASN B 191 -10.57 -39.91 -18.59
N LEU B 192 -11.39 -39.80 -19.64
CA LEU B 192 -10.84 -39.62 -20.98
C LEU B 192 -9.93 -38.41 -21.05
N GLY B 193 -10.34 -37.28 -20.47
CA GLY B 193 -9.49 -36.11 -20.48
C GLY B 193 -8.17 -36.35 -19.76
N VAL B 194 -8.23 -37.03 -18.61
CA VAL B 194 -7.01 -37.31 -17.86
C VAL B 194 -6.05 -38.16 -18.69
N VAL B 195 -6.57 -39.25 -19.27
CA VAL B 195 -5.70 -40.13 -20.06
C VAL B 195 -5.14 -39.38 -21.26
N TYR B 196 -5.98 -38.61 -21.96
CA TYR B 196 -5.50 -37.88 -23.13
C TYR B 196 -4.41 -36.90 -22.74
N SER B 197 -4.50 -36.30 -21.56
CA SER B 197 -3.42 -35.45 -21.07
C SER B 197 -2.18 -36.29 -20.82
N GLU B 198 -2.32 -37.40 -20.10
CA GLU B 198 -1.19 -38.28 -19.82
C GLU B 198 -0.38 -38.60 -21.07
N MET B 199 -1.06 -38.80 -22.20
CA MET B 199 -0.37 -39.00 -23.46
C MET B 199 0.01 -37.69 -24.14
N MET B 200 -0.14 -36.56 -23.45
CA MET B 200 0.18 -35.24 -24.01
C MET B 200 -0.66 -34.88 -25.23
N GLN B 201 -1.81 -35.55 -25.41
CA GLN B 201 -2.74 -35.19 -26.48
C GLN B 201 -3.71 -34.14 -25.97
N TYR B 202 -3.17 -32.92 -25.78
CA TYR B 202 -3.91 -31.88 -25.07
C TYR B 202 -5.19 -31.48 -25.79
N ASP B 203 -5.21 -31.54 -27.13
CA ASP B 203 -6.40 -31.09 -27.85
C ASP B 203 -7.58 -32.03 -27.60
N ASN B 204 -7.34 -33.35 -27.63
CA ASN B 204 -8.41 -34.28 -27.31
C ASN B 204 -8.86 -34.13 -25.87
N ALA B 205 -7.94 -33.91 -24.95
CA ALA B 205 -8.31 -33.68 -23.56
C ALA B 205 -9.21 -32.45 -23.44
N LEU B 206 -8.84 -31.37 -24.13
CA LEU B 206 -9.66 -30.16 -24.11
C LEU B 206 -11.06 -30.44 -24.66
N SER B 207 -11.14 -31.11 -25.81
CA SER B 207 -12.44 -31.40 -26.40
C SER B 207 -13.28 -32.26 -25.45
N CYS B 208 -12.66 -33.25 -24.81
CA CYS B 208 -13.41 -34.11 -23.90
C CYS B 208 -13.90 -33.33 -22.69
N TYR B 209 -13.03 -32.52 -22.09
CA TYR B 209 -13.50 -31.71 -20.96
C TYR B 209 -14.50 -30.65 -21.41
N GLU B 210 -14.58 -30.36 -22.71
CA GLU B 210 -15.58 -29.41 -23.17
C GLU B 210 -16.92 -30.08 -23.32
N LYS B 211 -16.93 -31.31 -23.82
CA LYS B 211 -18.16 -32.11 -23.77
C LYS B 211 -18.61 -32.30 -22.33
N ALA B 212 -17.65 -32.47 -21.41
CA ALA B 212 -17.99 -32.60 -20.00
C ALA B 212 -18.60 -31.33 -19.44
N ALA B 213 -18.08 -30.16 -19.85
CA ALA B 213 -18.69 -28.91 -19.44
C ALA B 213 -20.11 -28.79 -19.98
N LEU B 214 -20.29 -29.07 -21.28
CA LEU B 214 -21.63 -28.95 -21.87
C LEU B 214 -22.64 -29.86 -21.20
N GLU B 215 -22.30 -31.14 -21.02
CA GLU B 215 -23.25 -32.08 -20.43
C GLU B 215 -23.72 -31.60 -19.06
N ARG B 216 -22.80 -31.15 -18.21
CA ARG B 216 -23.21 -30.63 -16.91
C ARG B 216 -22.27 -29.50 -16.49
N PRO B 217 -22.79 -28.29 -16.25
CA PRO B 217 -21.92 -27.15 -15.95
C PRO B 217 -21.35 -27.12 -14.55
N MET B 218 -21.46 -28.19 -13.77
CA MET B 218 -21.04 -28.20 -12.38
C MET B 218 -19.94 -29.24 -12.13
N TYR B 219 -19.09 -29.47 -13.13
CA TYR B 219 -17.94 -30.36 -13.00
C TYR B 219 -16.72 -29.49 -12.71
N ALA B 220 -16.51 -29.18 -11.43
CA ALA B 220 -15.43 -28.27 -11.05
C ALA B 220 -14.09 -28.79 -11.55
N GLU B 221 -13.85 -30.10 -11.42
CA GLU B 221 -12.55 -30.66 -11.78
C GLU B 221 -12.24 -30.43 -13.25
N ALA B 222 -13.26 -30.51 -14.12
CA ALA B 222 -13.02 -30.29 -15.54
C ALA B 222 -12.55 -28.86 -15.80
N TYR B 223 -13.21 -27.88 -15.18
CA TYR B 223 -12.79 -26.50 -15.35
C TYR B 223 -11.39 -26.28 -14.81
N CYS B 224 -11.07 -26.87 -13.65
CA CYS B 224 -9.73 -26.75 -13.11
C CYS B 224 -8.71 -27.31 -14.10
N ASN B 225 -9.00 -28.47 -14.67
CA ASN B 225 -8.06 -29.10 -15.58
C ASN B 225 -7.89 -28.27 -16.86
N MET B 226 -8.99 -27.69 -17.36
CA MET B 226 -8.86 -26.78 -18.50
C MET B 226 -7.95 -25.61 -18.17
N GLY B 227 -8.14 -25.02 -16.98
CA GLY B 227 -7.28 -23.91 -16.60
C GLY B 227 -5.82 -24.31 -16.54
N VAL B 228 -5.53 -25.48 -15.99
CA VAL B 228 -4.15 -25.95 -15.92
C VAL B 228 -3.60 -26.15 -17.34
N ILE B 229 -4.40 -26.74 -18.22
CA ILE B 229 -3.94 -27.01 -19.58
C ILE B 229 -3.61 -25.71 -20.31
N TYR B 230 -4.52 -24.75 -20.25
CA TYR B 230 -4.27 -23.47 -20.92
C TYR B 230 -3.06 -22.75 -20.33
N LYS B 231 -2.96 -22.72 -18.99
CA LYS B 231 -1.74 -22.22 -18.37
C LYS B 231 -0.50 -22.88 -18.95
N ASN B 232 -0.54 -24.20 -19.17
CA ASN B 232 0.61 -24.90 -19.72
C ASN B 232 0.91 -24.48 -21.15
N ARG B 233 -0.12 -24.11 -21.91
CA ARG B 233 0.08 -23.70 -23.29
C ARG B 233 0.49 -22.24 -23.43
N GLY B 234 0.50 -21.48 -22.34
CA GLY B 234 0.88 -20.08 -22.35
C GLY B 234 -0.29 -19.13 -22.25
N ASP B 235 -1.46 -19.53 -22.74
CA ASP B 235 -2.65 -18.68 -22.66
C ASP B 235 -3.13 -18.58 -21.22
N LEU B 236 -3.14 -17.36 -20.68
CA LEU B 236 -3.59 -17.13 -19.32
C LEU B 236 -5.02 -16.62 -19.25
N GLU B 237 -5.54 -16.09 -20.35
CA GLU B 237 -6.93 -15.60 -20.37
C GLU B 237 -7.90 -16.75 -20.21
N MET B 238 -7.90 -17.69 -21.17
CA MET B 238 -8.76 -18.85 -21.08
C MET B 238 -8.54 -19.61 -19.77
N ALA B 239 -7.29 -19.68 -19.32
CA ALA B 239 -7.00 -20.35 -18.06
C ALA B 239 -7.73 -19.67 -16.91
N ILE B 240 -7.63 -18.35 -16.83
CA ILE B 240 -8.34 -17.61 -15.79
C ILE B 240 -9.84 -17.85 -15.90
N THR B 241 -10.38 -17.84 -17.12
CA THR B 241 -11.81 -18.07 -17.28
C THR B 241 -12.23 -19.45 -16.77
N CYS B 242 -11.44 -20.47 -17.09
CA CYS B 242 -11.77 -21.82 -16.63
C CYS B 242 -11.72 -21.90 -15.12
N TYR B 243 -10.69 -21.30 -14.50
CA TYR B 243 -10.63 -21.27 -13.05
C TYR B 243 -11.78 -20.49 -12.45
N GLU B 244 -12.21 -19.42 -13.13
CA GLU B 244 -13.35 -18.65 -12.64
C GLU B 244 -14.62 -19.50 -12.63
N ARG B 245 -14.85 -20.29 -13.68
CA ARG B 245 -15.99 -21.19 -13.65
C ARG B 245 -15.85 -22.22 -12.53
N CYS B 246 -14.65 -22.78 -12.38
CA CYS B 246 -14.43 -23.74 -11.30
C CYS B 246 -14.80 -23.15 -9.95
N LEU B 247 -14.31 -21.96 -9.65
CA LEU B 247 -14.63 -21.30 -8.40
C LEU B 247 -16.09 -20.85 -8.33
N ALA B 248 -16.74 -20.71 -9.48
CA ALA B 248 -18.16 -20.36 -9.50
C ALA B 248 -19.03 -21.55 -9.15
N VAL B 249 -18.55 -22.78 -9.37
CA VAL B 249 -19.33 -23.96 -9.05
C VAL B 249 -18.86 -24.52 -7.72
N SER B 250 -17.57 -24.40 -7.43
CA SER B 250 -16.98 -24.84 -6.17
C SER B 250 -16.10 -23.72 -5.64
N PRO B 251 -16.62 -22.86 -4.75
CA PRO B 251 -15.80 -21.72 -4.29
C PRO B 251 -14.64 -22.11 -3.39
N ASN B 252 -14.82 -23.09 -2.51
CA ASN B 252 -13.79 -23.48 -1.54
C ASN B 252 -12.83 -24.53 -2.08
N PHE B 253 -12.57 -24.54 -3.39
CA PHE B 253 -11.69 -25.51 -4.02
C PHE B 253 -10.25 -25.01 -3.93
N GLU B 254 -9.56 -25.42 -2.88
CA GLU B 254 -8.24 -24.85 -2.57
C GLU B 254 -7.28 -24.95 -3.76
N ILE B 255 -7.29 -26.07 -4.47
CA ILE B 255 -6.40 -26.22 -5.62
C ILE B 255 -6.70 -25.17 -6.67
N ALA B 256 -7.99 -24.93 -6.92
CA ALA B 256 -8.35 -23.95 -7.95
C ALA B 256 -8.01 -22.54 -7.49
N LYS B 257 -8.09 -22.27 -6.19
CA LYS B 257 -7.67 -20.98 -5.68
C LYS B 257 -6.18 -20.78 -5.88
N ASN B 258 -5.38 -21.76 -5.48
CA ASN B 258 -3.93 -21.67 -5.68
C ASN B 258 -3.59 -21.44 -7.15
N ASN B 259 -4.18 -22.24 -8.05
CA ASN B 259 -3.86 -22.10 -9.46
C ASN B 259 -4.33 -20.76 -10.01
N MET B 260 -5.48 -20.28 -9.55
CA MET B 260 -5.94 -18.95 -9.95
C MET B 260 -4.95 -17.89 -9.50
N ALA B 261 -4.42 -18.02 -8.29
CA ALA B 261 -3.43 -17.07 -7.82
C ALA B 261 -2.17 -17.10 -8.68
N ILE B 262 -1.71 -18.31 -9.03
CA ILE B 262 -0.53 -18.43 -9.88
C ILE B 262 -0.78 -17.73 -11.22
N ALA B 263 -1.90 -18.05 -11.86
CA ALA B 263 -2.20 -17.48 -13.17
C ALA B 263 -2.34 -15.98 -13.08
N LEU B 264 -2.98 -15.48 -12.04
CA LEU B 264 -3.15 -14.04 -11.87
C LEU B 264 -1.80 -13.36 -11.68
N THR B 265 -0.88 -14.00 -10.97
CA THR B 265 0.43 -13.40 -10.77
C THR B 265 1.22 -13.37 -12.08
N ASP B 266 1.18 -14.47 -12.84
CA ASP B 266 1.86 -14.48 -14.14
C ASP B 266 1.27 -13.41 -15.06
N LEU B 267 -0.06 -13.29 -15.08
CA LEU B 267 -0.69 -12.29 -15.93
C LEU B 267 -0.32 -10.87 -15.49
N GLY B 268 -0.30 -10.62 -14.18
CA GLY B 268 0.13 -9.31 -13.71
C GLY B 268 1.56 -9.01 -14.10
N THR B 269 2.42 -10.03 -14.06
CA THR B 269 3.80 -9.82 -14.47
C THR B 269 3.87 -9.47 -15.95
N LYS B 270 3.09 -10.19 -16.77
CA LYS B 270 3.07 -9.89 -18.20
C LYS B 270 2.60 -8.47 -18.46
N VAL B 271 1.44 -8.10 -17.89
CA VAL B 271 0.89 -6.77 -18.12
C VAL B 271 1.85 -5.68 -17.63
N LYS B 272 2.49 -5.91 -16.48
CA LYS B 272 3.48 -4.95 -16.00
C LYS B 272 4.63 -4.83 -16.98
N LEU B 273 5.08 -5.95 -17.54
CA LEU B 273 6.17 -5.92 -18.51
C LEU B 273 5.78 -5.14 -19.76
N GLU B 274 4.48 -4.99 -20.01
CA GLU B 274 4.02 -4.22 -21.16
C GLU B 274 3.97 -2.73 -20.88
N GLY B 275 4.02 -2.32 -19.62
CA GLY B 275 3.99 -0.90 -19.28
C GLY B 275 2.97 -0.54 -18.22
N ASP B 276 1.83 -1.23 -18.22
CA ASP B 276 0.76 -0.96 -17.25
C ASP B 276 1.14 -1.59 -15.92
N VAL B 277 1.72 -0.78 -15.02
CA VAL B 277 2.12 -1.28 -13.72
C VAL B 277 0.95 -1.34 -12.76
N THR B 278 0.00 -0.40 -12.87
CA THR B 278 -1.15 -0.42 -11.97
C THR B 278 -1.97 -1.68 -12.16
N GLN B 279 -2.18 -2.11 -13.41
CA GLN B 279 -2.92 -3.34 -13.64
C GLN B 279 -2.14 -4.55 -13.13
N GLY B 280 -0.82 -4.53 -13.25
CA GLY B 280 -0.03 -5.58 -12.62
C GLY B 280 -0.26 -5.65 -11.13
N VAL B 281 -0.24 -4.50 -10.46
CA VAL B 281 -0.52 -4.48 -9.02
C VAL B 281 -1.92 -5.01 -8.74
N ALA B 282 -2.89 -4.65 -9.56
CA ALA B 282 -4.25 -5.13 -9.37
C ALA B 282 -4.31 -6.65 -9.47
N TYR B 283 -3.62 -7.22 -10.46
CA TYR B 283 -3.59 -8.68 -10.59
C TYR B 283 -2.88 -9.31 -9.40
N TYR B 284 -1.80 -8.72 -8.92
CA TYR B 284 -1.14 -9.28 -7.74
C TYR B 284 -2.05 -9.26 -6.52
N LYS B 285 -2.81 -8.18 -6.35
CA LYS B 285 -3.75 -8.13 -5.23
C LYS B 285 -4.85 -9.18 -5.39
N LYS B 286 -5.36 -9.35 -6.62
CA LYS B 286 -6.34 -10.41 -6.84
C LYS B 286 -5.74 -11.77 -6.52
N ALA B 287 -4.46 -11.96 -6.83
CA ALA B 287 -3.77 -13.18 -6.45
C ALA B 287 -3.77 -13.34 -4.93
N LEU B 288 -3.38 -12.29 -4.22
CA LEU B 288 -3.38 -12.35 -2.76
C LEU B 288 -4.79 -12.49 -2.19
N TYR B 289 -5.81 -12.44 -3.04
CA TYR B 289 -7.15 -12.69 -2.56
C TYR B 289 -7.40 -14.18 -2.39
N TYR B 290 -7.12 -14.98 -3.42
CA TYR B 290 -7.35 -16.41 -3.31
C TYR B 290 -6.24 -17.13 -2.57
N ASN B 291 -5.02 -16.59 -2.58
CA ASN B 291 -3.89 -17.17 -1.86
C ASN B 291 -3.20 -16.05 -1.10
N TRP B 292 -3.73 -15.70 0.07
CA TRP B 292 -3.18 -14.60 0.84
C TRP B 292 -1.73 -14.84 1.27
N HIS B 293 -1.26 -16.09 1.25
CA HIS B 293 0.12 -16.38 1.60
C HIS B 293 0.98 -16.76 0.39
N TYR B 294 0.55 -16.38 -0.81
CA TYR B 294 1.34 -16.63 -2.03
C TYR B 294 2.53 -15.69 -2.05
N ALA B 295 3.68 -16.17 -1.59
CA ALA B 295 4.85 -15.31 -1.44
C ALA B 295 5.21 -14.59 -2.74
N ASP B 296 5.01 -15.23 -3.89
CA ASP B 296 5.42 -14.60 -5.15
C ASP B 296 4.63 -13.34 -5.42
N ALA B 297 3.34 -13.33 -5.08
CA ALA B 297 2.55 -12.12 -5.26
C ALA B 297 3.07 -10.99 -4.36
N MET B 298 3.45 -11.33 -3.13
CA MET B 298 4.01 -10.32 -2.24
C MET B 298 5.33 -9.79 -2.75
N TYR B 299 6.22 -10.67 -3.19
CA TYR B 299 7.50 -10.23 -3.75
C TYR B 299 7.29 -9.33 -4.96
N ASN B 300 6.41 -9.73 -5.87
CA ASN B 300 6.17 -8.92 -7.06
C ASN B 300 5.53 -7.60 -6.71
N LEU B 301 4.67 -7.57 -5.69
CA LEU B 301 4.15 -6.30 -5.18
C LEU B 301 5.28 -5.44 -4.64
N GLY B 302 6.23 -6.05 -3.92
CA GLY B 302 7.39 -5.30 -3.47
C GLY B 302 8.15 -4.68 -4.63
N VAL B 303 8.36 -5.47 -5.68
CA VAL B 303 9.04 -4.95 -6.87
C VAL B 303 8.27 -3.76 -7.45
N ALA B 304 6.96 -3.93 -7.64
CA ALA B 304 6.17 -2.87 -8.24
C ALA B 304 6.18 -1.61 -7.38
N TYR B 305 6.06 -1.77 -6.06
CA TYR B 305 6.11 -0.62 -5.16
C TYR B 305 7.47 0.04 -5.17
N GLY B 306 8.54 -0.74 -5.32
CA GLY B 306 9.84 -0.13 -5.51
C GLY B 306 9.87 0.73 -6.76
N GLU B 307 9.33 0.21 -7.86
CA GLU B 307 9.18 1.02 -9.06
C GLU B 307 8.25 2.20 -8.82
N MET B 308 7.23 2.04 -7.97
CA MET B 308 6.33 3.12 -7.63
C MET B 308 6.91 4.09 -6.60
N LEU B 309 8.02 3.74 -5.96
CA LEU B 309 8.70 4.57 -4.96
C LEU B 309 7.98 4.59 -3.62
N LYS B 310 7.11 3.60 -3.36
CA LYS B 310 6.46 3.48 -2.06
C LYS B 310 7.33 2.59 -1.16
N PHE B 311 8.49 3.14 -0.82
CA PHE B 311 9.56 2.33 -0.23
C PHE B 311 9.13 1.66 1.06
N ASP B 312 8.31 2.32 1.88
CA ASP B 312 7.86 1.67 3.11
C ASP B 312 7.02 0.44 2.82
N MET B 313 6.09 0.56 1.87
CA MET B 313 5.28 -0.59 1.50
C MET B 313 6.14 -1.66 0.83
N ALA B 314 7.11 -1.24 0.02
CA ALA B 314 8.01 -2.21 -0.59
C ALA B 314 8.75 -3.01 0.46
N ILE B 315 9.24 -2.32 1.51
CA ILE B 315 9.90 -3.02 2.61
C ILE B 315 8.95 -4.01 3.25
N VAL B 316 7.74 -3.58 3.58
CA VAL B 316 6.79 -4.47 4.22
C VAL B 316 6.57 -5.71 3.36
N PHE B 317 6.37 -5.50 2.06
CA PHE B 317 6.01 -6.61 1.19
C PHE B 317 7.19 -7.54 0.94
N TYR B 318 8.41 -7.00 0.90
CA TYR B 318 9.59 -7.87 0.81
C TYR B 318 9.77 -8.69 2.09
N GLU B 319 9.55 -8.07 3.24
CA GLU B 319 9.66 -8.82 4.49
C GLU B 319 8.61 -9.93 4.55
N LEU B 320 7.38 -9.62 4.13
CA LEU B 320 6.35 -10.65 4.10
C LEU B 320 6.68 -11.74 3.09
N ALA B 321 7.22 -11.37 1.94
CA ALA B 321 7.64 -12.36 0.95
C ALA B 321 8.65 -13.31 1.55
N PHE B 322 9.63 -12.77 2.27
CA PHE B 322 10.61 -13.61 2.94
C PHE B 322 9.93 -14.49 3.99
N HIS B 323 9.03 -13.92 4.79
CA HIS B 323 8.33 -14.69 5.81
C HIS B 323 7.53 -15.85 5.24
N PHE B 324 6.99 -15.71 4.04
CA PHE B 324 6.18 -16.78 3.47
C PHE B 324 6.96 -17.63 2.49
N ASN B 325 8.23 -17.33 2.28
CA ASN B 325 9.08 -18.07 1.37
C ASN B 325 10.50 -17.64 1.68
N PRO B 326 11.21 -18.33 2.58
CA PRO B 326 12.55 -17.88 2.95
C PRO B 326 13.58 -18.10 1.86
N HIS B 327 13.27 -18.85 0.81
CA HIS B 327 14.22 -19.11 -0.26
C HIS B 327 14.31 -17.94 -1.24
N CYS B 328 13.36 -17.01 -1.20
CA CYS B 328 13.33 -15.84 -2.08
C CYS B 328 14.51 -14.93 -1.77
N ALA B 329 15.69 -15.33 -2.25
CA ALA B 329 16.89 -14.53 -2.02
C ALA B 329 16.77 -13.17 -2.69
N GLU B 330 16.03 -13.09 -3.80
CA GLU B 330 15.84 -11.83 -4.49
C GLU B 330 15.16 -10.81 -3.58
N ALA B 331 14.12 -11.23 -2.86
CA ALA B 331 13.46 -10.34 -1.92
C ALA B 331 14.46 -9.81 -0.89
N CYS B 332 15.24 -10.70 -0.29
CA CYS B 332 16.26 -10.26 0.66
C CYS B 332 17.15 -9.18 0.05
N ASN B 333 17.67 -9.45 -1.14
CA ASN B 333 18.55 -8.48 -1.80
C ASN B 333 17.86 -7.14 -1.99
N ASN B 334 16.63 -7.15 -2.51
CA ASN B 334 15.94 -5.89 -2.75
C ASN B 334 15.67 -5.15 -1.45
N LEU B 335 15.34 -5.89 -0.40
CA LEU B 335 15.12 -5.28 0.91
C LEU B 335 16.38 -4.59 1.40
N GLY B 336 17.51 -5.29 1.28
CA GLY B 336 18.77 -4.70 1.69
C GLY B 336 19.06 -3.43 0.91
N VAL B 337 18.84 -3.47 -0.41
CA VAL B 337 19.05 -2.28 -1.23
C VAL B 337 18.21 -1.12 -0.71
N LEU B 338 16.90 -1.36 -0.51
CA LEU B 338 16.04 -0.32 0.05
C LEU B 338 16.58 0.22 1.36
N TYR B 339 17.17 -0.64 2.19
CA TYR B 339 17.67 -0.17 3.48
C TYR B 339 18.95 0.64 3.30
N LYS B 340 19.81 0.21 2.38
CA LYS B 340 21.02 0.97 2.07
C LYS B 340 20.66 2.37 1.59
N ASP B 341 19.63 2.49 0.76
CA ASP B 341 19.24 3.80 0.27
C ASP B 341 18.75 4.72 1.37
N ARG B 342 18.46 4.17 2.55
CA ARG B 342 18.06 4.95 3.71
C ARG B 342 19.19 5.12 4.71
N ASP B 343 20.44 4.91 4.27
CA ASP B 343 21.62 5.09 5.09
C ASP B 343 21.62 4.19 6.32
N ASN B 344 20.84 3.12 6.30
CA ASN B 344 20.85 2.12 7.37
C ASN B 344 21.73 0.95 6.95
N LEU B 345 23.04 1.21 6.96
CA LEU B 345 23.98 0.26 6.38
C LEU B 345 23.99 -1.07 7.12
N ASP B 346 23.78 -1.09 8.44
CA ASP B 346 23.90 -2.34 9.16
C ASP B 346 22.81 -3.32 8.75
N LYS B 347 21.57 -2.84 8.64
CA LYS B 347 20.48 -3.70 8.22
C LYS B 347 20.68 -4.17 6.78
N ALA B 348 21.10 -3.28 5.90
CA ALA B 348 21.40 -3.66 4.52
C ALA B 348 22.44 -4.78 4.48
N VAL B 349 23.50 -4.65 5.27
CA VAL B 349 24.52 -5.70 5.31
C VAL B 349 23.89 -7.01 5.77
N GLU B 350 23.07 -6.97 6.82
CA GLU B 350 22.40 -8.19 7.28
C GLU B 350 21.60 -8.81 6.14
N CYS B 351 20.83 -7.99 5.43
CA CYS B 351 19.99 -8.50 4.36
C CYS B 351 20.81 -9.16 3.26
N TYR B 352 21.91 -8.52 2.86
CA TYR B 352 22.75 -9.10 1.82
C TYR B 352 23.42 -10.38 2.30
N GLN B 353 23.85 -10.42 3.56
CA GLN B 353 24.45 -11.65 4.06
C GLN B 353 23.44 -12.78 4.07
N MET B 354 22.16 -12.47 4.31
CA MET B 354 21.14 -13.51 4.25
C MET B 354 20.93 -13.96 2.80
N ALA B 355 20.79 -13.01 1.89
CA ALA B 355 20.65 -13.35 0.47
C ALA B 355 21.77 -14.26 0.02
N LEU B 356 22.99 -13.99 0.47
CA LEU B 356 24.12 -14.82 0.09
C LEU B 356 24.14 -16.16 0.82
N SER B 357 23.58 -16.20 2.04
CA SER B 357 23.46 -17.48 2.72
C SER B 357 22.47 -18.39 2.01
N ILE B 358 21.49 -17.82 1.31
CA ILE B 358 20.54 -18.63 0.55
C ILE B 358 21.09 -18.98 -0.83
N LYS B 359 21.55 -17.97 -1.58
CA LYS B 359 22.17 -18.18 -2.88
C LYS B 359 23.61 -17.68 -2.82
N PRO B 360 24.60 -18.55 -2.67
CA PRO B 360 25.98 -18.05 -2.55
C PRO B 360 26.51 -17.35 -3.79
N ASN B 361 26.10 -17.78 -4.99
CA ASN B 361 26.55 -17.18 -6.24
C ASN B 361 25.59 -16.12 -6.77
N PHE B 362 24.83 -15.46 -5.91
CA PHE B 362 23.96 -14.38 -6.37
C PHE B 362 24.84 -13.17 -6.72
N ALA B 363 25.04 -12.95 -8.02
CA ALA B 363 25.95 -11.90 -8.44
C ALA B 363 25.49 -10.53 -7.99
N GLN B 364 24.18 -10.25 -8.10
CA GLN B 364 23.69 -8.93 -7.68
C GLN B 364 23.97 -8.68 -6.21
N SER B 365 23.72 -9.67 -5.36
CA SER B 365 23.98 -9.48 -3.93
C SER B 365 25.47 -9.31 -3.68
N LEU B 366 26.30 -10.04 -4.42
CA LEU B 366 27.75 -9.87 -4.27
C LEU B 366 28.16 -8.44 -4.59
N ASN B 367 27.67 -7.90 -5.71
CA ASN B 367 27.97 -6.53 -6.07
C ASN B 367 27.49 -5.54 -5.02
N ASN B 368 26.24 -5.70 -4.58
CA ASN B 368 25.67 -4.74 -3.62
C ASN B 368 26.41 -4.77 -2.30
N LEU B 369 26.74 -5.97 -1.81
CA LEU B 369 27.51 -6.06 -0.57
C LEU B 369 28.89 -5.47 -0.74
N GLY B 370 29.53 -5.70 -1.89
CA GLY B 370 30.79 -5.05 -2.16
C GLY B 370 30.69 -3.54 -2.08
N VAL B 371 29.65 -2.97 -2.68
CA VAL B 371 29.45 -1.53 -2.61
C VAL B 371 29.29 -1.07 -1.17
N VAL B 372 28.49 -1.80 -0.39
CA VAL B 372 28.27 -1.39 0.99
C VAL B 372 29.58 -1.42 1.78
N TYR B 373 30.38 -2.45 1.58
CA TYR B 373 31.68 -2.50 2.24
C TYR B 373 32.57 -1.36 1.77
N THR B 374 32.48 -0.98 0.51
CA THR B 374 33.23 0.17 0.02
C THR B 374 32.82 1.44 0.76
N VAL B 375 31.53 1.63 0.99
CA VAL B 375 31.07 2.79 1.74
C VAL B 375 31.64 2.73 3.17
N GLN B 376 31.62 1.55 3.78
CA GLN B 376 32.20 1.37 5.11
C GLN B 376 33.72 1.43 5.10
N GLY B 377 34.34 1.50 3.93
CA GLY B 377 35.79 1.54 3.83
C GLY B 377 36.51 0.22 3.92
N LYS B 378 35.82 -0.90 4.11
CA LYS B 378 36.46 -2.21 4.11
C LYS B 378 36.93 -2.50 2.68
N MET B 379 38.08 -1.92 2.34
CA MET B 379 38.65 -2.06 1.00
C MET B 379 38.78 -3.51 0.57
N ASP B 380 39.57 -4.30 1.29
CA ASP B 380 39.80 -5.69 0.90
C ASP B 380 38.49 -6.46 0.77
N ALA B 381 37.60 -6.31 1.74
CA ALA B 381 36.32 -7.00 1.68
C ALA B 381 35.57 -6.64 0.41
N ALA B 382 35.42 -5.34 0.16
CA ALA B 382 34.73 -4.88 -1.05
C ALA B 382 35.37 -5.49 -2.29
N ALA B 383 36.70 -5.41 -2.39
CA ALA B 383 37.41 -5.97 -3.53
C ALA B 383 37.03 -7.42 -3.74
N SER B 384 37.17 -8.24 -2.70
CA SER B 384 36.83 -9.65 -2.81
C SER B 384 35.40 -9.85 -3.30
N MET B 385 34.46 -9.15 -2.67
CA MET B 385 33.06 -9.28 -3.06
C MET B 385 32.84 -8.97 -4.53
N ILE B 386 33.34 -7.81 -4.98
CA ILE B 386 33.13 -7.42 -6.37
C ILE B 386 33.82 -8.39 -7.32
N GLU B 387 34.99 -8.91 -6.92
CA GLU B 387 35.68 -9.87 -7.76
C GLU B 387 34.82 -11.12 -7.93
N LYS B 388 34.20 -11.58 -6.84
CA LYS B 388 33.32 -12.73 -6.92
C LYS B 388 32.14 -12.42 -7.82
N ALA B 389 31.60 -11.21 -7.72
CA ALA B 389 30.49 -10.82 -8.58
C ALA B 389 30.90 -10.85 -10.05
N ILE B 390 32.09 -10.36 -10.36
CA ILE B 390 32.57 -10.37 -11.74
C ILE B 390 32.73 -11.80 -12.23
N LEU B 391 33.17 -12.68 -11.34
CA LEU B 391 33.35 -14.09 -11.73
C LEU B 391 32.00 -14.77 -11.92
N ALA B 392 30.98 -14.33 -11.20
CA ALA B 392 29.65 -14.92 -11.33
C ALA B 392 28.95 -14.46 -12.59
N ASN B 393 29.13 -13.20 -12.98
CA ASN B 393 28.50 -12.66 -14.19
C ASN B 393 29.50 -11.74 -14.88
N PRO B 394 30.12 -12.18 -15.98
CA PRO B 394 31.12 -11.33 -16.65
C PRO B 394 30.53 -10.15 -17.41
N THR B 395 29.21 -10.08 -17.58
CA THR B 395 28.58 -8.95 -18.24
C THR B 395 27.94 -7.97 -17.26
N TYR B 396 28.18 -8.13 -15.97
CA TYR B 396 27.58 -7.25 -14.96
C TYR B 396 28.41 -5.96 -14.91
N ALA B 397 28.08 -5.06 -15.85
CA ALA B 397 28.86 -3.84 -16.02
C ALA B 397 29.02 -3.07 -14.72
N GLU B 398 27.94 -2.96 -13.94
CA GLU B 398 28.01 -2.19 -12.70
C GLU B 398 29.07 -2.75 -11.76
N ALA B 399 29.28 -4.07 -11.79
CA ALA B 399 30.34 -4.64 -10.97
C ALA B 399 31.70 -4.13 -11.41
N PHE B 400 31.92 -3.98 -12.72
CA PHE B 400 33.17 -3.38 -13.19
C PHE B 400 33.28 -1.93 -12.78
N ASN B 401 32.19 -1.18 -12.85
CA ASN B 401 32.23 0.20 -12.39
C ASN B 401 32.61 0.29 -10.92
N ASN B 402 32.00 -0.55 -10.08
CA ASN B 402 32.31 -0.52 -8.66
C ASN B 402 33.75 -0.95 -8.40
N LEU B 403 34.25 -1.92 -9.17
CA LEU B 403 35.65 -2.30 -9.04
C LEU B 403 36.55 -1.13 -9.38
N GLY B 404 36.23 -0.41 -10.45
CA GLY B 404 37.02 0.76 -10.80
C GLY B 404 36.99 1.82 -9.72
N VAL B 405 35.82 2.07 -9.14
CA VAL B 405 35.72 3.04 -8.05
C VAL B 405 36.59 2.61 -6.88
N LEU B 406 36.54 1.33 -6.52
CA LEU B 406 37.36 0.84 -5.43
C LEU B 406 38.84 1.02 -5.73
N TYR B 407 39.27 0.68 -6.94
CA TYR B 407 40.68 0.83 -7.29
C TYR B 407 41.10 2.31 -7.27
N ARG B 408 40.23 3.20 -7.72
CA ARG B 408 40.58 4.61 -7.73
C ARG B 408 40.70 5.16 -6.31
N ASP B 409 39.71 4.84 -5.46
CA ASP B 409 39.77 5.29 -4.08
C ASP B 409 41.00 4.74 -3.38
N ALA B 410 41.38 3.50 -3.69
CA ALA B 410 42.59 2.90 -3.13
C ALA B 410 43.87 3.42 -3.76
N GLY B 411 43.79 4.40 -4.67
CA GLY B 411 44.96 4.96 -5.30
C GLY B 411 45.50 4.18 -6.48
N ASN B 412 45.02 2.96 -6.70
CA ASN B 412 45.43 2.16 -7.84
C ASN B 412 44.78 2.67 -9.13
N ILE B 413 45.23 3.83 -9.61
CA ILE B 413 44.51 4.52 -10.68
C ILE B 413 44.55 3.74 -11.99
N THR B 414 45.71 3.17 -12.33
CA THR B 414 45.84 2.54 -13.65
C THR B 414 44.84 1.40 -13.83
N MET B 415 44.81 0.45 -12.91
CA MET B 415 43.85 -0.64 -13.01
C MET B 415 42.43 -0.14 -12.83
N ALA B 416 42.21 0.95 -12.09
CA ALA B 416 40.89 1.54 -12.04
C ALA B 416 40.44 1.98 -13.42
N ILE B 417 41.34 2.63 -14.16
CA ILE B 417 41.06 3.01 -15.54
C ILE B 417 40.74 1.78 -16.36
N ASP B 418 41.54 0.73 -16.20
CA ASP B 418 41.28 -0.50 -16.95
C ASP B 418 39.87 -1.04 -16.66
N ALA B 419 39.47 -1.03 -15.39
CA ALA B 419 38.14 -1.51 -15.05
C ALA B 419 37.06 -0.64 -15.67
N TYR B 420 37.24 0.67 -15.67
CA TYR B 420 36.27 1.55 -16.33
C TYR B 420 36.22 1.28 -17.83
N GLU B 421 37.36 0.97 -18.44
CA GLU B 421 37.36 0.64 -19.86
C GLU B 421 36.60 -0.65 -20.13
N GLU B 422 36.74 -1.63 -19.24
CA GLU B 422 35.94 -2.85 -19.37
C GLU B 422 34.45 -2.53 -19.26
N CYS B 423 34.08 -1.70 -18.27
CA CYS B 423 32.69 -1.29 -18.14
C CYS B 423 32.18 -0.64 -19.42
N LEU B 424 32.97 0.27 -19.99
CA LEU B 424 32.54 0.95 -21.21
C LEU B 424 32.55 0.01 -22.40
N LYS B 425 33.32 -1.07 -22.32
CA LYS B 425 33.22 -2.12 -23.32
C LYS B 425 31.89 -2.85 -23.21
N ILE B 426 31.38 -3.01 -21.99
CA ILE B 426 30.11 -3.71 -21.81
C ILE B 426 28.93 -2.77 -22.05
N ASP B 427 28.97 -1.57 -21.47
CA ASP B 427 27.92 -0.58 -21.66
C ASP B 427 28.57 0.72 -22.12
N PRO B 428 28.27 1.23 -23.32
CA PRO B 428 28.99 2.42 -23.79
C PRO B 428 28.40 3.74 -23.33
N ASP B 429 27.11 3.76 -22.96
CA ASP B 429 26.47 4.97 -22.45
C ASP B 429 26.41 5.01 -20.93
N SER B 430 27.23 4.20 -20.25
CA SER B 430 27.27 4.18 -18.80
C SER B 430 27.84 5.51 -18.29
N ARG B 431 26.95 6.40 -17.85
CA ARG B 431 27.37 7.72 -17.41
C ARG B 431 28.40 7.62 -16.29
N ASN B 432 28.17 6.71 -15.34
CA ASN B 432 29.06 6.61 -14.19
C ASN B 432 30.45 6.19 -14.61
N ALA B 433 30.53 5.20 -15.50
CA ALA B 433 31.85 4.72 -15.95
C ALA B 433 32.60 5.82 -16.67
N GLY B 434 31.93 6.54 -17.57
CA GLY B 434 32.61 7.59 -18.30
C GLY B 434 33.12 8.70 -17.40
N GLN B 435 32.27 9.16 -16.48
CA GLN B 435 32.72 10.27 -15.63
C GLN B 435 33.80 9.83 -14.65
N ASN B 436 33.66 8.63 -14.08
CA ASN B 436 34.70 8.13 -13.20
C ASN B 436 36.01 7.95 -13.96
N ARG B 437 35.93 7.51 -15.21
CA ARG B 437 37.13 7.39 -16.03
C ARG B 437 37.81 8.74 -16.21
N LEU B 438 37.05 9.77 -16.59
CA LEU B 438 37.66 11.09 -16.77
C LEU B 438 38.29 11.59 -15.48
N LEU B 439 37.56 11.48 -14.37
CA LEU B 439 38.10 11.92 -13.09
C LEU B 439 39.39 11.17 -12.76
N ALA B 440 39.39 9.85 -12.95
CA ALA B 440 40.57 9.07 -12.63
C ALA B 440 41.75 9.48 -13.51
N MET B 441 41.50 9.73 -14.79
CA MET B 441 42.59 10.18 -15.66
C MET B 441 43.14 11.50 -15.20
N ASN B 442 42.32 12.34 -14.56
CA ASN B 442 42.85 13.62 -14.07
C ASN B 442 43.96 13.44 -13.04
N TYR B 443 44.05 12.28 -12.40
CA TYR B 443 45.07 12.12 -11.35
C TYR B 443 46.45 11.81 -11.90
N ILE B 444 46.56 11.18 -13.07
CA ILE B 444 47.88 10.88 -13.60
C ILE B 444 47.94 11.14 -15.10
N ASN B 445 48.13 12.40 -15.47
CA ASN B 445 48.22 12.73 -16.89
C ASN B 445 48.99 14.05 -17.03
N GLU B 446 50.31 13.96 -17.22
CA GLU B 446 51.07 15.17 -17.42
C GLU B 446 50.71 15.76 -18.79
N GLY B 447 50.79 17.07 -18.91
CA GLY B 447 50.41 17.65 -20.18
C GLY B 447 51.43 17.39 -21.27
N LEU B 448 51.38 16.18 -21.85
CA LEU B 448 52.26 15.81 -22.95
C LEU B 448 51.48 15.18 -24.08
N ASP B 449 50.18 15.43 -24.17
CA ASP B 449 49.34 14.87 -25.21
C ASP B 449 48.02 15.62 -25.20
N ASP B 450 47.17 15.29 -26.17
CA ASP B 450 45.85 15.88 -26.29
C ASP B 450 44.78 14.80 -26.18
N LYS B 451 45.08 13.74 -25.43
CA LYS B 451 44.14 12.63 -25.30
C LYS B 451 43.05 12.93 -24.28
N LEU B 452 43.41 13.64 -23.21
CA LEU B 452 42.44 13.99 -22.19
C LEU B 452 41.36 14.89 -22.78
N PHE B 453 41.78 15.91 -23.52
CA PHE B 453 40.84 16.82 -24.16
C PHE B 453 39.96 16.09 -25.17
N GLU B 454 40.57 15.21 -25.97
CA GLU B 454 39.78 14.43 -26.92
C GLU B 454 38.72 13.60 -26.20
N ALA B 455 39.12 12.90 -25.13
CA ALA B 455 38.16 12.08 -24.39
C ALA B 455 37.03 12.94 -23.83
N HIS B 456 37.36 14.10 -23.26
CA HIS B 456 36.33 14.94 -22.69
C HIS B 456 35.38 15.45 -23.77
N ARG B 457 35.92 15.96 -24.87
CA ARG B 457 35.05 16.46 -25.94
C ARG B 457 34.16 15.34 -26.47
N ASP B 458 34.72 14.16 -26.70
CA ASP B 458 33.91 13.05 -27.21
C ASP B 458 32.76 12.73 -26.25
N TRP B 459 33.08 12.51 -24.98
CA TRP B 459 32.04 12.19 -24.01
C TRP B 459 30.99 13.28 -23.94
N GLY B 460 31.41 14.53 -23.79
CA GLY B 460 30.46 15.63 -23.74
C GLY B 460 29.57 15.67 -24.98
N TRP B 461 30.18 15.60 -26.15
CA TRP B 461 29.41 15.62 -27.40
C TRP B 461 28.35 14.55 -27.38
N ARG B 462 28.73 13.30 -27.13
CA ARG B 462 27.75 12.21 -27.13
C ARG B 462 26.66 12.45 -26.10
N PHE B 463 27.05 12.83 -24.88
CA PHE B 463 26.10 13.08 -23.81
C PHE B 463 25.05 14.09 -24.26
N THR B 464 25.50 15.27 -24.68
CA THR B 464 24.57 16.29 -25.17
C THR B 464 23.75 15.76 -26.34
N ARG B 465 24.39 14.98 -27.22
CA ARG B 465 23.69 14.39 -28.36
C ARG B 465 22.42 13.69 -27.92
N LEU B 466 22.53 12.83 -26.90
CA LEU B 466 21.35 12.17 -26.35
C LEU B 466 20.86 12.94 -25.12
N HIS B 467 20.38 14.16 -25.37
CA HIS B 467 20.07 15.08 -24.30
C HIS B 467 19.38 16.34 -24.82
N PRO B 468 18.05 16.45 -24.73
CA PRO B 468 17.39 17.66 -25.22
C PRO B 468 17.76 18.87 -24.37
N GLN B 469 17.65 20.05 -24.97
CA GLN B 469 18.05 21.29 -24.31
C GLN B 469 17.10 22.41 -24.72
N TYR B 470 17.10 23.46 -23.90
CA TYR B 470 16.29 24.64 -24.18
C TYR B 470 16.98 25.51 -25.22
N THR B 471 16.19 26.42 -25.81
CA THR B 471 16.71 27.31 -26.85
C THR B 471 16.29 28.77 -26.70
N SER B 472 15.48 29.11 -25.71
CA SER B 472 15.03 30.49 -25.52
C SER B 472 14.98 30.82 -24.04
N TRP B 473 15.13 32.12 -23.75
CA TRP B 473 15.11 32.61 -22.38
C TRP B 473 14.37 33.94 -22.34
N ASP B 474 13.53 34.11 -21.31
CA ASP B 474 12.81 35.36 -21.10
C ASP B 474 13.56 36.31 -20.17
N ASN B 475 14.80 36.00 -19.82
CA ASN B 475 15.58 36.86 -18.94
C ASN B 475 15.76 38.23 -19.56
N LEU B 476 15.30 39.26 -18.86
CA LEU B 476 15.41 40.63 -19.35
C LEU B 476 16.86 40.98 -19.62
N LYS B 477 17.17 41.28 -20.88
CA LYS B 477 18.52 41.66 -21.28
C LYS B 477 18.79 43.06 -20.74
N ASP B 478 19.08 43.13 -19.44
CA ASP B 478 19.36 44.39 -18.76
C ASP B 478 20.71 44.28 -18.06
N PRO B 479 21.69 45.14 -18.38
CA PRO B 479 22.99 45.05 -17.72
C PRO B 479 23.04 45.72 -16.35
N GLU B 480 21.98 46.40 -15.95
CA GLU B 480 21.94 47.13 -14.68
C GLU B 480 20.69 46.72 -13.89
N ARG B 481 20.53 45.42 -13.67
CA ARG B 481 19.35 44.93 -12.97
C ARG B 481 19.76 43.89 -11.93
N PRO B 482 18.82 43.32 -11.17
CA PRO B 482 19.22 42.33 -10.13
C PRO B 482 19.47 40.95 -10.71
N ILE B 483 20.61 40.83 -11.40
CA ILE B 483 20.96 39.57 -12.06
C ILE B 483 20.87 38.44 -11.07
N THR B 484 20.11 37.41 -11.43
CA THR B 484 19.94 36.22 -10.61
C THR B 484 21.06 35.23 -10.91
N ILE B 485 21.86 34.90 -9.90
CA ILE B 485 22.95 33.94 -10.04
C ILE B 485 22.59 32.72 -9.20
N GLY B 486 22.45 31.59 -9.86
CA GLY B 486 22.20 30.32 -9.18
C GLY B 486 23.52 29.60 -9.01
N TYR B 487 23.76 29.13 -7.79
CA TYR B 487 24.86 28.20 -7.52
C TYR B 487 24.25 26.83 -7.27
N ILE B 488 24.70 25.83 -8.02
CA ILE B 488 24.12 24.49 -7.94
C ILE B 488 25.22 23.52 -7.53
N SER B 489 24.95 22.75 -6.48
CA SER B 489 25.95 21.80 -6.00
C SER B 489 25.39 20.84 -4.97
N PRO B 490 25.87 19.59 -4.92
CA PRO B 490 25.43 18.67 -3.87
C PRO B 490 26.29 18.67 -2.62
N ASP B 491 27.48 19.25 -2.66
CA ASP B 491 28.40 19.25 -1.53
C ASP B 491 28.50 20.64 -0.90
N PHE B 492 27.49 20.96 -0.08
CA PHE B 492 27.49 22.18 0.73
C PHE B 492 27.82 21.91 2.19
N PHE B 493 27.81 20.65 2.61
CA PHE B 493 28.09 20.28 3.99
C PHE B 493 29.59 20.36 4.23
N THR B 494 30.09 19.69 5.27
CA THR B 494 31.51 19.76 5.61
C THR B 494 32.29 19.06 4.52
N HIS B 495 32.54 19.81 3.45
CA HIS B 495 33.27 19.33 2.28
C HIS B 495 34.34 20.36 1.93
N SER B 496 35.35 19.91 1.20
CA SER B 496 36.47 20.79 0.85
C SER B 496 35.98 22.04 0.13
N VAL B 497 35.07 21.89 -0.83
CA VAL B 497 34.58 23.06 -1.56
C VAL B 497 33.98 24.08 -0.61
N SER B 498 33.29 23.60 0.44
CA SER B 498 32.61 24.50 1.37
C SER B 498 33.55 25.59 1.85
N TYR B 499 34.75 25.21 2.27
CA TYR B 499 35.74 26.14 2.80
C TYR B 499 36.04 27.30 1.84
N PHE B 500 35.61 27.20 0.59
CA PHE B 500 35.83 28.26 -0.38
C PHE B 500 34.54 28.91 -0.84
N ILE B 501 33.49 28.13 -1.04
CA ILE B 501 32.21 28.70 -1.46
C ILE B 501 31.58 29.52 -0.34
N GLU B 502 31.97 29.28 0.92
CA GLU B 502 31.42 30.07 2.01
C GLU B 502 31.77 31.55 1.86
N ALA B 503 32.95 31.85 1.35
CA ALA B 503 33.38 33.25 1.23
C ALA B 503 32.42 34.08 0.38
N PRO B 504 32.09 33.70 -0.86
CA PRO B 504 31.12 34.50 -1.61
C PRO B 504 29.75 34.55 -0.94
N LEU B 505 29.31 33.44 -0.33
CA LEU B 505 28.04 33.48 0.38
C LEU B 505 28.07 34.52 1.49
N THR B 506 29.24 34.75 2.09
CA THR B 506 29.34 35.68 3.20
C THR B 506 29.49 37.12 2.72
N HIS B 507 30.25 37.35 1.65
CA HIS B 507 30.50 38.70 1.14
C HIS B 507 30.09 38.75 -0.33
N HIS B 508 28.80 38.94 -0.58
CA HIS B 508 28.29 39.08 -1.93
C HIS B 508 27.16 40.11 -1.92
N ASP B 509 27.32 41.19 -2.69
CA ASP B 509 26.31 42.23 -2.73
C ASP B 509 24.98 41.68 -3.23
N TYR B 510 24.04 41.49 -2.30
CA TYR B 510 22.72 40.95 -2.66
C TYR B 510 21.90 41.95 -3.45
N THR B 511 22.10 43.25 -3.23
CA THR B 511 21.29 44.26 -3.90
C THR B 511 21.54 44.36 -5.40
N LYS B 512 22.41 43.53 -5.96
CA LYS B 512 22.68 43.57 -7.38
C LYS B 512 22.67 42.19 -8.02
N TYR B 513 23.25 41.20 -7.34
CA TYR B 513 23.30 39.82 -7.81
C TYR B 513 22.53 38.94 -6.84
N LYS B 514 21.22 38.81 -7.08
CA LYS B 514 20.37 37.96 -6.26
C LYS B 514 20.79 36.50 -6.38
N VAL B 515 21.14 35.88 -5.26
CA VAL B 515 21.70 34.54 -5.26
C VAL B 515 20.59 33.53 -4.98
N VAL B 516 20.56 32.47 -5.77
CA VAL B 516 19.69 31.31 -5.54
C VAL B 516 20.59 30.09 -5.39
N VAL B 517 20.33 29.29 -4.37
CA VAL B 517 21.14 28.11 -4.07
C VAL B 517 20.33 26.87 -4.39
N TYR B 518 20.89 25.99 -5.22
CA TYR B 518 20.35 24.68 -5.52
C TYR B 518 21.21 23.64 -4.79
N SER B 519 20.78 23.28 -3.59
CA SER B 519 21.50 22.33 -2.74
C SER B 519 20.98 20.93 -3.04
N ALA B 520 21.84 20.10 -3.63
CA ALA B 520 21.57 18.69 -3.82
C ALA B 520 22.16 17.82 -2.72
N VAL B 521 22.46 18.42 -1.57
CA VAL B 521 23.04 17.67 -0.47
C VAL B 521 22.16 16.49 -0.10
N VAL B 522 22.79 15.34 0.10
CA VAL B 522 22.05 14.13 0.47
C VAL B 522 21.77 14.11 1.97
N LYS B 523 22.70 14.63 2.77
CA LYS B 523 22.55 14.68 4.22
C LYS B 523 23.06 16.03 4.70
N ALA B 524 22.19 16.83 5.30
CA ALA B 524 22.56 18.16 5.76
C ALA B 524 23.23 18.04 7.13
N ASP B 525 23.53 19.17 7.74
CA ASP B 525 24.18 19.19 9.05
C ASP B 525 24.20 20.63 9.55
N ALA B 526 24.83 20.83 10.71
CA ALA B 526 24.91 22.16 11.30
C ALA B 526 25.55 23.15 10.33
N LYS B 527 26.47 22.70 9.49
CA LYS B 527 27.11 23.60 8.54
C LYS B 527 26.16 23.95 7.40
N THR B 528 25.40 22.98 6.91
CA THR B 528 24.36 23.27 5.91
C THR B 528 23.38 24.29 6.46
N TYR B 529 22.92 24.08 7.69
CA TYR B 529 21.97 25.01 8.30
C TYR B 529 22.60 26.39 8.49
N ARG B 530 23.87 26.44 8.88
CA ARG B 530 24.53 27.73 9.01
C ARG B 530 24.57 28.46 7.68
N PHE B 531 24.87 27.75 6.59
CA PHE B 531 24.88 28.39 5.28
C PHE B 531 23.48 28.87 4.88
N ARG B 532 22.48 28.01 5.05
CA ARG B 532 21.12 28.42 4.68
C ARG B 532 20.72 29.68 5.45
N ASP B 533 20.95 29.70 6.76
CA ASP B 533 20.61 30.88 7.54
C ASP B 533 21.40 32.10 7.08
N LYS B 534 22.70 31.93 6.81
CA LYS B 534 23.52 33.06 6.38
C LYS B 534 22.98 33.66 5.10
N VAL B 535 22.67 32.82 4.11
CA VAL B 535 22.15 33.33 2.85
C VAL B 535 20.79 33.98 3.06
N LEU B 536 19.92 33.34 3.85
CA LEU B 536 18.55 33.83 3.99
C LEU B 536 18.51 35.19 4.69
N LYS B 537 19.19 35.33 5.84
CA LYS B 537 19.09 36.61 6.54
C LYS B 537 19.54 37.79 5.68
N LYS B 538 20.17 37.56 4.53
CA LYS B 538 20.60 38.65 3.67
C LYS B 538 19.75 38.78 2.41
N GLY B 539 18.66 38.02 2.31
CA GLY B 539 17.76 38.11 1.17
C GLY B 539 18.00 37.12 0.06
N GLY B 540 18.72 36.04 0.31
CA GLY B 540 18.91 35.03 -0.72
C GLY B 540 17.75 34.04 -0.77
N VAL B 541 17.80 33.18 -1.78
CA VAL B 541 16.78 32.15 -1.98
C VAL B 541 17.47 30.80 -1.91
N TRP B 542 17.06 29.98 -0.95
CA TRP B 542 17.57 28.63 -0.77
C TRP B 542 16.51 27.62 -1.19
N LYS B 543 16.87 26.73 -2.11
CA LYS B 543 15.97 25.68 -2.59
C LYS B 543 16.66 24.34 -2.43
N ASP B 544 16.05 23.45 -1.65
CA ASP B 544 16.53 22.07 -1.52
C ASP B 544 16.01 21.25 -2.68
N ILE B 545 16.91 20.62 -3.44
CA ILE B 545 16.56 19.91 -4.64
C ILE B 545 16.95 18.43 -4.59
N TYR B 546 17.28 17.92 -3.40
CA TYR B 546 17.62 16.51 -3.27
C TYR B 546 16.47 15.62 -3.77
N GLY B 547 16.83 14.60 -4.54
CA GLY B 547 15.87 13.64 -5.04
C GLY B 547 14.85 14.17 -6.03
N ILE B 548 15.26 15.03 -6.95
CA ILE B 548 14.38 15.56 -7.99
C ILE B 548 15.01 15.27 -9.35
N ASP B 549 14.16 14.82 -10.28
CA ASP B 549 14.64 14.49 -11.63
C ASP B 549 15.37 15.66 -12.26
N GLU B 550 16.43 15.35 -12.99
CA GLU B 550 17.27 16.35 -13.64
C GLU B 550 16.46 17.32 -14.49
N LYS B 551 15.67 16.79 -15.43
CA LYS B 551 14.88 17.66 -16.30
C LYS B 551 14.00 18.59 -15.49
N LYS B 552 13.43 18.08 -14.39
CA LYS B 552 12.65 18.94 -13.51
C LYS B 552 13.52 19.97 -12.82
N ILE B 553 14.77 19.63 -12.50
CA ILE B 553 15.70 20.62 -11.97
C ILE B 553 15.88 21.75 -12.97
N ALA B 554 16.08 21.41 -14.25
CA ALA B 554 16.25 22.44 -15.26
C ALA B 554 14.99 23.30 -15.39
N SER B 555 13.82 22.67 -15.37
CA SER B 555 12.58 23.43 -15.43
C SER B 555 12.47 24.38 -14.25
N MET B 556 12.76 23.89 -13.05
CA MET B 556 12.71 24.73 -11.85
C MET B 556 13.67 25.91 -11.98
N VAL B 557 14.88 25.65 -12.49
CA VAL B 557 15.82 26.74 -12.72
C VAL B 557 15.22 27.77 -13.67
N ARG B 558 14.49 27.31 -14.67
CA ARG B 558 13.88 28.25 -15.61
C ARG B 558 12.79 29.08 -14.95
N GLU B 559 11.89 28.44 -14.20
CA GLU B 559 10.88 29.21 -13.48
C GLU B 559 11.52 30.16 -12.47
N ASP B 560 12.64 29.75 -11.87
CA ASP B 560 13.33 30.62 -10.93
C ASP B 560 13.99 31.81 -11.60
N LYS B 561 13.96 31.89 -12.92
CA LYS B 561 14.56 33.00 -13.66
C LYS B 561 16.02 33.20 -13.26
N ILE B 562 16.75 32.09 -13.13
CA ILE B 562 18.20 32.19 -12.92
C ILE B 562 18.82 32.84 -14.15
N ASP B 563 19.71 33.79 -13.92
CA ASP B 563 20.41 34.45 -15.02
C ASP B 563 21.75 33.79 -15.34
N ILE B 564 22.65 33.74 -14.35
CA ILE B 564 23.92 33.04 -14.49
C ILE B 564 23.86 31.80 -13.62
N LEU B 565 23.90 30.62 -14.25
CA LEU B 565 23.90 29.36 -13.52
C LEU B 565 25.32 28.83 -13.41
N VAL B 566 25.77 28.60 -12.18
CA VAL B 566 27.13 28.21 -11.87
C VAL B 566 27.07 26.81 -11.28
N GLU B 567 27.66 25.84 -12.00
CA GLU B 567 27.80 24.49 -11.50
C GLU B 567 29.13 24.37 -10.79
N LEU B 568 29.11 23.80 -9.59
CA LEU B 568 30.27 23.80 -8.71
C LEU B 568 30.72 22.38 -8.41
N THR B 569 30.33 21.42 -9.23
CA THR B 569 30.63 20.01 -8.98
C THR B 569 31.54 19.41 -10.05
N GLY B 570 31.18 19.45 -11.33
CA GLY B 570 32.05 18.93 -12.35
C GLY B 570 31.84 17.47 -12.67
N HIS B 571 32.93 16.72 -12.79
CA HIS B 571 32.88 15.27 -13.05
C HIS B 571 33.15 14.48 -11.79
N THR B 572 32.61 14.93 -10.67
CA THR B 572 32.73 14.23 -9.40
C THR B 572 31.50 13.35 -9.27
N ALA B 573 30.99 13.15 -8.06
CA ALA B 573 29.85 12.28 -7.86
C ALA B 573 28.61 13.11 -7.56
N ASN B 574 27.46 12.53 -7.86
CA ASN B 574 26.16 13.20 -7.71
C ASN B 574 26.14 14.56 -8.41
N ASN B 575 27.02 14.79 -9.37
CA ASN B 575 27.00 16.03 -10.13
C ASN B 575 25.66 16.19 -10.86
N LYS B 576 25.43 17.39 -11.38
CA LYS B 576 24.24 17.70 -12.16
C LYS B 576 24.60 18.20 -13.55
N LEU B 577 25.76 17.78 -14.07
CA LEU B 577 26.17 18.21 -15.40
C LEU B 577 25.09 17.97 -16.44
N GLY B 578 24.18 17.04 -16.20
CA GLY B 578 23.06 16.86 -17.11
C GLY B 578 22.14 18.07 -17.12
N THR B 579 21.95 18.70 -15.96
CA THR B 579 21.23 19.97 -15.94
C THR B 579 21.97 21.04 -16.72
N MET B 580 23.30 21.08 -16.58
CA MET B 580 24.08 22.06 -17.33
C MET B 580 23.89 21.87 -18.81
N ALA B 581 23.85 20.61 -19.27
CA ALA B 581 23.69 20.34 -20.69
C ALA B 581 22.37 20.90 -21.21
N CYS B 582 21.32 20.92 -20.37
CA CYS B 582 20.06 21.51 -20.78
C CYS B 582 20.19 23.01 -21.04
N ARG B 583 21.25 23.65 -20.57
CA ARG B 583 21.49 25.06 -20.77
C ARG B 583 20.27 25.89 -20.34
N PRO B 584 19.76 25.69 -19.12
CA PRO B 584 18.54 26.39 -18.72
C PRO B 584 18.73 27.89 -18.60
N ALA B 585 19.93 28.33 -18.22
CA ALA B 585 20.22 29.75 -18.07
C ALA B 585 21.03 30.26 -19.25
N PRO B 586 20.93 31.55 -19.57
CA PRO B 586 21.70 32.09 -20.71
C PRO B 586 23.19 32.03 -20.52
N VAL B 587 23.69 31.99 -19.28
CA VAL B 587 25.12 31.89 -19.00
C VAL B 587 25.35 30.70 -18.07
N GLN B 588 26.30 29.84 -18.43
CA GLN B 588 26.69 28.68 -17.66
C GLN B 588 28.16 28.78 -17.30
N VAL B 589 28.48 28.61 -16.03
CA VAL B 589 29.85 28.78 -15.54
C VAL B 589 30.22 27.62 -14.63
N THR B 590 31.42 27.09 -14.79
CA THR B 590 31.99 26.11 -13.87
C THR B 590 33.23 26.74 -13.25
N TRP B 591 33.47 26.49 -11.97
CA TRP B 591 34.57 27.19 -11.32
C TRP B 591 35.44 26.34 -10.39
N ILE B 592 34.86 25.71 -9.37
CA ILE B 592 35.65 25.03 -8.34
C ILE B 592 35.39 23.55 -8.24
N GLY B 593 34.38 23.00 -8.89
CA GLY B 593 34.14 21.58 -8.69
C GLY B 593 34.99 20.66 -9.53
N TYR B 594 35.69 21.19 -10.54
CA TYR B 594 36.53 20.36 -11.38
C TYR B 594 37.74 21.19 -11.79
N PRO B 595 38.90 20.57 -11.97
CA PRO B 595 40.11 21.35 -12.25
C PRO B 595 40.50 21.36 -13.72
N ASN B 596 39.79 20.59 -14.54
CA ASN B 596 40.05 20.50 -15.97
C ASN B 596 38.78 20.82 -16.75
N THR B 597 38.88 20.71 -18.08
CA THR B 597 37.71 20.97 -18.92
C THR B 597 36.57 20.03 -18.55
N THR B 598 35.34 20.57 -18.58
CA THR B 598 34.15 19.74 -18.46
C THR B 598 33.88 18.95 -19.74
N GLY B 599 34.43 19.40 -20.87
CA GLY B 599 34.14 18.82 -22.16
C GLY B 599 32.78 19.13 -22.73
N LEU B 600 31.87 19.72 -21.96
CA LEU B 600 30.56 20.08 -22.49
C LEU B 600 30.67 21.39 -23.26
N PRO B 601 30.36 21.41 -24.56
CA PRO B 601 30.40 22.69 -25.29
C PRO B 601 29.38 23.71 -24.79
N THR B 602 28.33 23.27 -24.10
CA THR B 602 27.29 24.19 -23.65
C THR B 602 27.74 25.09 -22.52
N VAL B 603 28.80 24.73 -21.80
CA VAL B 603 29.30 25.58 -20.72
C VAL B 603 30.10 26.72 -21.34
N ASP B 604 29.74 27.95 -21.00
CA ASP B 604 30.34 29.11 -21.66
C ASP B 604 31.72 29.42 -21.10
N TYR B 605 31.84 29.58 -19.78
CA TYR B 605 33.03 30.13 -19.16
C TYR B 605 33.52 29.23 -18.04
N ARG B 606 34.82 29.24 -17.81
CA ARG B 606 35.44 28.65 -16.64
C ARG B 606 36.23 29.73 -15.90
N ILE B 607 35.98 29.85 -14.61
CA ILE B 607 36.66 30.85 -13.78
C ILE B 607 38.04 30.31 -13.38
N THR B 608 39.06 31.14 -13.56
CA THR B 608 40.43 30.80 -13.19
C THR B 608 41.17 32.08 -12.85
N ASP B 609 42.49 31.99 -12.76
CA ASP B 609 43.35 33.16 -12.61
C ASP B 609 44.52 33.06 -13.58
N SER B 610 45.36 34.09 -13.60
CA SER B 610 46.48 34.15 -14.52
C SER B 610 47.65 33.27 -14.10
N LEU B 611 47.61 32.69 -12.90
CA LEU B 611 48.67 31.82 -12.42
C LEU B 611 48.37 30.34 -12.63
N ALA B 612 47.14 29.91 -12.34
CA ALA B 612 46.77 28.52 -12.60
C ALA B 612 46.78 28.22 -14.09
N ASP B 613 46.23 29.14 -14.89
CA ASP B 613 46.24 29.04 -16.35
C ASP B 613 46.88 30.30 -16.92
N PRO B 614 48.19 30.34 -17.05
CA PRO B 614 48.85 31.49 -17.67
C PRO B 614 48.26 31.79 -19.04
N PRO B 615 48.38 33.03 -19.52
CA PRO B 615 47.83 33.35 -20.85
C PRO B 615 48.41 32.49 -21.96
N ASP B 616 49.63 31.99 -21.79
CA ASP B 616 50.29 31.19 -22.82
C ASP B 616 50.17 29.70 -22.57
N THR B 617 49.35 29.29 -21.60
CA THR B 617 49.12 27.87 -21.35
C THR B 617 48.84 27.14 -22.65
N LYS B 618 49.45 25.95 -22.79
CA LYS B 618 49.25 25.13 -23.97
C LYS B 618 48.14 24.11 -23.83
N GLN B 619 47.58 23.95 -22.63
CA GLN B 619 46.48 23.01 -22.43
C GLN B 619 45.25 23.48 -23.18
N LYS B 620 44.87 22.75 -24.22
CA LYS B 620 43.62 23.05 -24.91
C LYS B 620 42.44 22.60 -24.05
N GLN B 621 41.50 23.53 -23.83
CA GLN B 621 40.31 23.29 -23.04
C GLN B 621 39.08 23.58 -23.89
N VAL B 622 37.96 23.96 -23.28
CA VAL B 622 36.72 24.19 -24.01
C VAL B 622 36.16 25.55 -23.62
N GLU B 623 35.92 25.76 -22.33
CA GLU B 623 35.32 27.01 -21.90
C GLU B 623 36.31 28.17 -22.04
N GLU B 624 35.78 29.38 -22.09
CA GLU B 624 36.61 30.57 -22.18
C GLU B 624 37.16 30.90 -20.80
N LEU B 625 38.47 31.04 -20.71
CA LEU B 625 39.11 31.34 -19.43
C LEU B 625 38.86 32.79 -19.05
N VAL B 626 38.27 32.99 -17.87
CA VAL B 626 38.12 34.31 -17.28
C VAL B 626 39.08 34.39 -16.09
N ARG B 627 40.13 35.18 -16.24
CA ARG B 627 41.15 35.31 -15.21
C ARG B 627 40.77 36.44 -14.26
N LEU B 628 40.48 36.10 -13.02
CA LEU B 628 40.28 37.11 -11.99
C LEU B 628 41.60 37.78 -11.65
N PRO B 629 41.58 39.04 -11.22
CA PRO B 629 42.85 39.73 -10.92
C PRO B 629 43.64 39.05 -9.81
N ASP B 630 42.99 38.78 -8.68
CA ASP B 630 43.64 38.13 -7.54
C ASP B 630 43.38 36.63 -7.62
N CYS B 631 43.82 35.90 -6.59
CA CYS B 631 43.57 34.47 -6.52
C CYS B 631 42.10 34.16 -6.79
N PHE B 632 41.85 33.19 -7.67
CA PHE B 632 40.49 32.79 -7.97
C PHE B 632 39.80 32.16 -6.76
N LEU B 633 40.52 31.94 -5.67
CA LEU B 633 39.97 31.34 -4.46
C LEU B 633 39.99 32.35 -3.33
N CYS B 634 38.94 32.34 -2.51
CA CYS B 634 38.91 33.09 -1.25
C CYS B 634 38.62 32.13 -0.11
N TYR B 635 39.66 31.70 0.58
CA TYR B 635 39.49 30.83 1.73
C TYR B 635 38.99 31.65 2.92
N THR B 636 37.90 31.19 3.53
CA THR B 636 37.45 31.73 4.81
C THR B 636 37.76 30.70 5.88
N PRO B 637 38.77 30.91 6.73
CA PRO B 637 39.12 29.88 7.71
C PRO B 637 37.96 29.56 8.64
N SER B 638 37.92 28.32 9.09
CA SER B 638 36.91 27.91 10.06
C SER B 638 37.14 28.61 11.39
N PRO B 639 36.11 28.66 12.24
CA PRO B 639 36.33 29.15 13.61
C PRO B 639 36.79 28.05 14.54
N GLU B 640 37.25 26.94 13.97
CA GLU B 640 37.78 25.81 14.73
C GLU B 640 39.26 25.58 14.46
N ALA B 641 39.91 26.46 13.71
CA ALA B 641 41.32 26.25 13.38
C ALA B 641 42.19 26.21 14.64
N GLY B 642 41.77 26.87 15.71
CA GLY B 642 42.52 26.92 16.93
C GLY B 642 43.83 27.67 16.78
N PRO B 643 44.65 27.65 17.83
CA PRO B 643 45.93 28.37 17.79
C PRO B 643 46.98 27.62 17.01
N VAL B 644 47.97 28.38 16.55
CA VAL B 644 49.21 27.81 16.03
C VAL B 644 50.06 27.36 17.21
N CYS B 645 50.54 26.13 17.17
CA CYS B 645 51.33 25.55 18.23
C CYS B 645 52.82 25.77 17.97
N PRO B 646 53.68 25.42 18.91
CA PRO B 646 55.12 25.61 18.69
C PRO B 646 55.67 24.71 17.61
N THR B 647 56.82 25.08 17.09
CA THR B 647 57.43 24.33 16.00
C THR B 647 57.78 22.93 16.47
N PRO B 648 57.49 21.89 15.68
CA PRO B 648 57.89 20.54 16.07
C PRO B 648 59.40 20.34 16.00
N ALA B 649 60.01 20.80 14.91
CA ALA B 649 61.45 20.66 14.75
C ALA B 649 62.22 21.24 15.92
N LEU B 650 61.68 22.29 16.55
CA LEU B 650 62.37 22.89 17.70
C LEU B 650 62.35 21.97 18.92
N SER B 651 61.29 21.19 19.09
CA SER B 651 61.14 20.34 20.28
C SER B 651 61.52 18.89 20.02
N ASN B 652 61.24 18.37 18.82
CA ASN B 652 61.52 16.96 18.55
C ASN B 652 62.90 16.74 17.96
N GLY B 653 63.55 17.79 17.45
CA GLY B 653 64.89 17.69 16.92
C GLY B 653 65.00 17.11 15.52
N PHE B 654 63.88 16.93 14.82
CA PHE B 654 63.92 16.41 13.46
C PHE B 654 62.81 17.04 12.63
N VAL B 655 63.09 17.23 11.34
CA VAL B 655 62.12 17.79 10.41
C VAL B 655 61.16 16.67 10.00
N THR B 656 59.85 16.98 10.03
CA THR B 656 58.80 16.07 9.59
C THR B 656 58.09 16.66 8.38
N PHE B 657 58.24 16.02 7.23
CA PHE B 657 57.38 16.29 6.09
C PHE B 657 56.02 15.61 6.27
N GLY B 658 55.01 16.13 5.59
CA GLY B 658 53.70 15.52 5.65
C GLY B 658 52.83 15.89 4.47
N SER B 659 51.74 15.14 4.34
CA SER B 659 50.74 15.39 3.30
C SER B 659 49.39 14.89 3.77
N PHE B 660 48.36 15.72 3.65
CA PHE B 660 47.00 15.33 3.96
C PHE B 660 46.17 15.09 2.71
N ASN B 661 46.77 15.12 1.52
CA ASN B 661 46.02 14.86 0.30
C ASN B 661 45.49 13.44 0.30
N ASN B 662 44.37 13.24 -0.38
CA ASN B 662 43.81 11.90 -0.52
C ASN B 662 44.77 11.01 -1.29
N LEU B 663 44.68 9.71 -1.02
CA LEU B 663 45.63 8.74 -1.56
C LEU B 663 45.60 8.68 -3.08
N ALA B 664 44.47 9.01 -3.71
CA ALA B 664 44.40 8.92 -5.16
C ALA B 664 45.40 9.84 -5.84
N LYS B 665 45.75 10.95 -5.20
CA LYS B 665 46.68 11.91 -5.79
C LYS B 665 48.15 11.53 -5.64
N ILE B 666 48.49 10.60 -4.75
CA ILE B 666 49.90 10.30 -4.45
C ILE B 666 50.36 9.25 -5.45
N THR B 667 50.70 9.73 -6.65
CA THR B 667 51.21 8.86 -7.69
C THR B 667 52.62 8.38 -7.34
N PRO B 668 52.97 7.13 -7.70
CA PRO B 668 54.33 6.64 -7.45
C PRO B 668 55.43 7.65 -7.78
N LYS B 669 55.24 8.38 -8.87
CA LYS B 669 56.20 9.42 -9.24
C LYS B 669 56.34 10.48 -8.16
N VAL B 670 55.38 10.60 -7.26
CA VAL B 670 55.53 11.50 -6.13
C VAL B 670 56.21 10.79 -4.96
N LEU B 671 56.06 9.47 -4.88
CA LEU B 671 56.70 8.72 -3.82
C LEU B 671 58.21 8.71 -4.00
N GLN B 672 58.66 8.41 -5.22
CA GLN B 672 60.09 8.45 -5.51
C GLN B 672 60.70 9.81 -5.16
N VAL B 673 60.02 10.90 -5.51
CA VAL B 673 60.55 12.23 -5.22
C VAL B 673 60.58 12.49 -3.73
N TRP B 674 59.54 12.09 -3.00
CA TRP B 674 59.55 12.25 -1.55
C TRP B 674 60.67 11.42 -0.92
N ALA B 675 60.94 10.24 -1.48
CA ALA B 675 62.05 9.43 -0.97
C ALA B 675 63.37 10.14 -1.18
N ARG B 676 63.58 10.74 -2.36
CA ARG B 676 64.80 11.50 -2.56
C ARG B 676 64.91 12.65 -1.57
N ILE B 677 63.80 13.36 -1.33
CA ILE B 677 63.81 14.44 -0.36
C ILE B 677 64.24 13.92 1.01
N LEU B 678 63.62 12.82 1.45
CA LEU B 678 63.89 12.31 2.79
C LEU B 678 65.32 11.80 2.91
N CYS B 679 65.90 11.29 1.82
CA CYS B 679 67.30 10.91 1.85
C CYS B 679 68.20 12.14 1.91
N ALA B 680 67.80 13.23 1.25
CA ALA B 680 68.60 14.44 1.24
C ALA B 680 68.57 15.17 2.59
N VAL B 681 67.53 14.96 3.39
CA VAL B 681 67.38 15.64 4.67
C VAL B 681 67.70 14.61 5.77
N PRO B 682 68.81 14.74 6.48
CA PRO B 682 69.13 13.77 7.53
C PRO B 682 68.03 13.73 8.59
N ASN B 683 67.71 12.51 9.01
CA ASN B 683 66.71 12.28 10.06
C ASN B 683 65.41 13.05 9.78
N SER B 684 64.77 12.66 8.67
CA SER B 684 63.49 13.24 8.27
C SER B 684 62.39 12.19 8.41
N ARG B 685 61.18 12.67 8.68
CA ARG B 685 60.01 11.82 8.86
C ARG B 685 58.89 12.31 7.97
N LEU B 686 58.21 11.39 7.29
CA LEU B 686 57.07 11.73 6.44
C LEU B 686 55.81 11.15 7.08
N VAL B 687 54.82 12.01 7.28
CA VAL B 687 53.50 11.62 7.79
C VAL B 687 52.49 11.74 6.67
N VAL B 688 51.83 10.63 6.36
CA VAL B 688 50.79 10.59 5.33
C VAL B 688 49.50 10.11 5.98
N LYS B 689 48.43 10.89 5.84
CA LYS B 689 47.12 10.50 6.38
C LYS B 689 46.11 10.47 5.24
N CYS B 690 45.79 9.27 4.79
CA CYS B 690 44.81 9.05 3.73
C CYS B 690 43.74 8.09 4.24
N LYS B 691 42.50 8.32 3.82
CA LYS B 691 41.38 7.48 4.23
C LYS B 691 41.70 5.99 4.04
N PRO B 692 42.01 5.54 2.83
CA PRO B 692 42.19 4.10 2.60
C PRO B 692 43.14 3.39 3.54
N PHE B 693 43.95 4.12 4.31
CA PHE B 693 44.86 3.48 5.24
C PHE B 693 44.12 2.80 6.40
N CYS B 694 42.86 3.11 6.63
CA CYS B 694 42.11 2.38 7.65
C CYS B 694 42.24 0.87 7.44
N CYS B 695 42.36 0.44 6.19
CA CYS B 695 42.56 -0.96 5.85
C CYS B 695 44.06 -1.26 5.92
N ASP B 696 44.44 -2.24 6.74
CA ASP B 696 45.86 -2.52 6.95
C ASP B 696 46.56 -2.96 5.68
N SER B 697 45.83 -3.57 4.74
CA SER B 697 46.44 -4.04 3.50
C SER B 697 47.09 -2.90 2.74
N ILE B 698 46.35 -1.79 2.56
CA ILE B 698 46.90 -0.64 1.84
C ILE B 698 48.15 -0.13 2.54
N ARG B 699 48.10 -0.02 3.87
CA ARG B 699 49.25 0.46 4.61
C ARG B 699 50.46 -0.43 4.38
N GLN B 700 50.27 -1.75 4.48
CA GLN B 700 51.36 -2.68 4.26
C GLN B 700 51.93 -2.53 2.86
N ARG B 701 51.06 -2.45 1.85
CA ARG B 701 51.51 -2.32 0.48
C ARG B 701 52.35 -1.07 0.29
N PHE B 702 51.87 0.07 0.76
CA PHE B 702 52.63 1.31 0.64
C PHE B 702 53.95 1.24 1.40
N LEU B 703 53.93 0.70 2.62
CA LEU B 703 55.18 0.56 3.36
C LEU B 703 56.19 -0.28 2.58
N THR B 704 55.72 -1.39 2.00
CA THR B 704 56.59 -2.22 1.18
C THR B 704 57.14 -1.43 -0.01
N THR B 705 56.28 -0.67 -0.67
CA THR B 705 56.73 0.12 -1.81
C THR B 705 57.84 1.09 -1.40
N LEU B 706 57.63 1.79 -0.29
CA LEU B 706 58.66 2.71 0.21
C LEU B 706 59.95 1.95 0.53
N GLU B 707 59.83 0.78 1.15
CA GLU B 707 61.01 -0.01 1.49
C GLU B 707 61.76 -0.43 0.24
N GLN B 708 61.04 -0.68 -0.85
CA GLN B 708 61.68 -1.06 -2.11
C GLN B 708 62.40 0.12 -2.75
N LEU B 709 61.97 1.34 -2.44
CA LEU B 709 62.60 2.54 -2.97
C LEU B 709 63.80 3.00 -2.15
N GLY B 710 64.04 2.39 -1.00
CA GLY B 710 65.16 2.74 -0.15
C GLY B 710 64.82 3.49 1.12
N LEU B 711 63.56 3.54 1.53
CA LEU B 711 63.15 4.20 2.75
C LEU B 711 62.68 3.16 3.76
N GLU B 712 63.24 3.21 4.97
CA GLU B 712 62.86 2.27 6.01
C GLU B 712 61.41 2.51 6.42
N SER B 713 60.61 1.43 6.43
CA SER B 713 59.20 1.55 6.77
C SER B 713 59.00 2.19 8.14
N LYS B 714 59.95 2.00 9.06
CA LYS B 714 59.86 2.68 10.35
C LYS B 714 59.86 4.20 10.16
N ARG B 715 60.63 4.69 9.21
CA ARG B 715 60.69 6.12 8.89
C ARG B 715 59.39 6.67 8.33
N VAL B 716 58.34 5.85 8.19
CA VAL B 716 57.11 6.22 7.50
C VAL B 716 56.00 6.21 8.54
N ASP B 717 55.32 7.36 8.74
CA ASP B 717 54.19 7.43 9.65
C ASP B 717 52.91 7.51 8.83
N LEU B 718 52.13 6.43 8.83
CA LEU B 718 50.84 6.37 8.16
C LEU B 718 49.73 6.52 9.19
N LEU B 719 48.92 7.57 9.06
CA LEU B 719 47.85 7.85 10.00
C LEU B 719 46.49 7.65 9.35
N PRO B 720 45.57 6.92 10.00
CA PRO B 720 44.21 6.82 9.46
C PRO B 720 43.38 8.09 9.64
N LEU B 721 42.12 8.02 9.20
CA LEU B 721 41.18 9.11 9.40
C LEU B 721 40.98 9.39 10.88
N ILE B 722 40.92 10.68 11.22
CA ILE B 722 40.60 11.14 12.57
C ILE B 722 39.12 11.50 12.61
N LEU B 723 38.42 10.97 13.62
CA LEU B 723 36.97 11.08 13.68
C LEU B 723 36.48 12.53 13.73
N PHE B 724 37.18 13.40 14.44
CA PHE B 724 36.68 14.74 14.68
C PHE B 724 37.46 15.80 13.92
N ASN B 725 36.82 16.96 13.78
CA ASN B 725 37.43 18.10 13.09
C ASN B 725 38.56 18.72 13.90
N HIS B 726 38.26 19.14 15.14
CA HIS B 726 39.26 19.83 15.96
C HIS B 726 40.61 19.14 15.92
N ASP B 727 40.66 17.86 16.31
CA ASP B 727 41.93 17.15 16.38
C ASP B 727 42.51 16.85 15.01
N HIS B 728 41.66 16.59 14.02
CA HIS B 728 42.16 16.42 12.65
C HIS B 728 42.91 17.67 12.20
N MET B 729 42.35 18.84 12.47
CA MET B 729 43.00 20.09 12.11
C MET B 729 44.26 20.31 12.95
N GLN B 730 44.20 19.99 14.24
CA GLN B 730 45.36 20.11 15.11
C GLN B 730 46.50 19.19 14.66
N ALA B 731 46.18 18.13 13.90
CA ALA B 731 47.21 17.21 13.42
C ALA B 731 48.28 17.90 12.58
N TYR B 732 48.03 19.12 12.09
CA TYR B 732 49.08 19.86 11.38
C TYR B 732 50.27 20.20 12.25
N SER B 733 50.16 20.03 13.57
CA SER B 733 51.31 20.14 14.46
C SER B 733 52.30 19.00 14.33
N LEU B 734 51.98 17.94 13.58
CA LEU B 734 52.87 16.80 13.48
C LEU B 734 53.90 16.94 12.37
N MET B 735 53.79 17.93 11.49
CA MET B 735 54.71 18.07 10.37
C MET B 735 55.29 19.48 10.34
N ASP B 736 56.49 19.58 9.79
CA ASP B 736 57.17 20.86 9.59
C ASP B 736 57.01 21.41 8.18
N ILE B 737 56.61 20.58 7.21
CA ILE B 737 56.60 20.97 5.81
C ILE B 737 55.54 20.13 5.09
N SER B 738 54.65 20.80 4.36
CA SER B 738 53.68 20.12 3.51
C SER B 738 54.28 19.87 2.15
N LEU B 739 54.08 18.65 1.63
CA LEU B 739 54.53 18.28 0.29
C LEU B 739 53.32 18.17 -0.62
N ASP B 740 53.23 19.06 -1.61
CA ASP B 740 52.15 18.98 -2.58
C ASP B 740 52.38 17.84 -3.56
N THR B 741 51.28 17.29 -4.05
CA THR B 741 51.31 16.19 -5.01
C THR B 741 51.23 16.74 -6.44
N PHE B 742 51.67 15.91 -7.38
CA PHE B 742 51.62 16.23 -8.80
C PHE B 742 51.40 14.93 -9.55
N PRO B 743 50.78 14.97 -10.74
CA PRO B 743 50.24 16.12 -11.47
C PRO B 743 48.85 16.55 -11.02
N TYR B 744 48.57 16.47 -9.71
CA TYR B 744 47.30 16.93 -9.16
C TYR B 744 47.61 17.54 -7.79
N ALA B 745 47.71 18.85 -7.73
CA ALA B 745 48.05 19.49 -6.47
C ALA B 745 46.85 19.47 -5.54
N GLY B 746 47.12 19.59 -4.24
CA GLY B 746 46.09 19.91 -3.31
C GLY B 746 45.55 21.31 -3.53
N THR B 747 44.34 21.54 -3.02
CA THR B 747 43.76 22.87 -3.07
C THR B 747 43.36 23.31 -1.66
N THR B 748 42.37 22.61 -1.09
CA THR B 748 42.01 22.87 0.30
C THR B 748 43.14 22.49 1.25
N THR B 749 43.78 21.35 1.00
CA THR B 749 44.86 20.90 1.88
C THR B 749 46.00 21.91 1.92
N THR B 750 46.36 22.49 0.77
CA THR B 750 47.43 23.47 0.76
C THR B 750 47.06 24.70 1.58
N CYS B 751 45.83 25.18 1.42
CA CYS B 751 45.39 26.33 2.21
C CYS B 751 45.45 26.02 3.70
N GLU B 752 44.98 24.83 4.09
CA GLU B 752 45.04 24.45 5.49
C GLU B 752 46.48 24.42 6.00
N SER B 753 47.37 23.79 5.23
CA SER B 753 48.78 23.72 5.62
C SER B 753 49.37 25.11 5.80
N LEU B 754 49.01 26.06 4.93
CA LEU B 754 49.55 27.41 5.09
C LEU B 754 48.92 28.14 6.26
N TYR B 755 47.65 27.87 6.56
CA TYR B 755 47.01 28.55 7.68
C TYR B 755 47.56 28.08 9.02
N MET B 756 47.96 26.81 9.13
CA MET B 756 48.54 26.28 10.35
C MET B 756 50.01 26.61 10.52
N GLY B 757 50.64 27.25 9.54
CA GLY B 757 52.05 27.58 9.64
C GLY B 757 52.97 26.53 9.09
N VAL B 758 52.47 25.61 8.29
CA VAL B 758 53.31 24.58 7.68
C VAL B 758 53.67 25.05 6.27
N PRO B 759 54.81 25.73 6.07
CA PRO B 759 55.22 26.08 4.70
C PRO B 759 55.00 24.93 3.73
N CYS B 760 54.53 25.24 2.53
CA CYS B 760 54.28 24.23 1.52
C CYS B 760 55.23 24.43 0.35
N VAL B 761 55.78 23.33 -0.13
CA VAL B 761 56.52 23.29 -1.39
C VAL B 761 55.60 22.72 -2.45
N THR B 762 55.48 23.42 -3.57
CA THR B 762 54.63 22.99 -4.67
C THR B 762 55.47 22.84 -5.93
N MET B 763 54.82 22.32 -6.98
CA MET B 763 55.46 22.13 -8.27
C MET B 763 54.65 22.81 -9.35
N ALA B 764 55.35 23.45 -10.29
CA ALA B 764 54.73 24.01 -11.48
C ALA B 764 54.59 22.94 -12.56
N GLY B 765 53.56 23.07 -13.38
CA GLY B 765 53.38 22.18 -14.50
C GLY B 765 52.65 22.85 -15.65
N SER B 766 52.08 22.05 -16.55
CA SER B 766 51.37 22.57 -17.71
C SER B 766 49.90 22.17 -17.68
N VAL B 767 49.30 22.21 -16.49
CA VAL B 767 47.88 21.91 -16.31
C VAL B 767 47.41 22.66 -15.09
N HIS B 768 46.15 23.08 -15.11
CA HIS B 768 45.57 23.85 -14.01
C HIS B 768 45.74 23.11 -12.69
N ALA B 769 45.21 21.88 -12.63
CA ALA B 769 45.27 21.09 -11.39
C ALA B 769 46.67 21.09 -10.79
N HIS B 770 47.70 21.16 -11.63
CA HIS B 770 49.06 21.22 -11.13
C HIS B 770 49.41 22.61 -10.60
N ASN B 771 48.97 23.66 -11.29
CA ASN B 771 49.37 25.02 -10.98
C ASN B 771 48.50 25.68 -9.92
N VAL B 772 47.49 25.01 -9.40
CA VAL B 772 46.69 25.59 -8.32
C VAL B 772 47.59 25.94 -7.14
N GLY B 773 48.50 25.03 -6.77
CA GLY B 773 49.41 25.32 -5.68
C GLY B 773 50.28 26.52 -5.96
N VAL B 774 50.70 26.69 -7.22
CA VAL B 774 51.46 27.86 -7.60
C VAL B 774 50.63 29.11 -7.35
N SER B 775 49.37 29.08 -7.78
CA SER B 775 48.49 30.23 -7.57
C SER B 775 48.41 30.58 -6.08
N LEU B 776 48.11 29.59 -5.25
CA LEU B 776 47.94 29.87 -3.82
C LEU B 776 49.22 30.42 -3.20
N LEU B 777 50.35 29.74 -3.41
CA LEU B 777 51.58 30.18 -2.77
C LEU B 777 52.00 31.56 -3.25
N THR B 778 51.91 31.81 -4.56
CA THR B 778 52.29 33.11 -5.09
C THR B 778 51.42 34.21 -4.52
N LYS B 779 50.10 33.98 -4.45
CA LYS B 779 49.21 35.02 -3.96
C LYS B 779 49.33 35.23 -2.46
N VAL B 780 49.78 34.21 -1.72
CA VAL B 780 50.10 34.41 -0.31
C VAL B 780 51.44 35.13 -0.13
N GLY B 781 52.25 35.20 -1.18
CA GLY B 781 53.55 35.82 -1.08
C GLY B 781 54.72 34.88 -0.91
N LEU B 782 54.52 33.58 -1.14
CA LEU B 782 55.57 32.57 -0.98
C LEU B 782 56.03 32.03 -2.32
N GLY B 783 55.99 32.85 -3.36
CA GLY B 783 56.38 32.40 -4.69
C GLY B 783 57.77 31.82 -4.76
N HIS B 784 58.63 32.12 -3.78
CA HIS B 784 59.93 31.50 -3.71
C HIS B 784 59.86 30.03 -3.30
N LEU B 785 58.69 29.56 -2.89
CA LEU B 785 58.49 28.15 -2.56
C LEU B 785 57.83 27.37 -3.69
N VAL B 786 57.79 27.93 -4.89
CA VAL B 786 57.26 27.25 -6.06
C VAL B 786 58.43 26.74 -6.88
N ALA B 787 58.62 25.43 -6.90
CA ALA B 787 59.66 24.83 -7.72
C ALA B 787 59.19 24.75 -9.17
N LYS B 788 60.16 24.83 -10.09
CA LYS B 788 59.90 24.64 -11.50
C LYS B 788 60.16 23.21 -11.96
N ASN B 789 60.90 22.43 -11.18
CA ASN B 789 61.24 21.07 -11.56
C ASN B 789 61.53 20.27 -10.30
N GLU B 790 61.37 18.96 -10.41
CA GLU B 790 61.60 18.03 -9.31
C GLU B 790 62.90 18.38 -8.57
N ASP B 791 63.93 18.79 -9.29
CA ASP B 791 65.19 19.13 -8.64
C ASP B 791 65.05 20.40 -7.82
N GLU B 792 64.38 21.42 -8.35
CA GLU B 792 64.11 22.61 -7.57
C GLU B 792 63.19 22.30 -6.40
N TYR B 793 62.24 21.38 -6.58
CA TYR B 793 61.36 20.97 -5.49
C TYR B 793 62.16 20.36 -4.34
N VAL B 794 63.09 19.46 -4.67
CA VAL B 794 63.94 18.85 -3.66
C VAL B 794 64.81 19.92 -2.99
N GLN B 795 65.40 20.79 -3.80
CA GLN B 795 66.30 21.81 -3.25
C GLN B 795 65.56 22.73 -2.29
N LEU B 796 64.37 23.18 -2.67
CA LEU B 796 63.57 24.02 -1.79
C LEU B 796 63.20 23.29 -0.50
N SER B 797 62.85 22.00 -0.60
CA SER B 797 62.49 21.27 0.60
C SER B 797 63.69 21.14 1.54
N VAL B 798 64.86 20.84 0.98
CA VAL B 798 66.06 20.71 1.79
C VAL B 798 66.41 22.06 2.43
N ASP B 799 66.29 23.14 1.67
CA ASP B 799 66.60 24.46 2.20
C ASP B 799 65.68 24.81 3.36
N LEU B 800 64.37 24.57 3.18
CA LEU B 800 63.44 24.82 4.28
C LEU B 800 63.77 23.98 5.50
N ALA B 801 64.18 22.72 5.28
CA ALA B 801 64.50 21.85 6.40
C ALA B 801 65.81 22.24 7.08
N SER B 802 66.70 22.92 6.37
CA SER B 802 68.02 23.23 6.90
C SER B 802 68.03 24.35 7.94
N ASP B 803 67.04 25.24 7.92
CA ASP B 803 66.99 26.38 8.84
C ASP B 803 65.75 26.26 9.72
N VAL B 804 65.89 25.52 10.82
CA VAL B 804 64.77 25.37 11.75
C VAL B 804 64.29 26.71 12.28
N THR B 805 65.23 27.58 12.65
CA THR B 805 64.87 28.90 13.17
C THR B 805 63.97 29.65 12.19
N ALA B 806 64.43 29.78 10.94
CA ALA B 806 63.64 30.48 9.94
C ALA B 806 62.28 29.83 9.77
N LEU B 807 62.24 28.50 9.76
CA LEU B 807 60.97 27.79 9.64
C LEU B 807 60.02 28.19 10.76
N SER B 808 60.51 28.18 12.00
CA SER B 808 59.68 28.54 13.14
C SER B 808 59.17 29.97 13.01
N LYS B 809 60.04 30.90 12.64
CA LYS B 809 59.62 32.29 12.48
C LYS B 809 58.54 32.40 11.41
N LEU B 810 58.77 31.76 10.26
CA LEU B 810 57.81 31.84 9.16
C LEU B 810 56.47 31.27 9.55
N ARG B 811 56.46 30.12 10.25
CA ARG B 811 55.18 29.56 10.68
C ARG B 811 54.49 30.46 11.69
N MET B 812 55.23 31.04 12.63
CA MET B 812 54.61 31.94 13.60
C MET B 812 54.01 33.16 12.92
N SER B 813 54.58 33.58 11.79
CA SER B 813 54.07 34.74 11.07
C SER B 813 53.00 34.38 10.04
N LEU B 814 52.93 33.12 9.62
CA LEU B 814 52.16 32.75 8.43
C LEU B 814 50.67 33.01 8.59
N ARG B 815 50.11 32.77 9.78
CA ARG B 815 48.68 32.98 9.95
C ARG B 815 48.32 34.44 9.68
N ASP B 816 49.08 35.37 10.24
CA ASP B 816 48.78 36.78 10.02
C ASP B 816 49.11 37.20 8.60
N LEU B 817 50.18 36.63 8.03
CA LEU B 817 50.48 36.89 6.63
C LEU B 817 49.29 36.53 5.74
N MET B 818 48.71 35.36 5.96
CA MET B 818 47.56 34.93 5.17
C MET B 818 46.34 35.81 5.47
N ALA B 819 46.09 36.10 6.75
CA ALA B 819 44.94 36.92 7.09
C ALA B 819 45.00 38.28 6.41
N GLY B 820 46.20 38.83 6.24
CA GLY B 820 46.38 40.04 5.49
C GLY B 820 46.49 39.86 4.00
N SER B 821 46.43 38.62 3.53
CA SER B 821 46.65 38.31 2.13
C SER B 821 45.35 38.37 1.33
N PRO B 822 45.42 38.45 0.01
CA PRO B 822 44.20 38.40 -0.80
C PRO B 822 43.39 37.14 -0.57
N VAL B 823 44.03 36.05 -0.14
CA VAL B 823 43.30 34.80 0.10
C VAL B 823 42.19 35.04 1.13
N CYS B 824 42.45 35.85 2.14
CA CYS B 824 41.47 36.14 3.17
C CYS B 824 40.82 37.51 3.02
N ASN B 825 41.01 38.16 1.87
CA ASN B 825 40.40 39.47 1.61
C ASN B 825 39.07 39.23 0.91
N GLY B 826 38.07 38.86 1.71
CA GLY B 826 36.75 38.57 1.20
C GLY B 826 36.16 39.67 0.33
N PRO B 827 36.26 40.92 0.80
CA PRO B 827 35.71 42.03 -0.01
C PRO B 827 36.33 42.14 -1.40
N SER B 828 37.65 42.07 -1.50
CA SER B 828 38.30 42.21 -2.81
C SER B 828 37.90 41.07 -3.74
N PHE B 829 37.86 39.84 -3.22
CA PHE B 829 37.42 38.72 -4.03
C PHE B 829 35.97 38.93 -4.49
N ALA B 830 35.11 39.39 -3.59
CA ALA B 830 33.72 39.61 -3.96
C ALA B 830 33.62 40.64 -5.09
N VAL B 831 34.40 41.72 -4.98
CA VAL B 831 34.39 42.74 -6.03
C VAL B 831 34.88 42.14 -7.34
N GLY B 832 35.95 41.35 -7.30
CA GLY B 832 36.47 40.75 -8.52
C GLY B 832 35.47 39.82 -9.17
N LEU B 833 34.87 38.93 -8.38
CA LEU B 833 33.88 38.01 -8.93
C LEU B 833 32.69 38.75 -9.49
N GLU B 834 32.23 39.79 -8.79
CA GLU B 834 31.10 40.58 -9.28
C GLU B 834 31.45 41.23 -10.62
N SER B 835 32.65 41.80 -10.73
CA SER B 835 33.09 42.39 -11.98
C SER B 835 33.14 41.35 -13.09
N ALA B 836 33.65 40.15 -12.79
CA ALA B 836 33.69 39.09 -13.79
C ALA B 836 32.30 38.73 -14.27
N TYR B 837 31.35 38.59 -13.34
CA TYR B 837 29.97 38.31 -13.73
C TYR B 837 29.40 39.42 -14.60
N ARG B 838 29.64 40.67 -14.22
CA ARG B 838 29.17 41.80 -15.02
C ARG B 838 29.74 41.74 -16.44
N ASN B 839 31.04 41.48 -16.54
CA ASN B 839 31.68 41.37 -17.85
C ASN B 839 31.04 40.25 -18.67
N MET B 840 30.82 39.09 -18.06
CA MET B 840 30.18 37.99 -18.76
C MET B 840 28.81 38.40 -19.29
N TRP B 841 28.01 39.04 -18.43
CA TRP B 841 26.70 39.52 -18.86
C TRP B 841 26.80 40.50 -20.01
N LYS B 842 27.75 41.45 -19.93
CA LYS B 842 27.93 42.39 -21.02
C LYS B 842 28.23 41.65 -22.32
N LYS B 843 29.14 40.67 -22.25
CA LYS B 843 29.45 39.87 -23.43
C LYS B 843 28.20 39.22 -23.99
N TYR B 844 27.40 38.62 -23.11
CA TYR B 844 26.17 37.96 -23.56
C TYR B 844 25.25 38.93 -24.29
N CYS B 845 24.91 40.04 -23.65
CA CYS B 845 24.02 41.02 -24.28
C CYS B 845 24.57 41.49 -25.63
N LYS B 846 25.88 41.55 -25.77
CA LYS B 846 26.49 41.95 -27.03
C LYS B 846 26.48 40.80 -28.03
#